data_9K9T
#
_entry.id   9K9T
#
_cell.length_a   1.00
_cell.length_b   1.00
_cell.length_c   1.00
_cell.angle_alpha   90.00
_cell.angle_beta   90.00
_cell.angle_gamma   90.00
#
_symmetry.space_group_name_H-M   'P 1'
#
loop_
_entity.id
_entity.type
_entity.pdbx_description
1 polymer 'DNA polymerase'
2 polymer 'DNA (38-MER)'
3 polymer 'DNA (24-MER)'
4 polymer 'DNA polymerase processivity factor component A20'
5 polymer E4R
#
loop_
_entity_poly.entity_id
_entity_poly.type
_entity_poly.pdbx_seq_one_letter_code
_entity_poly.pdbx_strand_id
1 'polypeptide(L)'
;MWSHPQFEKGSGSWSHPQFEKGSGSMDVRCINWFESHGENRFLYLKSRCRNGETVFIRFPHYFYYVVTDEIYQSLSPPPF
NARPMGKMRTIDIDETISYNLDIKDRKCSVADMWLIEEPKKRSIQNATMDEFFNISWFYISNGISPDGCYSLDEQYLTKI
NNGCYHCDDPRNCFAKEIPRFDIPRSYLFLAIACHFDKKFPSVFINPISHTSYCYIDLSGKRLLFTLINEEMLTEQEIQE
AVDRGCLRIQSLMEMDYERELVLCSEIVLLRIAKQLLELTFDYVVTFNGHNFDLRYITNRLELLTGEKIIFRSPDKKEAV
HLCIYERNQSSHKGVCGMANTTFHVNNNNGTIFFDLYSFIQKSEKLDSYKLDSISKNAFSCMGKVLNRGVREMTFIGDDT
TDAKGKADTFAKVLTTGNYVTVDEDIICKVIRKDILENGFKVVLSCPTLPNDIYKLSFGKDDIDLAQMYKDYNLNIALDM
ARYCIHDACLCQYLWEYYGVETKTDAGAATYVLPQSMVFEYRASTIIKGPLLKLLLETKTILVRSETKQKFPYEGGKVFA
PKQKMFSNNVLIFDYNSLYPNVCIFGNLSPETLVGVVVSTNRLEEEINNQLLLQKYPPPRYITVHCEPRLPNLISEIAIF
DRSIEGTIPRLLRTFLAERARYKKMLKQATSSTEKAIYDSMQYTYKIVANSVYGLMGFRNSALYSYASAKSCTSIGRRMI
LYLESVLNGAELSNGMLRFANTLSNPFYMDDRDINPIVKTSLPIDYRFRFRSVYGDTDSVFTEIDSQDVDKSIEIAKELE
RLINSRVLFNNFKIEFEAVYKNLIMQSKKKYTTMKYSASSNSKSVPERINKGTSETRRDVSKFHKNMIKTYKTRLSEMLS
EGRMNSNQVCIDILRSLETDLRSEFDSRSSPLELFMLSRMHHSNYKSADNPNMYLVTEYNKNNPETIELGERYYFAYICP
ANVPWTKKLVNIKTYETIIDRSFKLGSNQRIFYEVYFKRLTSEIVNLLDNKVLCISFFQRMFGSRPTFYEA
;
A
2 'polydeoxyribonucleotide'
;(DC)(DT)(DG)(DC)(DA)(DC)(DG)(DA)(DA)(DT)(DT)(DA)(DA)(DG)(DC)(DA)(DA)(DT)(DT)(DC)
(DG)(DT)(DA)(DA)(DT)(DC)(DA)(DT)(DG)(DG)(DT)(DC)(DA)(DT)(DA)(DG)(DC)(DT)
;
E
3 'polydeoxyribonucleotide'
;(DA)(DG)(DC)(DT)(DA)(DT)(DG)(DA)(DC)(DC)(DA)(DT)(DG)(DA)(DT)(DT)(DA)(DC)(DG)(DA)
(DA)(DT)(DT)(DG)
;
P
4 'polypeptide(L)'
;MTSSADLTNLKELLSLYKSLRFSDSVAIEKYNSLVEWGTSTYWKIGVQKVTNVETSISDYYDEVKNKPFNIDPGYYIFLP
VYFGSVFIYSKGKNMVELGSGNSFQIPDEIRSACNKVLDSDNGIDFLRFVLLNNRWIMEDAISKYQSPVNIFKLASEYGL
NIPNYLEIEIEEDTLFDDELYSIMERSFDDTFPKISISYIKLGELKRQVVDFFKFSFMYIESIKVDRIGDNIFIPSVITK
SGKKILVKDVDHLIRSKVREHTFVKVKKKNTFSILYDYDGNGTETRGEVIKRIIDTIGRDYYVNGKYFSKVGIAGLKQLT
NKLDINECATVDELVDEINKSGTVKRKIKNQSVFDLSRECLGYPEADFITLVNNMRFKIENCKVVNFNIENTNCLNNPSI
ETIYGNFNQFVSIFNTVTDVKKRLFE
;
C
5 'polypeptide(L)'
;MNSVTISHAPYTITYHDDWEPVMSQLVEFYNEVASWLLRDETSPIPDKFFIQLKQPLRNKRVCVCGIDPYPKDGTGVPFE
SPNFTKKSIKEIASSISRLTGVIDYKGYNLNIIDGVIPWNYYLSCKLGETKSHAIYWDKISKLLLQHITKHVSVLYCLGK
TDFSNIRAKLESPVTTIVGYHPAARDHQFEKDRSFEIINVLLELDNKTPINWAQGFIY
;
B
#
# COMPACT_ATOMS: atom_id res chain seq x y z
N MET A 26 39.44 -0.89 -32.93
CA MET A 26 38.99 -0.93 -31.54
C MET A 26 37.46 -0.89 -31.47
N ASP A 27 36.84 -2.02 -31.78
CA ASP A 27 35.39 -2.15 -31.77
C ASP A 27 34.98 -3.01 -30.58
N VAL A 28 34.09 -2.47 -29.74
CA VAL A 28 33.69 -3.18 -28.53
C VAL A 28 32.17 -3.16 -28.41
N ARG A 29 31.64 -4.19 -27.75
CA ARG A 29 30.22 -4.28 -27.42
C ARG A 29 30.07 -4.21 -25.90
N CYS A 30 29.16 -3.36 -25.44
CA CYS A 30 28.95 -3.13 -24.02
C CYS A 30 28.26 -4.33 -23.37
N ILE A 31 28.55 -4.53 -22.09
CA ILE A 31 27.97 -5.63 -21.33
C ILE A 31 27.29 -5.07 -20.08
N ASN A 32 27.99 -4.20 -19.35
CA ASN A 32 27.46 -3.69 -18.09
C ASN A 32 28.02 -2.30 -17.82
N TRP A 33 27.26 -1.52 -17.03
CA TRP A 33 27.69 -0.24 -16.50
C TRP A 33 27.44 -0.27 -15.00
N PHE A 34 28.39 0.25 -14.21
CA PHE A 34 28.25 0.17 -12.76
C PHE A 34 28.95 1.36 -12.09
N GLU A 35 28.63 1.54 -10.81
CA GLU A 35 29.02 2.69 -10.00
C GLU A 35 30.24 2.35 -9.15
N SER A 36 31.02 3.38 -8.84
CA SER A 36 32.00 3.31 -7.76
C SER A 36 31.52 4.16 -6.60
N HIS A 37 31.68 3.66 -5.38
CA HIS A 37 31.14 4.30 -4.18
C HIS A 37 32.23 4.69 -3.20
N GLY A 38 33.33 5.27 -3.71
CA GLY A 38 34.38 5.81 -2.88
C GLY A 38 34.21 7.30 -2.63
N GLU A 39 35.29 7.91 -2.13
CA GLU A 39 35.29 9.36 -1.93
C GLU A 39 35.24 10.10 -3.25
N ASN A 40 35.91 9.58 -4.29
CA ASN A 40 35.75 10.05 -5.66
C ASN A 40 35.04 8.97 -6.45
N ARG A 41 33.97 9.35 -7.14
CA ARG A 41 33.09 8.40 -7.82
C ARG A 41 33.22 8.58 -9.33
N PHE A 42 33.12 7.48 -10.06
CA PHE A 42 33.24 7.45 -11.51
C PHE A 42 32.14 6.58 -12.12
N LEU A 43 32.18 6.43 -13.43
CA LEU A 43 31.32 5.53 -14.18
C LEU A 43 32.18 4.50 -14.89
N TYR A 44 31.80 3.24 -14.79
CA TYR A 44 32.55 2.13 -15.36
C TYR A 44 31.76 1.46 -16.46
N LEU A 45 32.43 1.17 -17.57
CA LEU A 45 31.86 0.45 -18.69
C LEU A 45 32.68 -0.81 -18.93
N LYS A 46 32.00 -1.95 -18.99
CA LYS A 46 32.61 -3.23 -19.31
C LYS A 46 32.23 -3.59 -20.75
N SER A 47 33.21 -3.97 -21.56
CA SER A 47 32.93 -4.26 -22.95
C SER A 47 33.82 -5.40 -23.42
N ARG A 48 33.41 -6.03 -24.51
CA ARG A 48 34.17 -7.13 -25.10
C ARG A 48 34.41 -6.86 -26.57
N CYS A 49 35.59 -7.24 -27.05
CA CYS A 49 35.94 -7.08 -28.45
C CYS A 49 35.53 -8.33 -29.24
N ARG A 50 35.96 -8.39 -30.50
CA ARG A 50 35.60 -9.53 -31.33
C ARG A 50 36.40 -10.77 -30.95
N ASN A 51 37.71 -10.61 -30.69
CA ASN A 51 38.54 -11.75 -30.36
C ASN A 51 38.19 -12.37 -29.01
N GLY A 52 37.86 -11.54 -28.02
CA GLY A 52 37.51 -12.04 -26.71
C GLY A 52 38.09 -11.23 -25.57
N GLU A 53 38.82 -10.17 -25.91
CA GLU A 53 39.41 -9.29 -24.91
C GLU A 53 38.34 -8.53 -24.16
N THR A 54 38.58 -8.29 -22.87
CA THR A 54 37.68 -7.51 -22.03
C THR A 54 38.31 -6.16 -21.74
N VAL A 55 37.54 -5.09 -21.93
CA VAL A 55 38.04 -3.72 -21.80
C VAL A 55 37.12 -2.97 -20.83
N PHE A 56 37.73 -2.30 -19.85
CA PHE A 56 37.01 -1.42 -18.94
C PHE A 56 37.33 0.02 -19.27
N ILE A 57 36.30 0.87 -19.26
CA ILE A 57 36.45 2.30 -19.51
C ILE A 57 35.91 3.07 -18.31
N ARG A 58 36.62 4.12 -17.91
CA ARG A 58 36.25 4.91 -16.74
C ARG A 58 35.99 6.35 -17.18
N PHE A 59 34.80 6.87 -16.81
CA PHE A 59 34.32 8.22 -17.08
C PHE A 59 34.14 8.99 -15.78
N PRO A 60 34.28 10.30 -15.79
CA PRO A 60 33.87 11.10 -14.63
C PRO A 60 32.35 11.23 -14.60
N HIS A 61 31.76 11.07 -13.42
CA HIS A 61 30.32 11.14 -13.23
C HIS A 61 29.96 12.43 -12.50
N TYR A 62 28.99 13.16 -13.05
CA TYR A 62 28.63 14.48 -12.58
C TYR A 62 27.21 14.50 -12.03
N PHE A 63 26.84 15.65 -11.47
CA PHE A 63 25.47 15.99 -11.14
C PHE A 63 24.94 16.96 -12.18
N TYR A 64 23.73 16.70 -12.65
CA TYR A 64 23.14 17.40 -13.78
C TYR A 64 21.99 18.29 -13.33
N TYR A 65 21.83 19.43 -14.01
CA TYR A 65 20.75 20.35 -13.68
C TYR A 65 20.22 21.04 -14.93
N VAL A 66 18.92 21.30 -14.93
CA VAL A 66 18.24 22.06 -15.98
C VAL A 66 17.82 23.39 -15.38
N VAL A 67 18.31 24.48 -15.97
CA VAL A 67 17.99 25.83 -15.49
C VAL A 67 17.54 26.68 -16.66
N THR A 68 16.95 27.83 -16.35
CA THR A 68 16.58 28.80 -17.35
C THR A 68 17.69 29.83 -17.52
N ASP A 69 17.55 30.70 -18.51
CA ASP A 69 18.62 31.63 -18.86
C ASP A 69 18.87 32.63 -17.74
N GLU A 70 17.79 33.18 -17.16
CA GLU A 70 17.95 34.19 -16.12
C GLU A 70 18.62 33.62 -14.89
N ILE A 71 18.24 32.41 -14.49
CA ILE A 71 18.90 31.77 -13.35
C ILE A 71 20.32 31.35 -13.73
N TYR A 72 20.55 31.00 -14.99
CA TYR A 72 21.89 30.65 -15.44
C TYR A 72 22.84 31.84 -15.32
N GLN A 73 22.37 33.03 -15.68
CA GLN A 73 23.22 34.21 -15.60
C GLN A 73 23.29 34.81 -14.20
N SER A 74 22.56 34.25 -13.24
CA SER A 74 22.54 34.76 -11.87
C SER A 74 23.23 33.81 -10.91
N LEU A 75 24.14 32.99 -11.41
CA LEU A 75 24.90 32.03 -10.60
C LEU A 75 26.29 32.61 -10.37
N SER A 76 26.52 33.17 -9.18
CA SER A 76 27.81 33.80 -8.91
C SER A 76 29.00 32.84 -8.99
N PRO A 77 28.98 31.63 -8.44
CA PRO A 77 30.04 30.68 -8.76
C PRO A 77 29.72 29.93 -10.04
N PRO A 78 30.50 30.15 -11.10
CA PRO A 78 30.15 29.55 -12.39
C PRO A 78 30.17 28.03 -12.31
N PRO A 79 29.25 27.35 -12.99
CA PRO A 79 29.25 25.89 -12.98
C PRO A 79 30.43 25.33 -13.77
N PHE A 80 30.67 24.03 -13.55
CA PHE A 80 31.81 23.38 -14.19
C PHE A 80 31.69 23.39 -15.71
N ASN A 81 30.48 23.11 -16.23
CA ASN A 81 30.25 23.17 -17.66
C ASN A 81 28.75 23.32 -17.91
N ALA A 82 28.41 24.09 -18.95
CA ALA A 82 27.03 24.38 -19.30
C ALA A 82 26.79 24.06 -20.77
N ARG A 83 25.64 23.47 -21.06
CA ARG A 83 25.27 23.10 -22.42
C ARG A 83 23.89 23.68 -22.73
N PRO A 84 23.73 24.45 -23.81
CA PRO A 84 22.44 25.09 -24.09
C PRO A 84 21.44 24.11 -24.69
N MET A 85 20.42 23.77 -23.90
CA MET A 85 19.34 22.94 -24.41
C MET A 85 18.53 23.67 -25.48
N GLY A 86 18.27 24.97 -25.28
CA GLY A 86 17.61 25.78 -26.28
C GLY A 86 16.20 26.15 -25.86
N LYS A 87 15.34 26.35 -26.85
CA LYS A 87 13.96 26.76 -26.60
C LYS A 87 13.18 25.65 -25.93
N MET A 88 12.50 25.96 -24.83
CA MET A 88 11.66 25.02 -24.11
C MET A 88 10.39 25.72 -23.66
N ARG A 89 9.31 24.96 -23.60
CA ARG A 89 8.00 25.45 -23.20
C ARG A 89 7.58 24.74 -21.93
N THR A 90 7.32 25.51 -20.87
CA THR A 90 6.98 25.00 -19.56
C THR A 90 5.50 25.18 -19.32
N ILE A 91 4.83 24.11 -18.88
CA ILE A 91 3.39 24.09 -18.66
C ILE A 91 3.11 23.67 -17.22
N ASP A 92 2.26 24.44 -16.55
CA ASP A 92 1.74 24.04 -15.25
C ASP A 92 0.70 22.95 -15.44
N ILE A 93 0.81 21.87 -14.68
CA ILE A 93 -0.08 20.73 -14.86
C ILE A 93 -0.84 20.47 -13.57
N ASP A 94 -0.93 21.47 -12.70
CA ASP A 94 -1.78 21.35 -11.53
C ASP A 94 -3.25 21.35 -11.93
N GLU A 95 -4.05 20.61 -11.17
CA GLU A 95 -5.47 20.44 -11.46
C GLU A 95 -6.28 21.21 -10.43
N THR A 96 -7.22 22.01 -10.91
CA THR A 96 -8.08 22.82 -10.05
C THR A 96 -9.53 22.48 -10.34
N ILE A 97 -10.35 22.44 -9.29
CA ILE A 97 -11.76 22.12 -9.42
C ILE A 97 -12.53 23.41 -9.70
N SER A 98 -13.36 23.39 -10.74
CA SER A 98 -14.19 24.52 -11.12
C SER A 98 -15.64 24.21 -10.80
N TYR A 99 -16.41 25.21 -10.31
CA TYR A 99 -17.86 25.01 -10.00
C TYR A 99 -18.76 25.73 -10.99
N ASN A 100 -18.23 26.18 -12.10
CA ASN A 100 -19.03 26.98 -13.05
C ASN A 100 -18.77 26.54 -14.47
N LEU A 101 -18.62 27.47 -15.40
CA LEU A 101 -18.10 27.15 -16.75
C LEU A 101 -17.15 28.24 -17.22
N ASP A 102 -16.50 28.97 -16.31
CA ASP A 102 -15.46 29.96 -16.70
C ASP A 102 -14.13 29.32 -16.33
N ILE A 103 -13.35 28.86 -17.32
CA ILE A 103 -12.19 28.07 -16.99
C ILE A 103 -10.93 28.84 -17.37
N LYS A 104 -10.04 29.03 -16.41
CA LYS A 104 -8.78 29.70 -16.68
C LYS A 104 -7.84 28.78 -17.46
N ASP A 105 -7.21 29.31 -18.50
CA ASP A 105 -6.36 28.50 -19.36
C ASP A 105 -5.03 28.19 -18.67
N ARG A 106 -4.30 27.26 -19.25
CA ARG A 106 -2.99 26.87 -18.74
C ARG A 106 -1.99 28.02 -18.89
N LYS A 107 -1.02 28.05 -17.97
CA LYS A 107 0.07 29.00 -18.04
C LYS A 107 1.26 28.35 -18.74
N CYS A 108 1.60 28.86 -19.92
CA CYS A 108 2.71 28.33 -20.72
C CYS A 108 3.77 29.39 -20.86
N SER A 109 5.03 29.02 -20.63
CA SER A 109 6.15 29.95 -20.68
C SER A 109 7.22 29.41 -21.63
N VAL A 110 7.61 30.20 -22.62
CA VAL A 110 8.63 29.81 -23.59
C VAL A 110 9.92 30.54 -23.24
N ALA A 111 11.00 29.80 -23.07
CA ALA A 111 12.26 30.40 -22.64
C ALA A 111 13.43 29.52 -23.05
N ASP A 112 14.62 30.10 -23.00
CA ASP A 112 15.86 29.37 -23.22
C ASP A 112 16.24 28.62 -21.96
N MET A 113 16.69 27.38 -22.15
CA MET A 113 17.08 26.51 -21.04
C MET A 113 18.46 25.93 -21.30
N TRP A 114 19.21 25.76 -20.22
CA TRP A 114 20.57 25.26 -20.22
C TRP A 114 20.69 24.03 -19.33
N LEU A 115 21.58 23.12 -19.73
CA LEU A 115 21.92 21.94 -18.96
C LEU A 115 23.34 22.08 -18.43
N ILE A 116 23.49 21.98 -17.12
CA ILE A 116 24.77 22.21 -16.47
C ILE A 116 25.21 20.96 -15.74
N GLU A 117 26.54 20.79 -15.66
CA GLU A 117 27.19 19.60 -15.11
C GLU A 117 28.18 20.05 -14.06
N GLU A 118 28.15 19.45 -12.87
CA GLU A 118 29.10 19.83 -11.81
C GLU A 118 29.53 18.64 -10.97
N PRO A 119 30.73 18.65 -10.40
CA PRO A 119 31.16 17.51 -9.58
C PRO A 119 30.39 17.32 -8.28
N LYS A 120 29.96 18.40 -7.64
CA LYS A 120 29.41 18.32 -6.29
C LYS A 120 27.93 18.72 -6.27
N LYS A 121 27.24 18.24 -5.24
CA LYS A 121 25.81 18.49 -5.11
C LYS A 121 25.57 19.86 -4.49
N ARG A 122 24.67 20.64 -5.11
CA ARG A 122 24.22 21.90 -4.54
C ARG A 122 22.71 22.01 -4.69
N SER A 123 22.12 22.95 -3.96
CA SER A 123 20.69 23.23 -4.02
C SER A 123 20.46 24.46 -4.90
N ILE A 124 19.62 24.32 -5.91
CA ILE A 124 19.22 25.42 -6.79
C ILE A 124 17.73 25.66 -6.57
N GLN A 125 17.37 26.92 -6.33
CA GLN A 125 16.01 27.23 -5.91
C GLN A 125 15.00 27.06 -7.03
N ASN A 126 15.41 27.20 -8.28
CA ASN A 126 14.48 27.19 -9.41
C ASN A 126 14.95 26.20 -10.47
N ALA A 127 15.26 24.98 -10.04
CA ALA A 127 15.69 23.94 -10.95
C ALA A 127 14.50 23.04 -11.32
N THR A 128 14.29 22.84 -12.61
CA THR A 128 13.26 21.96 -13.13
C THR A 128 13.85 20.62 -13.57
N MET A 129 12.96 19.67 -13.91
CA MET A 129 13.33 18.31 -14.25
C MET A 129 14.16 17.66 -13.15
N ASP A 130 13.68 17.81 -11.92
CA ASP A 130 14.38 17.30 -10.74
C ASP A 130 13.94 15.90 -10.37
N GLU A 131 13.42 15.13 -11.32
CA GLU A 131 12.99 13.76 -11.07
C GLU A 131 13.72 12.71 -11.87
N PHE A 132 14.60 13.09 -12.80
CA PHE A 132 15.33 12.14 -13.63
C PHE A 132 16.72 11.89 -13.09
N PHE A 133 17.18 10.65 -13.20
CA PHE A 133 18.46 10.25 -12.64
C PHE A 133 19.61 10.84 -13.44
N ASN A 134 20.80 10.83 -12.82
CA ASN A 134 21.99 11.35 -13.48
C ASN A 134 22.50 10.41 -14.57
N ILE A 135 22.31 9.11 -14.39
CA ILE A 135 22.77 8.14 -15.40
C ILE A 135 21.98 8.30 -16.69
N SER A 136 20.67 8.56 -16.57
CA SER A 136 19.86 8.82 -17.75
C SER A 136 20.31 10.09 -18.46
N TRP A 137 20.65 11.13 -17.70
CA TRP A 137 21.17 12.35 -18.29
C TRP A 137 22.48 12.08 -19.01
N PHE A 138 23.36 11.28 -18.41
CA PHE A 138 24.61 10.90 -19.07
C PHE A 138 24.34 10.24 -20.41
N TYR A 139 23.45 9.23 -20.41
CA TYR A 139 23.17 8.50 -21.64
C TYR A 139 22.59 9.40 -22.72
N ILE A 140 21.58 10.20 -22.36
CA ILE A 140 20.89 11.00 -23.38
C ILE A 140 21.76 12.15 -23.87
N SER A 141 22.42 12.86 -22.94
CA SER A 141 23.25 14.00 -23.33
C SER A 141 24.44 13.55 -24.16
N ASN A 142 25.07 12.43 -23.79
CA ASN A 142 26.22 11.96 -24.56
C ASN A 142 25.82 11.16 -25.79
N GLY A 143 24.54 10.81 -25.92
CA GLY A 143 24.09 10.04 -27.07
C GLY A 143 24.68 8.64 -27.13
N ILE A 144 24.68 7.94 -26.00
CA ILE A 144 25.26 6.61 -25.89
C ILE A 144 24.16 5.61 -25.57
N SER A 145 24.01 4.61 -26.42
CA SER A 145 23.10 3.50 -26.12
C SER A 145 23.75 2.57 -25.11
N PRO A 146 23.00 2.05 -24.14
CA PRO A 146 23.63 1.23 -23.09
C PRO A 146 24.25 -0.07 -23.58
N ASP A 147 23.86 -0.57 -24.76
CA ASP A 147 24.36 -1.86 -25.23
C ASP A 147 24.80 -1.86 -26.68
N GLY A 148 24.94 -0.70 -27.30
CA GLY A 148 25.34 -0.66 -28.70
C GLY A 148 26.80 -1.04 -28.90
N CYS A 149 27.10 -1.41 -30.14
CA CYS A 149 28.47 -1.73 -30.55
C CYS A 149 29.12 -0.45 -31.05
N TYR A 150 30.31 -0.14 -30.52
CA TYR A 150 30.94 1.15 -30.76
C TYR A 150 32.37 0.97 -31.22
N SER A 151 32.78 1.83 -32.15
CA SER A 151 34.16 1.91 -32.65
C SER A 151 34.82 3.11 -31.98
N LEU A 152 35.43 2.87 -30.82
CA LEU A 152 36.01 3.96 -30.04
C LEU A 152 37.25 4.53 -30.70
N ASP A 153 37.50 5.80 -30.42
CA ASP A 153 38.69 6.50 -30.88
C ASP A 153 39.73 6.51 -29.77
N GLU A 154 40.96 6.13 -30.11
CA GLU A 154 42.02 6.04 -29.11
C GLU A 154 42.58 7.39 -28.70
N GLN A 155 42.21 8.47 -29.38
CA GLN A 155 42.73 9.79 -29.03
C GLN A 155 42.26 10.22 -27.64
N TYR A 156 41.00 9.97 -27.31
CA TYR A 156 40.42 10.41 -26.06
C TYR A 156 40.55 9.40 -24.94
N LEU A 157 41.22 8.27 -25.17
CA LEU A 157 41.40 7.24 -24.17
C LEU A 157 42.84 7.24 -23.70
N THR A 158 43.04 7.20 -22.38
CA THR A 158 44.37 7.14 -21.78
C THR A 158 44.48 5.87 -20.95
N LYS A 159 45.53 5.09 -21.21
CA LYS A 159 45.73 3.84 -20.48
C LYS A 159 46.22 4.15 -19.07
N ILE A 160 45.50 3.66 -18.06
CA ILE A 160 45.83 3.91 -16.67
C ILE A 160 46.18 2.65 -15.92
N ASN A 161 45.94 1.48 -16.49
CA ASN A 161 46.20 0.19 -15.86
C ASN A 161 46.14 -0.88 -16.94
N ASN A 162 46.17 -2.14 -16.54
CA ASN A 162 46.07 -3.25 -17.47
C ASN A 162 44.59 -3.53 -17.71
N GLY A 163 44.14 -3.25 -18.93
CA GLY A 163 42.75 -3.48 -19.30
C GLY A 163 41.79 -2.38 -18.95
N CYS A 164 42.23 -1.34 -18.28
CA CYS A 164 41.38 -0.22 -17.89
C CYS A 164 41.88 1.06 -18.54
N TYR A 165 40.96 1.78 -19.19
CA TYR A 165 41.25 3.05 -19.84
C TYR A 165 40.43 4.15 -19.19
N HIS A 166 40.86 5.38 -19.39
CA HIS A 166 40.17 6.55 -18.86
C HIS A 166 39.77 7.45 -20.02
N CYS A 167 38.50 7.88 -20.03
CA CYS A 167 37.97 8.78 -21.03
C CYS A 167 37.23 9.92 -20.34
N ASP A 168 37.55 11.15 -20.74
CA ASP A 168 36.92 12.33 -20.16
C ASP A 168 35.98 13.05 -21.10
N ASP A 169 35.94 12.68 -22.37
CA ASP A 169 35.07 13.32 -23.37
C ASP A 169 34.28 12.23 -24.08
N PRO A 170 33.22 11.72 -23.45
CA PRO A 170 32.43 10.65 -24.09
C PRO A 170 31.65 11.11 -25.31
N ARG A 171 31.56 12.42 -25.57
CA ARG A 171 30.83 12.88 -26.74
C ARG A 171 31.50 12.43 -28.04
N ASN A 172 32.82 12.52 -28.11
CA ASN A 172 33.54 12.18 -29.33
C ASN A 172 34.06 10.75 -29.35
N CYS A 173 34.23 10.13 -28.18
CA CYS A 173 34.76 8.77 -28.15
C CYS A 173 33.73 7.77 -28.66
N PHE A 174 32.46 8.02 -28.41
CA PHE A 174 31.39 7.10 -28.78
C PHE A 174 30.57 7.59 -29.97
N ALA A 175 31.23 8.29 -30.91
CA ALA A 175 30.51 8.85 -32.04
C ALA A 175 30.13 7.78 -33.07
N LYS A 176 31.01 6.81 -33.28
CA LYS A 176 30.82 5.82 -34.34
C LYS A 176 29.89 4.71 -33.87
N GLU A 177 28.92 4.38 -34.72
CA GLU A 177 27.97 3.30 -34.46
C GLU A 177 28.15 2.22 -35.51
N ILE A 178 28.27 0.97 -35.08
CA ILE A 178 28.50 -0.15 -35.97
C ILE A 178 27.44 -1.21 -35.67
N PRO A 179 27.11 -2.05 -36.66
CA PRO A 179 26.08 -3.07 -36.43
C PRO A 179 26.47 -4.10 -35.39
N ARG A 180 25.45 -4.68 -34.76
CA ARG A 180 25.63 -5.67 -33.71
C ARG A 180 26.36 -6.91 -34.22
N PHE A 181 27.34 -7.37 -33.44
CA PHE A 181 28.05 -8.61 -33.73
C PHE A 181 28.01 -9.50 -32.49
N ASP A 182 28.43 -10.76 -32.69
CA ASP A 182 28.36 -11.76 -31.64
C ASP A 182 29.65 -11.80 -30.83
N ILE A 183 29.51 -11.97 -29.53
CA ILE A 183 30.64 -12.01 -28.61
C ILE A 183 30.51 -13.22 -27.69
N PRO A 184 31.61 -13.78 -27.20
CA PRO A 184 31.53 -14.87 -26.21
C PRO A 184 31.19 -14.34 -24.82
N ARG A 185 30.82 -15.26 -23.94
CA ARG A 185 30.42 -14.91 -22.59
C ARG A 185 30.83 -16.03 -21.64
N SER A 186 30.85 -15.71 -20.34
CA SER A 186 31.25 -16.62 -19.30
C SER A 186 30.17 -16.70 -18.23
N TYR A 187 30.00 -17.89 -17.65
CA TYR A 187 28.94 -18.12 -16.67
C TYR A 187 29.44 -18.99 -15.53
N LEU A 188 28.85 -18.80 -14.35
CA LEU A 188 29.06 -19.71 -13.22
C LEU A 188 27.73 -19.98 -12.53
N PHE A 189 27.38 -21.25 -12.43
CA PHE A 189 26.21 -21.70 -11.68
C PHE A 189 26.67 -22.57 -10.54
N LEU A 190 26.12 -22.36 -9.35
CA LEU A 190 26.59 -23.08 -8.17
C LEU A 190 25.41 -23.59 -7.36
N ALA A 191 25.67 -24.68 -6.64
CA ALA A 191 24.69 -25.27 -5.73
C ALA A 191 25.40 -25.78 -4.49
N ILE A 192 24.69 -25.74 -3.36
CA ILE A 192 25.25 -26.05 -2.04
C ILE A 192 24.36 -27.11 -1.39
N ALA A 193 24.98 -28.04 -0.67
CA ALA A 193 24.26 -29.05 0.10
C ALA A 193 24.90 -29.17 1.47
N CYS A 194 24.17 -28.76 2.50
CA CYS A 194 24.65 -28.75 3.87
C CYS A 194 24.07 -29.92 4.65
N HIS A 195 24.39 -29.99 5.94
CA HIS A 195 23.97 -31.08 6.82
C HIS A 195 22.90 -30.58 7.77
N PHE A 196 21.83 -31.34 7.93
CA PHE A 196 20.74 -30.99 8.83
C PHE A 196 20.05 -32.26 9.29
N ASP A 197 19.47 -32.22 10.48
CA ASP A 197 18.79 -33.37 11.05
C ASP A 197 17.38 -33.09 11.55
N LYS A 198 17.16 -31.93 12.18
CA LYS A 198 15.86 -31.66 12.78
C LYS A 198 15.30 -30.31 12.35
N LYS A 199 16.17 -29.34 12.06
CA LYS A 199 15.75 -27.98 11.82
C LYS A 199 16.48 -27.43 10.60
N PHE A 200 16.22 -26.18 10.28
CA PHE A 200 16.92 -25.51 9.19
C PHE A 200 18.40 -25.38 9.53
N PRO A 201 19.29 -25.58 8.55
CA PRO A 201 20.72 -25.53 8.85
C PRO A 201 21.16 -24.17 9.36
N SER A 202 22.16 -24.19 10.24
CA SER A 202 22.77 -22.97 10.76
C SER A 202 24.27 -23.06 10.59
N VAL A 203 24.92 -21.89 10.55
CA VAL A 203 26.36 -21.83 10.29
C VAL A 203 27.18 -22.46 11.40
N PHE A 204 26.75 -22.33 12.65
CA PHE A 204 27.60 -22.65 13.78
C PHE A 204 27.74 -24.15 14.05
N ILE A 205 26.73 -24.96 13.72
CA ILE A 205 26.74 -26.36 14.12
C ILE A 205 26.70 -27.29 12.93
N ASN A 206 26.31 -26.78 11.76
CA ASN A 206 26.09 -27.61 10.59
C ASN A 206 27.10 -27.29 9.50
N PRO A 207 27.91 -28.25 9.07
CA PRO A 207 28.91 -27.99 8.03
C PRO A 207 28.35 -28.17 6.63
N ILE A 208 29.17 -27.82 5.64
CA ILE A 208 28.83 -27.97 4.23
C ILE A 208 29.33 -29.33 3.78
N SER A 209 28.45 -30.11 3.15
CA SER A 209 28.79 -31.44 2.66
C SER A 209 29.20 -31.46 1.21
N HIS A 210 28.39 -30.89 0.32
CA HIS A 210 28.65 -30.91 -1.12
C HIS A 210 28.56 -29.52 -1.70
N THR A 211 29.38 -29.29 -2.74
CA THR A 211 29.33 -28.03 -3.48
C THR A 211 29.55 -28.30 -4.96
N SER A 212 28.57 -27.96 -5.78
CA SER A 212 28.58 -28.28 -7.20
C SER A 212 28.68 -27.01 -8.04
N TYR A 213 29.48 -27.07 -9.11
CA TYR A 213 29.70 -25.94 -10.00
C TYR A 213 29.52 -26.37 -11.46
N CYS A 214 28.87 -25.50 -12.22
CA CYS A 214 28.89 -25.50 -13.68
C CYS A 214 29.61 -24.23 -14.14
N TYR A 215 30.64 -24.42 -14.97
CA TYR A 215 31.63 -23.40 -15.27
C TYR A 215 31.72 -23.25 -16.78
N ILE A 216 31.56 -22.01 -17.28
CA ILE A 216 31.71 -21.73 -18.69
C ILE A 216 32.65 -20.54 -18.84
N ASP A 217 33.75 -20.75 -19.56
CA ASP A 217 34.74 -19.71 -19.79
C ASP A 217 34.58 -19.12 -21.19
N LEU A 218 35.51 -18.25 -21.57
CA LEU A 218 35.40 -17.58 -22.86
C LEU A 218 35.65 -18.52 -24.02
N SER A 219 36.36 -19.63 -23.79
CA SER A 219 36.62 -20.59 -24.86
C SER A 219 35.38 -21.35 -25.28
N GLY A 220 34.29 -21.27 -24.51
CA GLY A 220 33.06 -21.96 -24.84
C GLY A 220 32.94 -23.36 -24.29
N LYS A 221 33.97 -23.90 -23.65
CA LYS A 221 33.92 -25.24 -23.10
C LYS A 221 33.17 -25.21 -21.77
N ARG A 222 32.34 -26.23 -21.54
CA ARG A 222 31.50 -26.29 -20.35
C ARG A 222 32.01 -27.40 -19.43
N LEU A 223 32.21 -27.05 -18.16
CA LEU A 223 32.76 -27.99 -17.19
C LEU A 223 31.79 -28.15 -16.03
N LEU A 224 31.73 -29.37 -15.49
CA LEU A 224 30.90 -29.68 -14.35
C LEU A 224 31.77 -30.34 -13.31
N PHE A 225 31.70 -29.88 -12.06
CA PHE A 225 32.43 -30.58 -11.01
C PHE A 225 31.72 -30.43 -9.68
N THR A 226 32.11 -31.29 -8.74
CA THR A 226 31.49 -31.37 -7.43
C THR A 226 32.55 -31.70 -6.39
N LEU A 227 32.58 -30.92 -5.31
CA LEU A 227 33.49 -31.13 -4.20
C LEU A 227 32.72 -31.69 -3.01
N ILE A 228 33.24 -32.77 -2.44
CA ILE A 228 32.64 -33.44 -1.30
C ILE A 228 33.59 -33.35 -0.12
N ASN A 229 33.08 -32.93 1.04
CA ASN A 229 33.92 -32.95 2.22
C ASN A 229 34.15 -34.37 2.71
N GLU A 230 35.35 -34.61 3.24
CA GLU A 230 35.76 -35.94 3.67
C GLU A 230 35.67 -36.13 5.18
N GLU A 231 35.16 -35.13 5.90
CA GLU A 231 35.10 -35.22 7.36
C GLU A 231 34.08 -36.26 7.82
N MET A 232 33.20 -36.70 6.92
CA MET A 232 32.10 -37.59 7.27
C MET A 232 32.16 -38.92 6.51
N LEU A 233 33.34 -39.33 6.05
CA LEU A 233 33.48 -40.41 5.09
C LEU A 233 34.61 -41.36 5.50
N THR A 234 34.59 -41.84 6.74
CA THR A 234 35.75 -42.40 7.45
C THR A 234 36.68 -43.23 6.57
N GLU A 235 37.99 -43.10 6.85
CA GLU A 235 39.11 -43.32 5.94
C GLU A 235 38.98 -44.50 4.98
N GLN A 236 38.36 -45.60 5.43
CA GLN A 236 38.08 -46.70 4.51
C GLN A 236 37.28 -46.20 3.31
N GLU A 237 36.38 -45.24 3.53
CA GLU A 237 35.54 -44.76 2.45
C GLU A 237 36.32 -43.81 1.53
N ILE A 238 37.25 -43.01 2.08
CA ILE A 238 38.14 -42.26 1.18
C ILE A 238 38.92 -43.21 0.30
N GLN A 239 39.47 -44.28 0.88
CA GLN A 239 40.28 -45.19 0.09
C GLN A 239 39.44 -45.90 -0.97
N GLU A 240 38.22 -46.30 -0.62
CA GLU A 240 37.34 -46.94 -1.59
C GLU A 240 36.96 -45.98 -2.71
N ALA A 241 36.68 -44.71 -2.37
CA ALA A 241 36.33 -43.73 -3.38
C ALA A 241 37.50 -43.46 -4.31
N VAL A 242 38.72 -43.37 -3.76
CA VAL A 242 39.90 -43.16 -4.59
C VAL A 242 40.13 -44.35 -5.52
N ASP A 243 39.95 -45.57 -5.01
CA ASP A 243 40.06 -46.75 -5.87
C ASP A 243 38.97 -46.75 -6.93
N ARG A 244 37.80 -46.19 -6.63
CA ARG A 244 36.70 -46.21 -7.57
C ARG A 244 36.91 -45.24 -8.73
N GLY A 245 37.62 -44.14 -8.50
CA GLY A 245 37.89 -43.20 -9.57
C GLY A 245 37.89 -41.74 -9.15
N CYS A 246 37.46 -41.46 -7.93
CA CYS A 246 37.44 -40.09 -7.43
C CYS A 246 38.86 -39.61 -7.14
N LEU A 247 39.02 -38.32 -6.93
CA LEU A 247 40.32 -37.70 -6.72
C LEU A 247 40.35 -37.02 -5.36
N ARG A 248 41.46 -37.17 -4.65
CA ARG A 248 41.67 -36.54 -3.35
C ARG A 248 42.76 -35.49 -3.45
N ILE A 249 42.52 -34.35 -2.81
CA ILE A 249 43.48 -33.25 -2.78
C ILE A 249 43.74 -32.87 -1.34
N GLN A 250 44.94 -32.33 -1.10
CA GLN A 250 45.33 -31.86 0.22
C GLN A 250 45.69 -30.39 0.26
N SER A 251 45.62 -29.68 -0.87
CA SER A 251 45.96 -28.27 -0.94
C SER A 251 45.12 -27.60 -2.00
N LEU A 252 45.07 -26.27 -1.93
CA LEU A 252 44.30 -25.50 -2.90
C LEU A 252 44.90 -25.60 -4.30
N MET A 253 46.21 -25.62 -4.41
CA MET A 253 46.89 -25.46 -5.69
C MET A 253 46.96 -26.75 -6.50
N GLU A 254 46.46 -27.87 -5.97
CA GLU A 254 46.56 -29.15 -6.65
C GLU A 254 45.20 -29.73 -7.03
N MET A 255 44.25 -28.87 -7.40
CA MET A 255 42.93 -29.31 -7.83
C MET A 255 42.69 -28.83 -9.25
N ASP A 256 42.15 -29.71 -10.09
CA ASP A 256 41.90 -29.41 -11.49
C ASP A 256 40.41 -29.47 -11.78
N TYR A 257 39.92 -28.53 -12.58
CA TYR A 257 38.50 -28.45 -12.89
C TYR A 257 38.05 -29.56 -13.83
N GLU A 258 38.99 -30.27 -14.48
CA GLU A 258 38.60 -31.30 -15.44
C GLU A 258 38.00 -32.50 -14.74
N ARG A 259 38.48 -32.83 -13.54
CA ARG A 259 37.96 -33.97 -12.80
C ARG A 259 36.54 -33.69 -12.34
N GLU A 260 35.66 -34.67 -12.52
CA GLU A 260 34.24 -34.48 -12.27
C GLU A 260 33.92 -34.50 -10.78
N LEU A 261 34.62 -35.32 -10.00
CA LEU A 261 34.38 -35.43 -8.57
C LEU A 261 35.69 -35.24 -7.83
N VAL A 262 35.68 -34.38 -6.80
CA VAL A 262 36.84 -34.13 -5.98
C VAL A 262 36.46 -34.29 -4.52
N LEU A 263 37.26 -35.03 -3.76
CA LEU A 263 37.05 -35.24 -2.34
C LEU A 263 38.11 -34.48 -1.57
N CYS A 264 37.69 -33.59 -0.68
CA CYS A 264 38.62 -32.75 0.07
C CYS A 264 38.02 -32.44 1.43
N SER A 265 38.64 -31.50 2.14
CA SER A 265 38.17 -31.07 3.45
C SER A 265 37.30 -29.82 3.34
N GLU A 266 36.72 -29.42 4.46
CA GLU A 266 35.84 -28.26 4.47
C GLU A 266 36.61 -26.97 4.23
N ILE A 267 37.80 -26.85 4.83
CA ILE A 267 38.60 -25.65 4.65
C ILE A 267 39.02 -25.48 3.19
N VAL A 268 39.47 -26.57 2.56
CA VAL A 268 39.86 -26.51 1.16
C VAL A 268 38.66 -26.22 0.29
N LEU A 269 37.49 -26.78 0.63
CA LEU A 269 36.28 -26.51 -0.13
C LEU A 269 35.90 -25.03 -0.06
N LEU A 270 35.95 -24.43 1.13
CA LEU A 270 35.63 -23.02 1.26
C LEU A 270 36.66 -22.15 0.56
N ARG A 271 37.93 -22.53 0.61
CA ARG A 271 38.95 -21.77 -0.09
C ARG A 271 38.74 -21.81 -1.61
N ILE A 272 38.37 -22.97 -2.13
CA ILE A 272 38.07 -23.09 -3.57
C ILE A 272 36.85 -22.26 -3.92
N ALA A 273 35.84 -22.25 -3.06
CA ALA A 273 34.66 -21.43 -3.30
C ALA A 273 35.01 -19.95 -3.34
N LYS A 274 35.85 -19.50 -2.41
CA LYS A 274 36.29 -18.11 -2.39
C LYS A 274 37.08 -17.77 -3.66
N GLN A 275 37.97 -18.67 -4.09
CA GLN A 275 38.74 -18.42 -5.30
C GLN A 275 37.83 -18.32 -6.52
N LEU A 276 36.84 -19.20 -6.62
CA LEU A 276 35.95 -19.19 -7.76
C LEU A 276 35.07 -17.95 -7.78
N LEU A 277 34.56 -17.54 -6.62
CA LEU A 277 33.66 -16.39 -6.57
C LEU A 277 34.38 -15.06 -6.80
N GLU A 278 35.71 -15.04 -6.74
CA GLU A 278 36.48 -13.81 -6.92
C GLU A 278 36.86 -13.54 -8.37
N LEU A 279 36.60 -14.48 -9.27
CA LEU A 279 36.98 -14.30 -10.67
C LEU A 279 36.07 -13.26 -11.34
N THR A 280 36.59 -12.65 -12.40
CA THR A 280 35.85 -11.63 -13.14
C THR A 280 34.96 -12.33 -14.16
N PHE A 281 33.87 -12.91 -13.65
CA PHE A 281 32.89 -13.59 -14.49
C PHE A 281 32.01 -12.55 -15.18
N ASP A 282 31.03 -13.02 -15.96
CA ASP A 282 29.99 -12.16 -16.50
C ASP A 282 28.64 -12.38 -15.85
N TYR A 283 28.37 -13.58 -15.38
CA TYR A 283 27.13 -13.90 -14.70
C TYR A 283 27.41 -14.97 -13.66
N VAL A 284 27.01 -14.73 -12.42
CA VAL A 284 27.01 -15.73 -11.37
C VAL A 284 25.55 -15.95 -10.99
N VAL A 285 24.98 -17.06 -11.46
CA VAL A 285 23.53 -17.29 -11.36
C VAL A 285 23.29 -18.36 -10.31
N THR A 286 22.40 -18.08 -9.37
CA THR A 286 22.08 -19.05 -8.32
C THR A 286 20.63 -18.87 -7.90
N PHE A 287 19.93 -19.98 -7.68
CA PHE A 287 18.54 -19.94 -7.25
C PHE A 287 18.49 -19.77 -5.73
N ASN A 288 18.00 -18.62 -5.28
CA ASN A 288 17.93 -18.27 -3.86
C ASN A 288 19.32 -18.36 -3.21
N GLY A 289 20.34 -17.93 -3.93
CA GLY A 289 21.70 -18.00 -3.41
C GLY A 289 22.11 -16.78 -2.63
N HIS A 290 21.41 -15.66 -2.82
CA HIS A 290 21.73 -14.44 -2.09
C HIS A 290 21.29 -14.51 -0.64
N ASN A 291 20.26 -15.30 -0.34
CA ASN A 291 19.77 -15.41 1.03
C ASN A 291 20.36 -16.59 1.79
N PHE A 292 20.65 -17.70 1.12
CA PHE A 292 21.13 -18.90 1.80
C PHE A 292 22.53 -19.31 1.37
N ASP A 293 22.78 -19.50 0.07
CA ASP A 293 24.00 -20.17 -0.37
C ASP A 293 25.23 -19.29 -0.16
N LEU A 294 25.25 -18.11 -0.77
CA LEU A 294 26.41 -17.23 -0.66
C LEU A 294 26.62 -16.77 0.78
N ARG A 295 25.53 -16.47 1.49
CA ARG A 295 25.64 -16.05 2.88
C ARG A 295 26.23 -17.17 3.74
N TYR A 296 25.77 -18.40 3.53
CA TYR A 296 26.32 -19.53 4.26
C TYR A 296 27.80 -19.71 3.96
N ILE A 297 28.18 -19.60 2.69
CA ILE A 297 29.58 -19.78 2.32
C ILE A 297 30.44 -18.73 3.00
N THR A 298 30.03 -17.46 2.95
CA THR A 298 30.82 -16.38 3.54
C THR A 298 30.92 -16.54 5.05
N ASN A 299 29.79 -16.81 5.71
CA ASN A 299 29.80 -16.93 7.17
C ASN A 299 30.64 -18.11 7.62
N ARG A 300 30.52 -19.26 6.94
CA ARG A 300 31.31 -20.43 7.31
C ARG A 300 32.79 -20.20 7.05
N LEU A 301 33.13 -19.55 5.93
CA LEU A 301 34.53 -19.27 5.64
C LEU A 301 35.13 -18.35 6.69
N GLU A 302 34.40 -17.31 7.10
CA GLU A 302 34.91 -16.40 8.12
C GLU A 302 35.01 -17.11 9.47
N LEU A 303 34.06 -17.99 9.77
CA LEU A 303 34.04 -18.66 11.06
C LEU A 303 35.18 -19.67 11.20
N LEU A 304 35.44 -20.45 10.15
CA LEU A 304 36.51 -21.45 10.24
C LEU A 304 37.88 -20.79 10.25
N THR A 305 38.11 -19.84 9.34
CA THR A 305 39.37 -19.12 9.25
C THR A 305 39.11 -17.63 9.13
N GLY A 306 40.04 -16.84 9.64
CA GLY A 306 39.90 -15.40 9.54
C GLY A 306 40.22 -14.90 8.14
N GLU A 307 39.36 -15.22 7.18
CA GLU A 307 39.60 -14.92 5.78
C GLU A 307 38.32 -14.42 5.13
N LYS A 308 38.46 -13.40 4.28
CA LYS A 308 37.33 -12.75 3.64
C LYS A 308 37.38 -12.97 2.12
N ILE A 309 36.30 -12.59 1.45
CA ILE A 309 36.21 -12.61 0.00
C ILE A 309 36.23 -11.16 -0.47
N ILE A 310 37.22 -10.82 -1.31
CA ILE A 310 37.53 -9.44 -1.65
C ILE A 310 37.15 -9.19 -3.11
N PHE A 311 36.38 -8.13 -3.35
CA PHE A 311 36.09 -7.63 -4.69
C PHE A 311 36.87 -6.34 -4.89
N ARG A 312 37.53 -6.23 -6.04
CA ARG A 312 38.40 -5.10 -6.33
C ARG A 312 37.91 -4.37 -7.58
N SER A 313 38.05 -3.04 -7.57
CA SER A 313 37.64 -2.21 -8.68
C SER A 313 38.56 -2.44 -9.88
N PRO A 314 38.08 -2.19 -11.09
CA PRO A 314 38.93 -2.39 -12.28
C PRO A 314 40.20 -1.56 -12.27
N ASP A 315 40.17 -0.35 -11.70
CA ASP A 315 41.37 0.47 -11.59
C ASP A 315 42.21 0.14 -10.38
N LYS A 316 41.75 -0.79 -9.54
CA LYS A 316 42.53 -1.33 -8.42
C LYS A 316 42.88 -0.25 -7.39
N LYS A 317 41.85 0.48 -6.92
CA LYS A 317 42.01 1.38 -5.80
C LYS A 317 40.80 1.35 -4.85
N GLU A 318 40.01 0.28 -4.87
CA GLU A 318 38.92 0.12 -3.92
C GLU A 318 38.64 -1.36 -3.75
N ALA A 319 38.52 -1.78 -2.48
CA ALA A 319 38.26 -3.17 -2.15
C ALA A 319 37.08 -3.26 -1.20
N VAL A 320 36.22 -4.25 -1.44
CA VAL A 320 35.03 -4.47 -0.62
C VAL A 320 34.93 -5.94 -0.26
N HIS A 321 34.18 -6.21 0.81
CA HIS A 321 33.89 -7.57 1.25
C HIS A 321 32.45 -7.91 0.91
N LEU A 322 32.16 -9.21 0.85
CA LEU A 322 30.81 -9.69 0.63
C LEU A 322 29.94 -9.39 1.84
N CYS A 323 28.86 -8.65 1.62
CA CYS A 323 27.86 -8.39 2.65
C CYS A 323 26.51 -8.24 1.96
N ILE A 324 25.72 -9.31 1.96
CA ILE A 324 24.41 -9.28 1.32
C ILE A 324 23.54 -8.25 2.03
N TYR A 325 22.89 -7.39 1.25
CA TYR A 325 22.05 -6.35 1.82
C TYR A 325 20.63 -6.44 1.27
N GLU A 326 19.70 -5.90 2.04
CA GLU A 326 18.28 -6.08 1.80
C GLU A 326 17.68 -4.92 1.02
N ARG A 327 16.49 -5.17 0.48
CA ARG A 327 15.70 -4.17 -0.22
C ARG A 327 14.24 -4.55 -0.09
N ASN A 328 13.37 -3.53 -0.04
CA ASN A 328 11.94 -3.74 0.11
C ASN A 328 11.24 -3.30 -1.17
N GLN A 329 10.38 -4.17 -1.70
CA GLN A 329 9.67 -3.87 -2.93
C GLN A 329 8.20 -4.27 -2.81
N ASN A 340 8.29 -8.41 -2.06
CA ASN A 340 8.62 -8.55 -0.65
C ASN A 340 10.08 -8.16 -0.40
N THR A 341 10.77 -8.94 0.42
CA THR A 341 12.18 -8.67 0.71
C THR A 341 13.07 -9.30 -0.35
N THR A 342 14.05 -8.52 -0.83
CA THR A 342 14.98 -8.98 -1.84
C THR A 342 16.40 -8.76 -1.33
N PHE A 343 17.31 -9.62 -1.77
CA PHE A 343 18.70 -9.59 -1.31
C PHE A 343 19.64 -9.33 -2.48
N HIS A 344 20.69 -8.57 -2.21
CA HIS A 344 21.62 -8.14 -3.26
C HIS A 344 23.05 -8.22 -2.77
N VAL A 345 23.96 -8.32 -3.73
CA VAL A 345 25.40 -8.43 -3.49
C VAL A 345 26.04 -7.07 -3.72
N ASN A 346 27.04 -6.74 -2.90
CA ASN A 346 27.70 -5.44 -2.95
C ASN A 346 29.01 -5.47 -3.73
N ASN A 347 29.09 -6.28 -4.78
CA ASN A 347 30.29 -6.35 -5.58
C ASN A 347 30.45 -5.10 -6.43
N ASN A 348 31.70 -4.81 -6.83
CA ASN A 348 31.99 -3.64 -7.64
C ASN A 348 32.97 -3.93 -8.76
N ASN A 349 33.16 -5.19 -9.14
CA ASN A 349 34.09 -5.56 -10.20
C ASN A 349 33.42 -5.64 -11.57
N GLY A 350 32.10 -5.58 -11.63
CA GLY A 350 31.36 -5.63 -12.87
C GLY A 350 30.55 -6.89 -13.09
N THR A 351 30.84 -7.95 -12.34
CA THR A 351 30.07 -9.19 -12.49
C THR A 351 28.65 -8.99 -12.00
N ILE A 352 27.71 -9.66 -12.66
CA ILE A 352 26.30 -9.59 -12.27
C ILE A 352 25.96 -10.86 -11.49
N PHE A 353 25.55 -10.67 -10.24
CA PHE A 353 25.07 -11.77 -9.41
C PHE A 353 23.56 -11.84 -9.57
N PHE A 354 23.07 -12.93 -10.13
CA PHE A 354 21.67 -13.08 -10.48
C PHE A 354 21.02 -14.17 -9.64
N ASP A 355 19.81 -13.88 -9.17
CA ASP A 355 18.99 -14.82 -8.42
C ASP A 355 17.71 -15.05 -9.21
N LEU A 356 17.51 -16.30 -9.66
CA LEU A 356 16.31 -16.61 -10.42
C LEU A 356 15.04 -16.53 -9.58
N TYR A 357 15.16 -16.64 -8.26
CA TYR A 357 13.98 -16.56 -7.39
C TYR A 357 13.32 -15.20 -7.50
N SER A 358 14.10 -14.12 -7.37
CA SER A 358 13.54 -12.78 -7.47
C SER A 358 13.00 -12.50 -8.87
N PHE A 359 13.70 -12.96 -9.91
CA PHE A 359 13.23 -12.75 -11.28
C PHE A 359 11.92 -13.47 -11.52
N ILE A 360 11.78 -14.69 -11.01
CA ILE A 360 10.52 -15.43 -11.17
C ILE A 360 9.41 -14.71 -10.42
N GLN A 361 9.68 -14.24 -9.20
CA GLN A 361 8.65 -13.51 -8.47
C GLN A 361 8.19 -12.24 -9.17
N LYS A 362 9.12 -11.46 -9.72
CA LYS A 362 8.72 -10.21 -10.37
C LYS A 362 8.08 -10.44 -11.73
N SER A 363 8.67 -11.31 -12.55
CA SER A 363 8.27 -11.39 -13.95
C SER A 363 6.91 -12.05 -14.13
N GLU A 364 6.67 -13.17 -13.46
CA GLU A 364 5.51 -13.99 -13.72
C GLU A 364 4.76 -14.30 -12.43
N LYS A 365 3.43 -14.35 -12.54
CA LYS A 365 2.56 -14.75 -11.44
C LYS A 365 2.30 -16.25 -11.54
N LEU A 366 2.59 -16.98 -10.47
CA LEU A 366 2.44 -18.42 -10.44
C LEU A 366 1.78 -18.84 -9.14
N ASP A 367 1.35 -20.10 -9.09
CA ASP A 367 0.73 -20.63 -7.87
C ASP A 367 1.79 -20.89 -6.80
N SER A 368 2.93 -21.46 -7.20
CA SER A 368 4.00 -21.79 -6.28
C SER A 368 5.33 -21.37 -6.87
N TYR A 369 6.29 -21.09 -5.98
CA TYR A 369 7.63 -20.65 -6.39
C TYR A 369 8.70 -21.64 -5.98
N LYS A 370 8.33 -22.88 -5.69
CA LYS A 370 9.30 -23.95 -5.50
C LYS A 370 10.06 -24.20 -6.79
N LEU A 371 11.33 -24.61 -6.63
CA LEU A 371 12.13 -24.98 -7.79
C LEU A 371 11.54 -26.16 -8.53
N ASP A 372 11.03 -27.15 -7.79
CA ASP A 372 10.43 -28.32 -8.41
C ASP A 372 9.20 -27.94 -9.22
N SER A 373 8.35 -27.07 -8.68
CA SER A 373 7.15 -26.64 -9.40
C SER A 373 7.50 -25.87 -10.66
N ILE A 374 8.50 -24.98 -10.57
CA ILE A 374 8.91 -24.21 -11.74
C ILE A 374 9.47 -25.13 -12.81
N SER A 375 10.28 -26.12 -12.42
CA SER A 375 10.81 -27.08 -13.39
C SER A 375 9.69 -27.89 -14.02
N LYS A 376 8.71 -28.30 -13.22
CA LYS A 376 7.58 -29.07 -13.76
C LYS A 376 6.79 -28.25 -14.77
N ASN A 377 6.55 -26.98 -14.47
CA ASN A 377 5.80 -26.15 -15.40
C ASN A 377 6.62 -25.79 -16.63
N ALA A 378 7.94 -25.77 -16.52
CA ALA A 378 8.77 -25.33 -17.64
C ALA A 378 8.98 -26.44 -18.65
N PHE A 379 9.52 -27.58 -18.21
CA PHE A 379 9.91 -28.66 -19.11
C PHE A 379 8.86 -29.76 -19.07
N SER A 380 8.25 -30.03 -20.23
CA SER A 380 7.25 -31.08 -20.34
C SER A 380 7.14 -31.52 -21.80
N CYS A 381 6.75 -32.78 -21.98
CA CYS A 381 6.63 -33.35 -23.31
C CYS A 381 5.50 -34.37 -23.34
N MET A 382 5.08 -34.70 -24.56
CA MET A 382 4.07 -35.71 -24.84
C MET A 382 4.86 -36.95 -25.27
N GLY A 383 4.85 -37.99 -24.45
CA GLY A 383 5.58 -39.20 -24.73
C GLY A 383 4.67 -40.40 -25.01
N LYS A 384 5.26 -41.39 -25.69
CA LYS A 384 4.55 -42.61 -26.07
C LYS A 384 5.18 -43.81 -25.39
N VAL A 385 4.35 -44.82 -25.12
CA VAL A 385 4.78 -46.05 -24.48
C VAL A 385 5.29 -47.00 -25.56
N LEU A 386 6.53 -47.49 -25.38
CA LEU A 386 7.13 -48.40 -26.34
C LEU A 386 7.25 -49.82 -25.81
N ASN A 387 7.26 -50.01 -24.50
CA ASN A 387 7.38 -51.33 -23.90
C ASN A 387 6.57 -51.34 -22.61
N ARG A 388 6.31 -52.53 -22.10
CA ARG A 388 5.49 -52.68 -20.89
C ARG A 388 6.03 -53.88 -20.11
N GLY A 389 5.25 -54.36 -19.17
CA GLY A 389 5.67 -55.50 -18.36
C GLY A 389 6.58 -55.08 -17.22
N VAL A 390 6.92 -56.07 -16.38
CA VAL A 390 7.80 -55.97 -15.21
C VAL A 390 7.45 -54.71 -14.40
N ARG A 391 8.40 -54.16 -13.66
CA ARG A 391 8.18 -52.97 -12.85
C ARG A 391 8.56 -51.68 -13.57
N GLU A 392 9.03 -51.76 -14.81
CA GLU A 392 9.48 -50.58 -15.54
C GLU A 392 8.98 -50.64 -16.97
N MET A 393 8.83 -49.45 -17.56
CA MET A 393 8.38 -49.32 -18.95
C MET A 393 9.21 -48.28 -19.68
N THR A 394 9.20 -48.39 -21.00
CA THR A 394 10.00 -47.55 -21.88
C THR A 394 9.14 -46.46 -22.49
N PHE A 395 9.62 -45.22 -22.42
CA PHE A 395 8.96 -44.08 -23.02
C PHE A 395 9.83 -43.51 -24.13
N ILE A 396 9.18 -43.09 -25.21
CA ILE A 396 9.83 -42.51 -26.38
C ILE A 396 9.25 -41.13 -26.61
N GLY A 397 10.09 -40.20 -27.07
CA GLY A 397 9.62 -38.88 -27.42
C GLY A 397 10.40 -38.30 -28.58
N ASP A 398 9.70 -37.60 -29.49
CA ASP A 398 10.35 -37.01 -30.65
C ASP A 398 9.55 -35.82 -31.13
N ASP A 399 10.10 -35.14 -32.14
CA ASP A 399 9.45 -33.95 -32.68
C ASP A 399 8.18 -34.27 -33.45
N THR A 400 7.93 -35.55 -33.74
CA THR A 400 6.74 -35.96 -34.46
C THR A 400 5.59 -36.31 -33.54
N THR A 401 5.73 -36.07 -32.24
CA THR A 401 4.70 -36.44 -31.28
C THR A 401 4.06 -35.26 -30.58
N ASP A 402 4.85 -34.32 -30.06
CA ASP A 402 4.33 -33.23 -29.26
C ASP A 402 4.39 -31.90 -29.99
N ALA A 403 5.58 -31.44 -30.35
CA ALA A 403 5.79 -30.15 -30.97
C ALA A 403 7.24 -30.10 -31.45
N LYS A 404 7.67 -28.95 -31.94
CA LYS A 404 9.04 -28.78 -32.41
C LYS A 404 9.83 -28.06 -31.32
N GLY A 405 10.86 -28.73 -30.80
CA GLY A 405 11.75 -28.15 -29.83
C GLY A 405 11.48 -28.53 -28.39
N LYS A 406 10.27 -29.00 -28.08
CA LYS A 406 9.99 -29.44 -26.71
C LYS A 406 10.77 -30.69 -26.36
N ALA A 407 10.79 -31.68 -27.27
CA ALA A 407 11.54 -32.90 -27.03
C ALA A 407 13.03 -32.61 -26.89
N ASP A 408 13.54 -31.67 -27.68
CA ASP A 408 14.95 -31.30 -27.55
C ASP A 408 15.24 -30.70 -26.19
N THR A 409 14.34 -29.85 -25.67
CA THR A 409 14.52 -29.29 -24.35
C THR A 409 14.49 -30.36 -23.27
N PHE A 410 13.55 -31.30 -23.37
CA PHE A 410 13.48 -32.39 -22.41
C PHE A 410 14.74 -33.26 -22.46
N ALA A 411 15.24 -33.53 -23.67
CA ALA A 411 16.46 -34.31 -23.79
C ALA A 411 17.66 -33.58 -23.20
N LYS A 412 17.72 -32.27 -23.41
CA LYS A 412 18.81 -31.48 -22.83
C LYS A 412 18.75 -31.52 -21.31
N VAL A 413 17.55 -31.39 -20.72
CA VAL A 413 17.42 -31.47 -19.28
C VAL A 413 17.75 -32.87 -18.77
N LEU A 414 17.41 -33.90 -19.54
CA LEU A 414 17.58 -35.29 -19.16
C LEU A 414 19.03 -35.69 -18.92
N THR A 415 20.00 -34.94 -19.46
CA THR A 415 21.40 -35.33 -19.36
C THR A 415 21.84 -35.47 -17.91
N THR A 416 21.29 -34.64 -17.02
CA THR A 416 21.62 -34.69 -15.60
C THR A 416 20.43 -35.08 -14.74
N GLY A 417 19.25 -35.29 -15.32
CA GLY A 417 18.08 -35.60 -14.54
C GLY A 417 18.14 -36.99 -13.94
N ASN A 418 17.44 -37.15 -12.82
CA ASN A 418 17.40 -38.43 -12.12
C ASN A 418 15.98 -38.95 -11.90
N TYR A 419 15.02 -38.08 -11.58
CA TYR A 419 13.64 -38.47 -11.34
C TYR A 419 12.73 -37.81 -12.35
N VAL A 420 11.72 -38.55 -12.81
CA VAL A 420 10.79 -38.07 -13.83
C VAL A 420 9.37 -38.21 -13.30
N THR A 421 8.57 -37.15 -13.47
CA THR A 421 7.18 -37.14 -13.05
C THR A 421 6.28 -37.38 -14.26
N VAL A 422 5.34 -38.32 -14.12
CA VAL A 422 4.37 -38.63 -15.16
C VAL A 422 2.97 -38.58 -14.56
N ASP A 423 2.01 -38.08 -15.36
CA ASP A 423 0.60 -38.00 -15.00
C ASP A 423 0.36 -37.16 -13.74
N GLU A 424 1.31 -36.29 -13.41
CA GLU A 424 1.30 -35.46 -12.21
C GLU A 424 1.04 -36.26 -10.94
N ASP A 425 1.27 -37.57 -10.96
CA ASP A 425 0.96 -38.41 -9.81
C ASP A 425 2.09 -39.39 -9.52
N ILE A 426 2.82 -39.80 -10.56
CA ILE A 426 3.80 -40.87 -10.43
C ILE A 426 5.20 -40.30 -10.57
N ILE A 427 6.06 -40.63 -9.60
CA ILE A 427 7.47 -40.24 -9.61
C ILE A 427 8.28 -41.48 -9.89
N CYS A 428 9.17 -41.41 -10.87
CA CYS A 428 9.90 -42.56 -11.37
C CYS A 428 11.39 -42.31 -11.29
N LYS A 429 12.13 -43.32 -10.84
CA LYS A 429 13.59 -43.27 -10.80
C LYS A 429 14.13 -43.76 -12.13
N VAL A 430 14.93 -42.93 -12.80
CA VAL A 430 15.43 -43.24 -14.12
C VAL A 430 16.46 -44.36 -14.02
N ILE A 431 16.27 -45.41 -14.81
CA ILE A 431 17.20 -46.52 -14.86
C ILE A 431 18.19 -46.35 -16.01
N ARG A 432 17.68 -46.22 -17.22
CA ARG A 432 18.51 -46.01 -18.40
C ARG A 432 17.88 -44.94 -19.28
N LYS A 433 18.73 -44.18 -19.96
CA LYS A 433 18.30 -43.10 -20.82
C LYS A 433 19.21 -43.03 -22.04
N ASP A 434 18.68 -42.49 -23.13
CA ASP A 434 19.53 -42.19 -24.29
C ASP A 434 18.87 -41.08 -25.11
N ILE A 435 19.68 -40.34 -25.84
CA ILE A 435 19.21 -39.19 -26.61
C ILE A 435 19.29 -39.54 -28.09
N LEU A 436 18.17 -39.43 -28.78
CA LEU A 436 18.11 -39.69 -30.21
C LEU A 436 18.59 -38.45 -30.96
N GLU A 437 18.54 -38.49 -32.29
CA GLU A 437 18.93 -37.32 -33.08
C GLU A 437 17.88 -36.22 -32.99
N ASN A 438 16.61 -36.57 -32.84
CA ASN A 438 15.54 -35.60 -32.74
C ASN A 438 14.57 -35.99 -31.62
N GLY A 439 15.09 -36.52 -30.53
CA GLY A 439 14.24 -36.93 -29.43
C GLY A 439 15.02 -37.64 -28.35
N PHE A 440 14.30 -38.44 -27.57
CA PHE A 440 14.88 -39.12 -26.43
C PHE A 440 14.10 -40.40 -26.13
N LYS A 441 14.75 -41.29 -25.39
CA LYS A 441 14.10 -42.50 -24.91
C LYS A 441 14.58 -42.77 -23.49
N VAL A 442 13.66 -43.18 -22.62
CA VAL A 442 13.97 -43.48 -21.23
C VAL A 442 13.30 -44.78 -20.84
N VAL A 443 13.79 -45.38 -19.77
CA VAL A 443 13.07 -46.47 -19.10
C VAL A 443 12.88 -46.06 -17.64
N LEU A 444 11.63 -46.11 -17.19
CA LEU A 444 11.26 -45.64 -15.86
C LEU A 444 10.55 -46.74 -15.09
N SER A 445 10.89 -46.86 -13.81
CA SER A 445 10.31 -47.89 -12.95
C SER A 445 8.98 -47.37 -12.41
N CYS A 446 7.88 -47.93 -12.93
CA CYS A 446 6.55 -47.52 -12.51
C CYS A 446 5.58 -48.66 -12.80
N PRO A 447 4.46 -48.74 -12.08
CA PRO A 447 3.47 -49.78 -12.36
C PRO A 447 2.87 -49.63 -13.75
N THR A 448 2.54 -50.77 -14.34
CA THR A 448 1.96 -50.78 -15.68
C THR A 448 0.58 -50.14 -15.66
N LEU A 449 0.36 -49.21 -16.60
CA LEU A 449 -0.90 -48.52 -16.72
C LEU A 449 -1.28 -48.40 -18.19
N PRO A 450 -2.36 -49.05 -18.63
CA PRO A 450 -2.63 -49.32 -20.06
C PRO A 450 -3.25 -48.16 -20.83
N ASN A 451 -2.41 -47.27 -21.34
CA ASN A 451 -2.82 -46.31 -22.35
C ASN A 451 -1.71 -46.23 -23.39
N ASP A 452 -1.79 -45.25 -24.29
CA ASP A 452 -0.82 -45.12 -25.38
C ASP A 452 0.03 -43.86 -25.30
N ILE A 453 -0.49 -42.74 -24.78
CA ILE A 453 0.25 -41.49 -24.73
C ILE A 453 0.12 -40.91 -23.33
N TYR A 454 1.25 -40.52 -22.74
CA TYR A 454 1.26 -39.82 -21.47
C TYR A 454 2.11 -38.57 -21.60
N LYS A 455 2.23 -37.82 -20.51
CA LYS A 455 3.06 -36.62 -20.51
C LYS A 455 4.16 -36.76 -19.47
N LEU A 456 5.35 -36.28 -19.82
CA LEU A 456 6.53 -36.41 -18.98
C LEU A 456 7.06 -35.04 -18.60
N SER A 457 7.57 -34.92 -17.38
CA SER A 457 8.08 -33.67 -16.86
C SER A 457 9.07 -33.97 -15.74
N PHE A 458 9.83 -32.94 -15.36
CA PHE A 458 10.81 -33.05 -14.30
C PHE A 458 10.30 -32.30 -13.07
N GLY A 459 10.11 -33.01 -11.97
CA GLY A 459 9.50 -32.42 -10.80
C GLY A 459 10.09 -32.82 -9.47
N LYS A 460 9.23 -32.99 -8.47
CA LYS A 460 9.69 -33.27 -7.12
C LYS A 460 10.29 -34.67 -7.03
N ASP A 461 11.32 -34.79 -6.19
CA ASP A 461 12.01 -36.05 -5.96
C ASP A 461 11.64 -36.58 -4.58
N ASP A 462 11.23 -37.85 -4.52
CA ASP A 462 10.86 -38.49 -3.27
C ASP A 462 12.12 -39.01 -2.57
N ILE A 463 12.94 -38.07 -2.11
CA ILE A 463 14.23 -38.35 -1.50
C ILE A 463 14.26 -37.70 -0.12
N ASP A 464 14.57 -38.49 0.90
CA ASP A 464 14.61 -38.01 2.28
C ASP A 464 16.06 -37.72 2.65
N LEU A 465 16.45 -36.45 2.59
CA LEU A 465 17.83 -36.07 2.90
C LEU A 465 18.14 -36.30 4.38
N ALA A 466 17.20 -35.99 5.27
CA ALA A 466 17.43 -36.16 6.69
C ALA A 466 17.65 -37.62 7.06
N GLN A 467 16.91 -38.54 6.43
CA GLN A 467 17.14 -39.95 6.68
C GLN A 467 18.53 -40.39 6.22
N MET A 468 18.96 -39.93 5.04
CA MET A 468 20.26 -40.34 4.53
C MET A 468 21.40 -39.72 5.33
N TYR A 469 21.16 -38.58 5.99
CA TYR A 469 22.22 -37.98 6.81
C TYR A 469 22.45 -38.75 8.10
N LYS A 470 21.45 -39.50 8.58
CA LYS A 470 21.60 -40.26 9.82
C LYS A 470 22.59 -41.41 9.68
N ASP A 471 22.64 -42.05 8.52
CA ASP A 471 23.57 -43.15 8.24
C ASP A 471 24.39 -42.87 6.97
N TYR A 472 25.46 -42.11 7.14
CA TYR A 472 26.19 -41.57 6.01
C TYR A 472 27.23 -42.55 5.50
N ASN A 473 27.14 -42.89 4.22
CA ASN A 473 28.05 -43.82 3.58
C ASN A 473 28.57 -43.20 2.29
N LEU A 474 29.34 -44.00 1.54
CA LEU A 474 29.90 -43.52 0.28
C LEU A 474 28.85 -43.45 -0.82
N ASN A 475 27.98 -44.45 -0.91
CA ASN A 475 26.95 -44.46 -1.94
C ASN A 475 25.99 -43.28 -1.79
N ILE A 476 25.61 -42.99 -0.55
CA ILE A 476 24.76 -41.83 -0.28
C ILE A 476 25.48 -40.54 -0.65
N ALA A 477 26.79 -40.48 -0.40
CA ALA A 477 27.55 -39.30 -0.78
C ALA A 477 27.55 -39.10 -2.30
N LEU A 478 27.75 -40.18 -3.05
CA LEU A 478 27.72 -40.05 -4.52
C LEU A 478 26.34 -39.67 -5.03
N ASP A 479 25.29 -40.25 -4.44
CA ASP A 479 23.94 -39.91 -4.87
C ASP A 479 23.63 -38.45 -4.59
N MET A 480 24.02 -37.95 -3.41
CA MET A 480 23.78 -36.54 -3.14
C MET A 480 24.66 -35.65 -4.02
N ALA A 481 25.84 -36.14 -4.42
CA ALA A 481 26.66 -35.39 -5.35
C ALA A 481 25.97 -35.21 -6.70
N ARG A 482 25.36 -36.27 -7.22
CA ARG A 482 24.67 -36.13 -8.50
C ARG A 482 23.40 -35.31 -8.34
N TYR A 483 22.73 -35.39 -7.18
CA TYR A 483 21.59 -34.52 -6.93
C TYR A 483 22.01 -33.06 -6.94
N CYS A 484 23.15 -32.73 -6.31
CA CYS A 484 23.62 -31.36 -6.27
C CYS A 484 24.05 -30.87 -7.64
N ILE A 485 24.68 -31.73 -8.45
CA ILE A 485 25.07 -31.27 -9.79
C ILE A 485 23.83 -31.05 -10.66
N HIS A 486 22.78 -31.88 -10.48
CA HIS A 486 21.54 -31.61 -11.21
C HIS A 486 20.92 -30.30 -10.76
N ASP A 487 20.95 -30.01 -9.46
CA ASP A 487 20.44 -28.73 -8.98
C ASP A 487 21.22 -27.56 -9.57
N ALA A 488 22.53 -27.70 -9.69
CA ALA A 488 23.35 -26.64 -10.28
C ALA A 488 23.01 -26.43 -11.74
N CYS A 489 22.85 -27.52 -12.50
CA CYS A 489 22.53 -27.40 -13.93
C CYS A 489 21.09 -26.94 -14.18
N LEU A 490 20.20 -27.12 -13.20
CA LEU A 490 18.83 -26.66 -13.36
C LEU A 490 18.77 -25.15 -13.52
N CYS A 491 19.66 -24.42 -12.85
CA CYS A 491 19.73 -22.97 -13.02
C CYS A 491 20.12 -22.61 -14.46
N GLN A 492 21.07 -23.36 -15.04
CA GLN A 492 21.43 -23.15 -16.43
C GLN A 492 20.24 -23.41 -17.36
N TYR A 493 19.52 -24.50 -17.12
CA TYR A 493 18.37 -24.82 -17.97
C TYR A 493 17.30 -23.73 -17.88
N LEU A 494 17.01 -23.25 -16.67
CA LEU A 494 16.01 -22.20 -16.52
C LEU A 494 16.47 -20.88 -17.15
N TRP A 495 17.76 -20.56 -17.00
CA TRP A 495 18.31 -19.34 -17.57
C TRP A 495 18.19 -19.36 -19.09
N GLU A 496 18.50 -20.50 -19.72
CA GLU A 496 18.33 -20.60 -21.16
C GLU A 496 16.86 -20.59 -21.56
N TYR A 497 15.98 -21.14 -20.71
CA TYR A 497 14.56 -21.21 -21.03
C TYR A 497 13.92 -19.83 -21.03
N TYR A 498 14.24 -19.00 -20.05
CA TYR A 498 13.58 -17.71 -19.91
C TYR A 498 14.21 -16.62 -20.77
N GLY A 499 15.39 -16.86 -21.36
CA GLY A 499 16.04 -15.87 -22.19
C GLY A 499 16.41 -14.62 -21.44
N VAL A 500 17.00 -14.79 -20.26
CA VAL A 500 17.28 -13.65 -19.39
C VAL A 500 18.33 -12.72 -19.99
N GLU A 501 19.27 -13.27 -20.77
CA GLU A 501 20.32 -12.44 -21.35
C GLU A 501 19.75 -11.48 -22.39
N THR A 502 18.96 -11.98 -23.33
CA THR A 502 18.37 -11.12 -24.35
C THR A 502 17.36 -10.17 -23.74
N LYS A 503 16.62 -10.62 -22.72
CA LYS A 503 15.69 -9.73 -22.04
C LYS A 503 16.43 -8.60 -21.34
N THR A 504 17.56 -8.90 -20.71
CA THR A 504 18.37 -7.87 -20.08
C THR A 504 18.88 -6.86 -21.09
N ASP A 505 19.38 -7.34 -22.23
CA ASP A 505 19.86 -6.43 -23.26
C ASP A 505 18.72 -5.54 -23.80
N ALA A 506 17.56 -6.14 -24.07
CA ALA A 506 16.43 -5.36 -24.59
C ALA A 506 15.96 -4.34 -23.58
N GLY A 507 15.87 -4.72 -22.31
CA GLY A 507 15.47 -3.78 -21.28
C GLY A 507 16.45 -2.64 -21.11
N ALA A 508 17.75 -2.95 -21.16
CA ALA A 508 18.75 -1.89 -21.07
C ALA A 508 18.65 -0.94 -22.27
N ALA A 509 18.43 -1.48 -23.46
CA ALA A 509 18.33 -0.63 -24.65
C ALA A 509 17.09 0.25 -24.61
N THR A 510 15.96 -0.29 -24.17
CA THR A 510 14.72 0.47 -24.23
C THR A 510 14.58 1.44 -23.06
N TYR A 511 14.83 0.96 -21.83
CA TYR A 511 14.63 1.75 -20.63
C TYR A 511 15.72 2.78 -20.40
N VAL A 512 16.81 2.73 -21.16
CA VAL A 512 17.97 3.59 -20.98
C VAL A 512 18.49 3.41 -19.55
N LEU A 513 19.02 2.23 -19.25
CA LEU A 513 19.50 1.90 -17.91
C LEU A 513 20.62 0.89 -18.05
N PRO A 514 21.52 0.81 -17.07
CA PRO A 514 22.55 -0.23 -17.09
C PRO A 514 21.95 -1.61 -16.94
N GLN A 515 22.66 -2.60 -17.49
CA GLN A 515 22.18 -3.98 -17.52
C GLN A 515 21.99 -4.58 -16.14
N SER A 516 22.71 -4.11 -15.13
CA SER A 516 22.57 -4.63 -13.78
C SER A 516 21.43 -3.99 -13.00
N MET A 517 20.69 -3.07 -13.63
CA MET A 517 19.64 -2.31 -12.97
C MET A 517 18.27 -2.56 -13.59
N VAL A 518 18.18 -3.44 -14.57
CA VAL A 518 16.93 -3.64 -15.30
C VAL A 518 15.88 -4.32 -14.43
N PHE A 519 16.28 -5.35 -13.69
CA PHE A 519 15.37 -6.14 -12.86
C PHE A 519 15.49 -5.80 -11.39
N GLU A 520 15.68 -4.53 -11.04
CA GLU A 520 15.84 -4.14 -9.65
C GLU A 520 14.81 -3.14 -9.16
N TYR A 521 14.15 -2.42 -10.06
CA TYR A 521 13.24 -1.35 -9.67
C TYR A 521 11.84 -1.61 -10.20
N ARG A 522 10.92 -0.74 -9.81
CA ARG A 522 9.52 -0.88 -10.16
C ARG A 522 9.24 -0.17 -11.48
N ALA A 523 7.95 -0.04 -11.82
CA ALA A 523 7.57 0.60 -13.07
C ALA A 523 7.83 2.09 -13.06
N SER A 524 7.77 2.73 -11.90
CA SER A 524 7.95 4.17 -11.80
C SER A 524 9.37 4.62 -12.12
N THR A 525 10.33 3.70 -12.12
CA THR A 525 11.72 4.06 -12.41
C THR A 525 12.13 3.76 -13.85
N ILE A 526 11.53 2.74 -14.48
CA ILE A 526 11.89 2.38 -15.84
C ILE A 526 11.22 3.26 -16.88
N ILE A 527 10.22 4.04 -16.50
CA ILE A 527 9.53 4.90 -17.46
C ILE A 527 10.23 6.23 -17.69
N LYS A 528 11.21 6.57 -16.86
CA LYS A 528 11.79 7.91 -16.90
C LYS A 528 12.66 8.14 -18.13
N GLY A 529 13.33 7.10 -18.64
CA GLY A 529 14.18 7.23 -19.80
C GLY A 529 13.45 7.61 -21.07
N PRO A 530 12.54 6.76 -21.53
CA PRO A 530 11.74 7.12 -22.71
C PRO A 530 10.91 8.38 -22.52
N LEU A 531 10.41 8.64 -21.32
CA LEU A 531 9.69 9.88 -21.07
C LEU A 531 10.60 11.09 -21.25
N LEU A 532 11.82 11.02 -20.73
CA LEU A 532 12.75 12.13 -20.89
C LEU A 532 13.13 12.33 -22.36
N LYS A 533 13.33 11.23 -23.09
CA LYS A 533 13.63 11.35 -24.52
C LYS A 533 12.47 12.00 -25.27
N LEU A 534 11.24 11.59 -24.96
CA LEU A 534 10.07 12.19 -25.58
C LEU A 534 9.97 13.68 -25.26
N LEU A 535 10.18 14.04 -23.99
CA LEU A 535 10.11 15.44 -23.60
C LEU A 535 11.17 16.27 -24.30
N LEU A 536 12.37 15.72 -24.46
CA LEU A 536 13.43 16.46 -25.13
C LEU A 536 13.14 16.63 -26.62
N GLU A 537 12.56 15.61 -27.26
CA GLU A 537 12.30 15.75 -28.69
C GLU A 537 11.10 16.64 -28.96
N THR A 538 10.11 16.64 -28.06
CA THR A 538 8.96 17.53 -28.24
C THR A 538 9.14 18.86 -27.51
N LYS A 539 10.28 19.05 -26.85
CA LYS A 539 10.67 20.29 -26.15
C LYS A 539 9.52 20.85 -25.30
N THR A 540 9.11 20.05 -24.31
CA THR A 540 8.10 20.47 -23.34
C THR A 540 8.56 20.08 -21.95
N ILE A 541 8.12 20.85 -20.96
CA ILE A 541 8.39 20.60 -19.54
C ILE A 541 7.07 20.68 -18.78
N LEU A 542 6.85 19.74 -17.88
CA LEU A 542 5.67 19.70 -17.04
C LEU A 542 6.05 20.03 -15.60
N VAL A 543 5.33 20.97 -15.00
CA VAL A 543 5.67 21.46 -13.67
C VAL A 543 4.48 21.27 -12.74
N ARG A 544 4.72 20.64 -11.59
CA ARG A 544 3.74 20.53 -10.52
C ARG A 544 4.17 21.51 -9.42
N SER A 545 3.29 22.46 -9.11
CA SER A 545 3.64 23.56 -8.23
C SER A 545 2.81 23.61 -6.94
N GLU A 546 2.13 22.53 -6.59
CA GLU A 546 1.31 22.56 -5.39
C GLU A 546 1.35 21.18 -4.75
N THR A 547 1.31 21.18 -3.42
CA THR A 547 1.39 19.92 -2.68
C THR A 547 0.12 19.10 -2.88
N LYS A 548 0.28 17.96 -3.55
CA LYS A 548 -0.86 17.18 -4.01
C LYS A 548 -1.65 16.61 -2.84
N GLN A 549 -2.96 16.60 -2.98
CA GLN A 549 -3.84 16.17 -1.90
C GLN A 549 -3.84 14.64 -1.77
N LYS A 550 -4.41 14.17 -0.66
CA LYS A 550 -4.44 12.75 -0.33
C LYS A 550 -5.78 12.17 -0.78
N PHE A 551 -5.98 12.18 -2.11
CA PHE A 551 -7.21 11.60 -2.64
C PHE A 551 -7.18 10.08 -2.53
N PRO A 552 -8.36 9.45 -2.36
CA PRO A 552 -8.47 7.99 -2.28
C PRO A 552 -7.97 7.29 -3.56
N LYS A 557 -12.67 -2.73 -10.68
CA LYS A 557 -13.59 -3.48 -9.85
C LYS A 557 -13.72 -4.93 -10.32
N VAL A 558 -13.90 -5.84 -9.36
CA VAL A 558 -14.03 -7.25 -9.70
C VAL A 558 -15.35 -7.50 -10.41
N PHE A 559 -15.35 -8.45 -11.33
CA PHE A 559 -16.53 -8.80 -12.11
C PHE A 559 -16.90 -10.25 -11.84
N ALA A 560 -18.17 -10.47 -11.50
CA ALA A 560 -18.67 -11.80 -11.18
C ALA A 560 -19.32 -12.43 -12.40
N PRO A 561 -18.89 -13.62 -12.80
CA PRO A 561 -19.58 -14.32 -13.89
C PRO A 561 -21.01 -14.65 -13.52
N LYS A 562 -21.87 -14.75 -14.53
CA LYS A 562 -23.28 -15.01 -14.29
C LYS A 562 -23.49 -16.37 -13.63
N GLN A 563 -22.78 -17.38 -14.12
CA GLN A 563 -22.88 -18.71 -13.53
C GLN A 563 -21.52 -19.38 -13.60
N LYS A 564 -21.31 -20.35 -12.71
CA LYS A 564 -20.00 -20.99 -12.59
C LYS A 564 -19.85 -22.13 -13.59
N MET A 565 -20.74 -23.11 -13.53
CA MET A 565 -20.68 -24.26 -14.43
C MET A 565 -21.39 -23.93 -15.74
N PHE A 566 -20.85 -24.44 -16.84
CA PHE A 566 -21.34 -24.07 -18.17
C PHE A 566 -21.88 -25.25 -18.96
N SER A 567 -21.09 -26.31 -19.11
CA SER A 567 -21.46 -27.49 -19.92
C SER A 567 -21.75 -27.11 -21.37
N ASN A 568 -21.10 -26.07 -21.87
CA ASN A 568 -21.21 -25.65 -23.27
C ASN A 568 -19.89 -24.99 -23.65
N ASN A 569 -19.78 -24.56 -24.90
CA ASN A 569 -18.52 -24.00 -25.37
C ASN A 569 -18.43 -22.52 -25.01
N VAL A 570 -17.23 -22.10 -24.59
CA VAL A 570 -17.00 -20.71 -24.24
C VAL A 570 -15.88 -20.16 -25.12
N LEU A 571 -16.22 -19.23 -25.99
CA LEU A 571 -15.27 -18.56 -26.86
C LEU A 571 -14.61 -17.42 -26.10
N ILE A 572 -13.29 -17.29 -26.25
CA ILE A 572 -12.53 -16.25 -25.56
C ILE A 572 -12.04 -15.25 -26.59
N PHE A 573 -12.35 -13.97 -26.39
CA PHE A 573 -11.81 -12.89 -27.20
C PHE A 573 -10.96 -11.98 -26.32
N ASP A 574 -9.88 -11.46 -26.88
CA ASP A 574 -8.95 -10.62 -26.13
C ASP A 574 -8.92 -9.22 -26.73
N TYR A 575 -9.08 -8.22 -25.86
CA TYR A 575 -8.86 -6.84 -26.26
C TYR A 575 -7.40 -6.59 -26.53
N ASN A 576 -7.12 -5.81 -27.57
CA ASN A 576 -5.74 -5.47 -27.95
C ASN A 576 -5.35 -4.18 -27.24
N SER A 577 -4.86 -4.33 -26.01
CA SER A 577 -4.32 -3.22 -25.21
C SER A 577 -5.38 -2.11 -25.04
N LEU A 578 -6.41 -2.46 -24.28
CA LEU A 578 -7.58 -1.58 -24.15
C LEU A 578 -7.20 -0.22 -23.58
N TYR A 579 -6.44 -0.19 -22.48
CA TYR A 579 -6.05 1.10 -21.89
C TYR A 579 -5.17 1.96 -22.78
N PRO A 580 -4.10 1.45 -23.41
CA PRO A 580 -3.36 2.33 -24.33
C PRO A 580 -4.20 2.90 -25.47
N ASN A 581 -5.05 2.08 -26.06
CA ASN A 581 -5.87 2.58 -27.18
C ASN A 581 -6.95 3.53 -26.71
N VAL A 582 -7.51 3.32 -25.51
CA VAL A 582 -8.50 4.26 -25.02
C VAL A 582 -7.85 5.58 -24.64
N CYS A 583 -6.61 5.55 -24.13
CA CYS A 583 -5.90 6.79 -23.86
C CYS A 583 -5.59 7.53 -25.16
N ILE A 584 -5.21 6.80 -26.20
CA ILE A 584 -4.96 7.43 -27.50
C ILE A 584 -6.24 8.04 -28.06
N PHE A 585 -7.35 7.30 -27.98
CA PHE A 585 -8.62 7.77 -28.53
C PHE A 585 -9.12 9.01 -27.79
N GLY A 586 -9.05 9.00 -26.46
CA GLY A 586 -9.51 10.13 -25.69
C GLY A 586 -8.51 11.26 -25.54
N ASN A 587 -7.26 11.04 -25.95
CA ASN A 587 -6.19 12.04 -25.79
C ASN A 587 -6.07 12.51 -24.35
N LEU A 588 -6.12 11.55 -23.43
CA LEU A 588 -6.07 11.84 -22.00
C LEU A 588 -4.63 12.07 -21.58
N SER A 589 -4.27 13.33 -21.34
CA SER A 589 -2.93 13.72 -20.91
C SER A 589 -3.08 14.81 -19.87
N PRO A 590 -2.13 14.94 -18.95
CA PRO A 590 -2.24 16.00 -17.93
C PRO A 590 -2.26 17.41 -18.50
N GLU A 591 -1.54 17.65 -19.60
CA GLU A 591 -1.48 19.00 -20.18
C GLU A 591 -2.59 19.28 -21.17
N THR A 592 -3.33 18.27 -21.61
CA THR A 592 -4.45 18.46 -22.51
C THR A 592 -5.79 18.59 -21.80
N LEU A 593 -5.79 18.58 -20.47
CA LEU A 593 -7.03 18.73 -19.70
C LEU A 593 -7.47 20.19 -19.75
N VAL A 594 -8.61 20.44 -20.37
CA VAL A 594 -9.17 21.80 -20.37
C VAL A 594 -9.64 22.17 -18.98
N GLY A 595 -10.38 21.28 -18.32
CA GLY A 595 -10.83 21.56 -16.97
C GLY A 595 -11.71 20.45 -16.44
N VAL A 596 -12.14 20.63 -15.21
CA VAL A 596 -13.04 19.72 -14.52
C VAL A 596 -14.18 20.56 -13.95
N VAL A 597 -15.42 20.15 -14.21
CA VAL A 597 -16.61 20.86 -13.76
C VAL A 597 -17.35 19.98 -12.77
N VAL A 598 -17.61 20.52 -11.58
CA VAL A 598 -18.33 19.78 -10.55
C VAL A 598 -19.66 20.46 -10.31
N SER A 599 -20.63 19.66 -9.85
CA SER A 599 -21.94 20.19 -9.50
C SER A 599 -22.51 19.33 -8.37
N THR A 600 -23.08 20.01 -7.38
CA THR A 600 -23.65 19.37 -6.20
C THR A 600 -25.16 19.31 -6.21
N ASN A 601 -25.82 19.79 -7.26
CA ASN A 601 -27.26 19.70 -7.37
C ASN A 601 -27.65 19.61 -8.84
N ARG A 602 -28.84 19.04 -9.09
CA ARG A 602 -29.23 18.71 -10.45
C ARG A 602 -29.62 19.92 -11.29
N LEU A 603 -30.08 21.01 -10.68
CA LEU A 603 -30.40 22.19 -11.48
C LEU A 603 -29.15 22.79 -12.10
N GLU A 604 -28.13 23.02 -11.28
CA GLU A 604 -26.85 23.49 -11.81
C GLU A 604 -26.20 22.43 -12.68
N GLU A 605 -26.39 21.14 -12.38
CA GLU A 605 -25.88 20.10 -13.25
C GLU A 605 -26.49 20.19 -14.65
N GLU A 606 -27.81 20.41 -14.72
CA GLU A 606 -28.48 20.52 -16.00
C GLU A 606 -28.03 21.76 -16.77
N ILE A 607 -27.93 22.90 -16.10
CA ILE A 607 -27.50 24.10 -16.80
C ILE A 607 -26.05 23.97 -17.25
N ASN A 608 -25.22 23.27 -16.45
CA ASN A 608 -23.85 23.03 -16.85
C ASN A 608 -23.77 22.11 -18.05
N ASN A 609 -24.62 21.08 -18.11
CA ASN A 609 -24.64 20.22 -19.28
C ASN A 609 -25.06 20.99 -20.52
N GLN A 610 -26.05 21.87 -20.39
CA GLN A 610 -26.44 22.71 -21.52
C GLN A 610 -25.28 23.58 -21.98
N LEU A 611 -24.57 24.20 -21.04
CA LEU A 611 -23.47 25.08 -21.41
C LEU A 611 -22.31 24.31 -22.01
N LEU A 612 -22.07 23.08 -21.54
CA LEU A 612 -21.02 22.26 -22.13
C LEU A 612 -21.38 21.88 -23.57
N LEU A 613 -22.63 21.48 -23.81
CA LEU A 613 -23.02 21.14 -25.16
C LEU A 613 -23.00 22.35 -26.08
N GLN A 614 -23.25 23.55 -25.54
CA GLN A 614 -23.21 24.75 -26.36
C GLN A 614 -21.77 25.18 -26.66
N LYS A 615 -20.87 25.05 -25.68
CA LYS A 615 -19.54 25.61 -25.80
C LYS A 615 -18.45 24.61 -26.19
N TYR A 616 -18.57 23.35 -25.79
CA TYR A 616 -17.53 22.34 -26.02
C TYR A 616 -18.14 21.18 -26.79
N PRO A 617 -18.34 21.32 -28.10
CA PRO A 617 -18.99 20.27 -28.87
C PRO A 617 -17.99 19.32 -29.48
N PRO A 618 -18.38 18.08 -29.72
CA PRO A 618 -17.53 17.14 -30.47
C PRO A 618 -17.29 17.65 -31.88
N PRO A 619 -16.25 17.15 -32.57
CA PRO A 619 -15.27 16.14 -32.14
C PRO A 619 -13.98 16.70 -31.57
N ARG A 620 -13.84 18.03 -31.55
CA ARG A 620 -12.61 18.63 -31.07
C ARG A 620 -12.40 18.37 -29.58
N TYR A 621 -13.47 18.45 -28.79
CA TYR A 621 -13.40 18.24 -27.35
C TYR A 621 -14.16 16.97 -26.99
N ILE A 622 -13.73 16.33 -25.90
CA ILE A 622 -14.41 15.14 -25.38
C ILE A 622 -14.68 15.34 -23.90
N THR A 623 -15.91 15.04 -23.48
CA THR A 623 -16.34 15.22 -22.11
C THR A 623 -16.64 13.85 -21.51
N VAL A 624 -16.03 13.57 -20.35
CA VAL A 624 -16.12 12.27 -19.71
C VAL A 624 -16.66 12.45 -18.30
N HIS A 625 -17.69 11.68 -17.97
CA HIS A 625 -18.19 11.64 -16.60
C HIS A 625 -17.26 10.83 -15.72
N CYS A 626 -17.14 11.25 -14.47
CA CYS A 626 -16.35 10.52 -13.48
C CYS A 626 -17.10 10.53 -12.16
N GLU A 627 -16.79 9.54 -11.32
CA GLU A 627 -17.37 9.52 -9.99
C GLU A 627 -16.83 10.69 -9.17
N PRO A 628 -17.68 11.39 -8.42
CA PRO A 628 -17.24 12.60 -7.72
C PRO A 628 -16.19 12.30 -6.66
N ARG A 629 -15.23 13.22 -6.55
CA ARG A 629 -14.11 13.07 -5.62
C ARG A 629 -14.43 13.54 -4.21
N LEU A 630 -15.58 14.16 -3.99
CA LEU A 630 -15.99 14.62 -2.68
C LEU A 630 -17.41 14.15 -2.38
N PRO A 631 -17.71 13.88 -1.11
CA PRO A 631 -19.04 13.34 -0.78
C PRO A 631 -20.20 14.24 -1.16
N ASN A 632 -20.03 15.56 -1.06
CA ASN A 632 -21.14 16.47 -1.35
C ASN A 632 -21.40 16.61 -2.85
N LEU A 633 -20.35 16.50 -3.67
CA LEU A 633 -20.53 16.62 -5.11
C LEU A 633 -21.32 15.44 -5.65
N ILE A 634 -22.18 15.71 -6.63
CA ILE A 634 -22.96 14.66 -7.26
C ILE A 634 -22.58 14.42 -8.72
N SER A 635 -21.93 15.37 -9.39
CA SER A 635 -21.52 15.17 -10.78
C SER A 635 -20.15 15.80 -11.01
N GLU A 636 -19.28 15.06 -11.70
CA GLU A 636 -17.96 15.53 -12.08
C GLU A 636 -17.73 15.21 -13.55
N ILE A 637 -17.39 16.22 -14.34
CA ILE A 637 -17.21 16.07 -15.78
C ILE A 637 -15.86 16.65 -16.16
N ALA A 638 -15.01 15.85 -16.78
CA ALA A 638 -13.70 16.28 -17.22
C ALA A 638 -13.69 16.51 -18.72
N ILE A 639 -13.08 17.61 -19.14
CA ILE A 639 -13.03 17.98 -20.56
C ILE A 639 -11.61 17.84 -21.06
N PHE A 640 -11.44 17.15 -22.20
CA PHE A 640 -10.14 16.93 -22.79
C PHE A 640 -10.14 17.45 -24.22
N ASP A 641 -9.06 18.13 -24.59
CA ASP A 641 -8.87 18.68 -25.92
C ASP A 641 -8.22 17.64 -26.83
N ARG A 642 -8.46 17.76 -28.13
CA ARG A 642 -7.90 16.84 -29.11
C ARG A 642 -7.27 17.56 -30.30
N SER A 643 -7.10 18.88 -30.19
CA SER A 643 -6.49 19.62 -31.29
C SER A 643 -5.03 19.25 -31.47
N ILE A 644 -4.30 19.09 -30.36
CA ILE A 644 -2.87 18.77 -30.38
C ILE A 644 -2.67 17.50 -29.56
N GLU A 645 -1.90 16.56 -30.11
CA GLU A 645 -1.63 15.31 -29.42
C GLU A 645 -0.89 15.56 -28.12
N GLY A 646 -1.29 14.84 -27.07
CA GLY A 646 -0.71 15.01 -25.75
C GLY A 646 0.68 14.40 -25.63
N THR A 647 1.03 14.04 -24.40
CA THR A 647 2.32 13.41 -24.11
C THR A 647 2.20 11.92 -23.85
N ILE A 648 1.30 11.52 -22.95
CA ILE A 648 1.05 10.09 -22.73
C ILE A 648 0.54 9.38 -23.98
N PRO A 649 -0.42 9.92 -24.74
CA PRO A 649 -0.83 9.22 -25.98
C PRO A 649 0.31 9.05 -26.97
N ARG A 650 1.21 10.03 -27.07
CA ARG A 650 2.34 9.87 -27.99
C ARG A 650 3.26 8.73 -27.54
N LEU A 651 3.53 8.64 -26.24
CA LEU A 651 4.36 7.56 -25.72
C LEU A 651 3.72 6.21 -25.98
N LEU A 652 2.42 6.10 -25.72
CA LEU A 652 1.73 4.82 -25.93
C LEU A 652 1.70 4.44 -27.40
N ARG A 653 1.47 5.42 -28.28
CA ARG A 653 1.46 5.15 -29.71
C ARG A 653 2.83 4.68 -30.19
N THR A 654 3.90 5.33 -29.71
CA THR A 654 5.25 4.91 -30.07
C THR A 654 5.53 3.49 -29.60
N PHE A 655 5.15 3.17 -28.36
CA PHE A 655 5.37 1.83 -27.84
C PHE A 655 4.63 0.79 -28.67
N LEU A 656 3.36 1.04 -28.97
CA LEU A 656 2.56 0.10 -29.74
C LEU A 656 3.11 -0.10 -31.14
N ALA A 657 3.50 1.00 -31.80
CA ALA A 657 4.04 0.89 -33.15
C ALA A 657 5.35 0.13 -33.17
N GLU A 658 6.22 0.38 -32.19
CA GLU A 658 7.48 -0.35 -32.13
C GLU A 658 7.25 -1.84 -31.88
N ARG A 659 6.31 -2.18 -30.99
CA ARG A 659 6.02 -3.59 -30.76
C ARG A 659 5.48 -4.26 -32.01
N ALA A 660 4.60 -3.58 -32.74
CA ALA A 660 4.07 -4.14 -33.98
C ALA A 660 5.17 -4.35 -35.00
N ARG A 661 6.09 -3.37 -35.13
CA ARG A 661 7.20 -3.51 -36.06
C ARG A 661 8.09 -4.69 -35.70
N TYR A 662 8.37 -4.85 -34.40
CA TYR A 662 9.24 -5.95 -33.99
C TYR A 662 8.57 -7.30 -34.18
N LYS A 663 7.26 -7.40 -33.95
CA LYS A 663 6.56 -8.65 -34.25
C LYS A 663 6.59 -8.96 -35.74
N LYS A 664 6.36 -7.95 -36.59
CA LYS A 664 6.40 -8.16 -38.03
C LYS A 664 7.79 -8.59 -38.49
N MET A 665 8.83 -8.00 -37.90
CA MET A 665 10.20 -8.39 -38.24
C MET A 665 10.52 -9.79 -37.74
N LEU A 666 10.00 -10.18 -36.58
CA LEU A 666 10.21 -11.52 -36.05
C LEU A 666 9.56 -12.57 -36.93
N LYS A 667 8.39 -12.25 -37.49
CA LYS A 667 7.63 -13.23 -38.27
C LYS A 667 8.42 -13.78 -39.45
N GLN A 668 9.26 -12.97 -40.09
CA GLN A 668 9.98 -13.37 -41.30
C GLN A 668 11.45 -13.69 -41.00
N ALA A 669 11.82 -13.71 -39.73
CA ALA A 669 13.19 -13.97 -39.33
C ALA A 669 13.53 -15.44 -39.52
N THR A 670 14.82 -15.72 -39.71
CA THR A 670 15.27 -17.08 -39.96
C THR A 670 16.21 -17.58 -38.87
N SER A 671 17.23 -16.78 -38.53
CA SER A 671 18.19 -17.18 -37.53
C SER A 671 17.55 -17.24 -36.15
N SER A 672 17.99 -18.22 -35.34
CA SER A 672 17.44 -18.36 -34.00
C SER A 672 17.83 -17.19 -33.11
N THR A 673 19.07 -16.71 -33.23
CA THR A 673 19.51 -15.58 -32.42
C THR A 673 18.70 -14.33 -32.70
N GLU A 674 18.44 -14.05 -33.99
CA GLU A 674 17.64 -12.88 -34.34
C GLU A 674 16.21 -13.04 -33.85
N LYS A 675 15.66 -14.25 -33.92
CA LYS A 675 14.32 -14.48 -33.41
C LYS A 675 14.25 -14.24 -31.91
N ALA A 676 15.25 -14.71 -31.16
CA ALA A 676 15.28 -14.47 -29.72
C ALA A 676 15.40 -12.99 -29.42
N ILE A 677 16.23 -12.27 -30.16
CA ILE A 677 16.40 -10.83 -29.93
C ILE A 677 15.09 -10.09 -30.17
N TYR A 678 14.42 -10.42 -31.29
CA TYR A 678 13.17 -9.75 -31.62
C TYR A 678 12.08 -10.07 -30.61
N ASP A 679 12.01 -11.33 -30.15
CA ASP A 679 11.04 -11.69 -29.13
C ASP A 679 11.31 -10.93 -27.83
N SER A 680 12.58 -10.80 -27.44
CA SER A 680 12.92 -10.05 -26.24
C SER A 680 12.51 -8.59 -26.38
N MET A 681 12.75 -7.99 -27.54
CA MET A 681 12.40 -6.59 -27.74
C MET A 681 10.89 -6.37 -27.67
N GLN A 682 10.13 -7.25 -28.32
CA GLN A 682 8.67 -7.09 -28.29
C GLN A 682 8.11 -7.35 -26.90
N TYR A 683 8.70 -8.30 -26.16
CA TYR A 683 8.29 -8.52 -24.78
C TYR A 683 8.56 -7.29 -23.92
N THR A 684 9.73 -6.66 -24.11
CA THR A 684 10.06 -5.47 -23.35
C THR A 684 9.07 -4.34 -23.64
N TYR A 685 8.73 -4.15 -24.92
CA TYR A 685 7.76 -3.11 -25.27
C TYR A 685 6.39 -3.41 -24.70
N LYS A 686 5.98 -4.68 -24.72
CA LYS A 686 4.69 -5.04 -24.13
C LYS A 686 4.68 -4.78 -22.63
N ILE A 687 5.77 -5.10 -21.94
CA ILE A 687 5.84 -4.84 -20.51
C ILE A 687 5.80 -3.35 -20.20
N VAL A 688 6.59 -2.53 -20.91
CA VAL A 688 6.62 -1.10 -20.61
C VAL A 688 5.34 -0.39 -21.00
N ALA A 689 4.65 -0.82 -22.05
CA ALA A 689 3.42 -0.16 -22.48
C ALA A 689 2.24 -0.48 -21.57
N ASN A 690 2.31 -1.51 -20.75
CA ASN A 690 1.22 -1.88 -19.86
C ASN A 690 1.35 -1.31 -18.46
N SER A 691 2.40 -0.54 -18.17
CA SER A 691 2.59 0.06 -16.87
C SER A 691 2.10 1.50 -16.78
N VAL A 692 1.60 2.06 -17.88
CA VAL A 692 1.23 3.47 -17.90
C VAL A 692 -0.02 3.71 -17.06
N TYR A 693 -1.00 2.82 -17.14
CA TYR A 693 -2.26 3.02 -16.42
C TYR A 693 -2.03 3.01 -14.91
N GLY A 694 -1.17 2.11 -14.42
CA GLY A 694 -0.87 2.11 -13.00
C GLY A 694 -0.11 3.34 -12.56
N LEU A 695 0.77 3.85 -13.43
CA LEU A 695 1.55 5.04 -13.10
C LEU A 695 0.71 6.31 -13.13
N MET A 696 -0.36 6.34 -13.93
CA MET A 696 -1.22 7.52 -13.97
C MET A 696 -1.98 7.70 -12.66
N GLY A 697 -2.14 6.62 -11.89
CA GLY A 697 -2.76 6.68 -10.58
C GLY A 697 -1.80 6.66 -9.41
N PHE A 698 -0.49 6.56 -9.66
CA PHE A 698 0.50 6.57 -8.59
C PHE A 698 0.88 8.01 -8.26
N ARG A 699 0.78 8.35 -6.98
CA ARG A 699 0.89 9.75 -6.56
C ARG A 699 2.29 10.30 -6.82
N ASN A 700 3.32 9.52 -6.52
CA ASN A 700 4.70 9.98 -6.65
C ASN A 700 5.29 9.71 -8.02
N SER A 701 4.50 9.18 -8.95
CA SER A 701 4.97 8.91 -10.29
C SER A 701 5.17 10.20 -11.08
N ALA A 702 5.82 10.07 -12.23
CA ALA A 702 6.07 11.20 -13.11
C ALA A 702 4.94 11.45 -14.10
N LEU A 703 3.89 10.64 -14.07
CA LEU A 703 2.76 10.78 -14.99
C LEU A 703 1.44 10.87 -14.23
N TYR A 704 1.48 11.38 -13.01
CA TYR A 704 0.30 11.37 -12.15
C TYR A 704 -0.77 12.32 -12.66
N SER A 705 -1.99 11.81 -12.79
CA SER A 705 -3.15 12.63 -13.19
C SER A 705 -4.39 11.91 -12.69
N TYR A 706 -5.08 12.50 -11.72
CA TYR A 706 -6.31 11.90 -11.19
C TYR A 706 -7.40 11.83 -12.25
N ALA A 707 -7.66 12.94 -12.92
CA ALA A 707 -8.75 12.98 -13.88
C ALA A 707 -8.48 12.09 -15.08
N SER A 708 -7.23 12.03 -15.54
CA SER A 708 -6.90 11.15 -16.67
C SER A 708 -7.16 9.69 -16.33
N ALA A 709 -6.75 9.25 -15.13
CA ALA A 709 -6.99 7.87 -14.72
C ALA A 709 -8.47 7.57 -14.59
N LYS A 710 -9.22 8.50 -13.97
CA LYS A 710 -10.65 8.29 -13.81
C LYS A 710 -11.36 8.21 -15.16
N SER A 711 -10.98 9.10 -16.10
CA SER A 711 -11.58 9.08 -17.42
C SER A 711 -11.24 7.81 -18.17
N CYS A 712 -9.99 7.36 -18.07
CA CYS A 712 -9.58 6.11 -18.70
C CYS A 712 -10.42 4.94 -18.19
N THR A 713 -10.58 4.85 -16.87
CA THR A 713 -11.39 3.78 -16.30
C THR A 713 -12.85 3.88 -16.76
N SER A 714 -13.40 5.08 -16.77
CA SER A 714 -14.80 5.26 -17.14
C SER A 714 -15.05 4.86 -18.59
N ILE A 715 -14.18 5.30 -19.50
CA ILE A 715 -14.40 4.96 -20.91
C ILE A 715 -14.17 3.47 -21.14
N GLY A 716 -13.22 2.87 -20.43
CA GLY A 716 -13.03 1.43 -20.54
C GLY A 716 -14.26 0.66 -20.10
N ARG A 717 -14.84 1.05 -18.96
CA ARG A 717 -16.05 0.38 -18.50
C ARG A 717 -17.21 0.59 -19.46
N ARG A 718 -17.32 1.80 -20.02
CA ARG A 718 -18.41 2.06 -20.97
C ARG A 718 -18.27 1.20 -22.21
N MET A 719 -17.03 1.05 -22.71
CA MET A 719 -16.79 0.22 -23.89
C MET A 719 -17.10 -1.25 -23.61
N ILE A 720 -16.65 -1.77 -22.46
CA ILE A 720 -16.91 -3.17 -22.17
C ILE A 720 -18.40 -3.42 -21.97
N LEU A 721 -19.10 -2.46 -21.34
CA LEU A 721 -20.54 -2.61 -21.17
C LEU A 721 -21.26 -2.58 -22.50
N TYR A 722 -20.84 -1.71 -23.41
CA TYR A 722 -21.48 -1.64 -24.73
C TYR A 722 -21.27 -2.94 -25.52
N LEU A 723 -20.04 -3.46 -25.52
CA LEU A 723 -19.79 -4.70 -26.25
C LEU A 723 -20.55 -5.87 -25.62
N GLU A 724 -20.56 -5.96 -24.29
CA GLU A 724 -21.29 -7.04 -23.64
C GLU A 724 -22.79 -6.94 -23.92
N SER A 725 -23.32 -5.72 -23.95
CA SER A 725 -24.74 -5.54 -24.24
C SER A 725 -25.08 -5.92 -25.67
N VAL A 726 -24.21 -5.57 -26.62
CA VAL A 726 -24.56 -5.84 -28.01
C VAL A 726 -24.32 -7.31 -28.37
N LEU A 727 -23.37 -7.98 -27.72
CA LEU A 727 -23.16 -9.40 -28.01
C LEU A 727 -24.21 -10.28 -27.35
N ASN A 728 -24.73 -9.88 -26.20
CA ASN A 728 -25.68 -10.71 -25.46
C ASN A 728 -26.99 -10.81 -26.24
N GLY A 729 -27.43 -12.04 -26.50
CA GLY A 729 -28.66 -12.28 -27.23
C GLY A 729 -28.52 -12.31 -28.73
N ALA A 730 -27.31 -12.20 -29.27
CA ALA A 730 -27.12 -12.23 -30.71
C ALA A 730 -27.49 -13.59 -31.28
N GLU A 731 -28.01 -13.58 -32.50
CA GLU A 731 -28.45 -14.81 -33.15
C GLU A 731 -27.84 -14.91 -34.53
N LEU A 732 -27.59 -16.14 -34.98
CA LEU A 732 -27.06 -16.41 -36.30
C LEU A 732 -28.00 -17.38 -36.99
N SER A 733 -28.74 -16.90 -37.99
CA SER A 733 -29.73 -17.72 -38.66
C SER A 733 -29.70 -17.43 -40.15
N ASN A 734 -29.80 -18.51 -40.94
CA ASN A 734 -29.77 -18.46 -42.39
C ASN A 734 -28.44 -17.81 -42.78
N GLY A 735 -28.43 -16.77 -43.62
CA GLY A 735 -27.20 -16.09 -43.93
C GLY A 735 -27.05 -14.77 -43.19
N MET A 736 -27.86 -14.56 -42.17
CA MET A 736 -27.88 -13.31 -41.42
C MET A 736 -27.41 -13.51 -39.98
N LEU A 737 -26.81 -12.45 -39.43
CA LEU A 737 -26.44 -12.39 -38.02
C LEU A 737 -27.03 -11.11 -37.44
N ARG A 738 -27.73 -11.24 -36.33
CA ARG A 738 -28.45 -10.13 -35.72
C ARG A 738 -27.96 -9.89 -34.29
N PHE A 739 -27.74 -8.63 -33.96
CA PHE A 739 -27.35 -8.19 -32.64
C PHE A 739 -28.55 -7.62 -31.89
N ALA A 740 -28.49 -7.71 -30.56
CA ALA A 740 -29.62 -7.33 -29.73
C ALA A 740 -29.80 -5.83 -29.61
N ASN A 741 -28.80 -5.03 -29.97
CA ASN A 741 -28.91 -3.58 -29.83
C ASN A 741 -28.25 -2.93 -31.05
N THR A 742 -28.55 -1.65 -31.25
CA THR A 742 -28.09 -0.92 -32.42
C THR A 742 -26.57 -0.72 -32.38
N LEU A 743 -25.93 -0.93 -33.53
CA LEU A 743 -24.49 -0.78 -33.67
C LEU A 743 -24.09 0.69 -33.77
N SER A 744 -24.36 1.46 -32.73
CA SER A 744 -24.12 2.89 -32.73
C SER A 744 -22.94 3.23 -31.84
N ASN A 745 -22.21 4.28 -32.21
CA ASN A 745 -21.13 4.76 -31.39
C ASN A 745 -21.68 5.34 -30.09
N PRO A 746 -21.18 4.90 -28.94
CA PRO A 746 -21.72 5.34 -27.65
C PRO A 746 -21.13 6.64 -27.10
N PHE A 747 -20.42 7.41 -27.91
CA PHE A 747 -19.89 8.71 -27.50
C PHE A 747 -20.48 9.85 -28.31
N TYR A 748 -20.46 9.75 -29.64
CA TYR A 748 -21.07 10.75 -30.49
C TYR A 748 -21.49 10.10 -31.80
N MET A 749 -22.31 10.83 -32.55
CA MET A 749 -22.81 10.33 -33.83
C MET A 749 -21.68 10.15 -34.83
N ASP A 750 -21.79 9.09 -35.64
CA ASP A 750 -20.81 8.79 -36.67
C ASP A 750 -21.53 8.40 -37.94
N ASP A 751 -20.79 8.38 -39.05
CA ASP A 751 -21.35 8.10 -40.36
C ASP A 751 -21.42 6.60 -40.67
N ARG A 752 -21.03 5.74 -39.74
CA ARG A 752 -21.11 4.31 -39.95
C ARG A 752 -22.56 3.84 -40.01
N ASP A 753 -22.78 2.80 -40.82
CA ASP A 753 -24.08 2.15 -40.85
C ASP A 753 -24.34 1.44 -39.52
N ILE A 754 -25.57 1.56 -39.04
CA ILE A 754 -25.93 1.05 -37.72
C ILE A 754 -26.99 -0.06 -37.81
N ASN A 755 -27.09 -0.70 -38.96
CA ASN A 755 -28.07 -1.78 -39.12
C ASN A 755 -27.61 -3.01 -38.37
N PRO A 756 -28.39 -3.51 -37.41
CA PRO A 756 -27.96 -4.72 -36.67
C PRO A 756 -27.79 -5.95 -37.54
N ILE A 757 -28.57 -6.08 -38.61
CA ILE A 757 -28.52 -7.27 -39.45
C ILE A 757 -27.28 -7.20 -40.33
N VAL A 758 -26.43 -8.23 -40.26
CA VAL A 758 -25.21 -8.29 -41.04
C VAL A 758 -25.19 -9.60 -41.82
N LYS A 759 -24.84 -9.50 -43.10
CA LYS A 759 -24.72 -10.67 -43.97
C LYS A 759 -23.38 -11.34 -43.71
N THR A 760 -23.40 -12.65 -43.49
CA THR A 760 -22.20 -13.41 -43.22
C THR A 760 -21.87 -14.30 -44.40
N SER A 761 -20.74 -15.01 -44.33
CA SER A 761 -20.31 -15.92 -45.39
C SER A 761 -20.43 -17.38 -44.98
N LEU A 762 -21.13 -17.67 -43.90
CA LEU A 762 -21.28 -19.02 -43.37
C LEU A 762 -22.40 -19.76 -44.09
N PRO A 763 -22.37 -21.09 -44.09
CA PRO A 763 -23.47 -21.86 -44.68
C PRO A 763 -24.80 -21.55 -44.01
N ILE A 764 -25.87 -21.55 -44.82
CA ILE A 764 -27.17 -21.06 -44.38
C ILE A 764 -27.90 -22.03 -43.46
N ASP A 765 -27.40 -23.26 -43.30
CA ASP A 765 -28.12 -24.24 -42.49
C ASP A 765 -27.89 -24.06 -40.99
N TYR A 766 -26.92 -23.24 -40.59
CA TYR A 766 -26.60 -23.07 -39.18
C TYR A 766 -27.69 -22.27 -38.46
N ARG A 767 -27.94 -22.66 -37.21
CA ARG A 767 -28.89 -21.95 -36.35
C ARG A 767 -28.24 -21.86 -34.97
N PHE A 768 -27.64 -20.71 -34.67
CA PHE A 768 -26.86 -20.57 -33.44
C PHE A 768 -27.38 -19.41 -32.60
N ARG A 769 -27.36 -19.60 -31.28
CA ARG A 769 -27.72 -18.59 -30.31
C ARG A 769 -26.55 -18.36 -29.36
N PHE A 770 -26.19 -17.11 -29.15
CA PHE A 770 -25.04 -16.75 -28.32
C PHE A 770 -25.50 -16.04 -27.06
N ARG A 771 -24.66 -16.12 -26.03
CA ARG A 771 -24.94 -15.45 -24.77
C ARG A 771 -23.65 -14.83 -24.25
N SER A 772 -23.77 -13.83 -23.39
CA SER A 772 -22.61 -13.18 -22.78
C SER A 772 -22.62 -13.44 -21.28
N VAL A 773 -21.49 -13.89 -20.76
CA VAL A 773 -21.37 -14.26 -19.35
C VAL A 773 -20.37 -13.36 -18.62
N TYR A 774 -19.10 -13.39 -19.02
CA TYR A 774 -18.05 -12.69 -18.31
C TYR A 774 -17.38 -11.67 -19.22
N GLY A 775 -16.96 -10.56 -18.63
CA GLY A 775 -16.25 -9.52 -19.37
C GLY A 775 -15.51 -8.57 -18.46
N ASP A 776 -14.25 -8.30 -18.77
CA ASP A 776 -13.44 -7.38 -17.97
C ASP A 776 -12.56 -6.59 -18.94
N THR A 777 -11.53 -5.94 -18.39
CA THR A 777 -10.67 -5.08 -19.20
C THR A 777 -9.90 -5.87 -20.25
N ASP A 778 -9.41 -7.07 -19.89
CA ASP A 778 -8.50 -7.81 -20.74
C ASP A 778 -9.20 -8.72 -21.76
N SER A 779 -10.33 -9.31 -21.41
CA SER A 779 -10.92 -10.32 -22.28
C SER A 779 -12.43 -10.32 -22.12
N VAL A 780 -13.10 -11.02 -23.04
CA VAL A 780 -14.54 -11.21 -22.99
C VAL A 780 -14.86 -12.66 -23.33
N PHE A 781 -15.85 -13.22 -22.65
CA PHE A 781 -16.28 -14.60 -22.83
C PHE A 781 -17.64 -14.62 -23.51
N THR A 782 -17.82 -15.51 -24.46
CA THR A 782 -19.11 -15.68 -25.14
C THR A 782 -19.52 -17.15 -25.12
N GLU A 783 -20.71 -17.43 -24.62
CA GLU A 783 -21.19 -18.80 -24.46
C GLU A 783 -22.00 -19.21 -25.69
N ILE A 784 -21.69 -20.39 -26.23
CA ILE A 784 -22.41 -20.99 -27.34
C ILE A 784 -22.77 -22.42 -26.95
N ASP A 785 -24.01 -22.82 -27.26
CA ASP A 785 -24.58 -24.10 -26.85
C ASP A 785 -24.31 -25.14 -27.92
N SER A 786 -23.09 -25.68 -27.91
CA SER A 786 -22.70 -26.78 -28.78
C SER A 786 -21.42 -27.38 -28.21
N GLN A 787 -21.15 -28.64 -28.56
CA GLN A 787 -19.93 -29.28 -28.15
C GLN A 787 -18.98 -29.60 -29.31
N ASP A 788 -19.37 -29.32 -30.55
CA ASP A 788 -18.48 -29.49 -31.69
C ASP A 788 -17.52 -28.31 -31.73
N VAL A 789 -16.22 -28.60 -31.73
CA VAL A 789 -15.23 -27.54 -31.55
C VAL A 789 -14.82 -26.94 -32.89
N ASP A 790 -14.93 -27.72 -33.98
CA ASP A 790 -14.61 -27.17 -35.30
C ASP A 790 -15.60 -26.09 -35.70
N LYS A 791 -16.90 -26.35 -35.50
CA LYS A 791 -17.90 -25.33 -35.73
C LYS A 791 -17.67 -24.13 -34.83
N SER A 792 -17.30 -24.38 -33.57
CA SER A 792 -17.05 -23.29 -32.63
C SER A 792 -15.91 -22.40 -33.11
N ILE A 793 -14.82 -22.99 -33.57
CA ILE A 793 -13.67 -22.18 -33.97
C ILE A 793 -13.94 -21.43 -35.27
N GLU A 794 -14.65 -22.07 -36.22
CA GLU A 794 -14.95 -21.35 -37.46
C GLU A 794 -15.91 -20.19 -37.21
N ILE A 795 -16.92 -20.40 -36.36
CA ILE A 795 -17.83 -19.31 -36.02
C ILE A 795 -17.09 -18.24 -35.24
N ALA A 796 -16.11 -18.62 -34.41
CA ALA A 796 -15.33 -17.63 -33.68
C ALA A 796 -14.54 -16.75 -34.63
N LYS A 797 -13.89 -17.35 -35.63
CA LYS A 797 -13.16 -16.56 -36.62
C LYS A 797 -14.08 -15.62 -37.38
N GLU A 798 -15.21 -16.15 -37.86
CA GLU A 798 -16.14 -15.30 -38.62
C GLU A 798 -16.71 -14.17 -37.77
N LEU A 799 -17.05 -14.47 -36.51
CA LEU A 799 -17.62 -13.48 -35.62
C LEU A 799 -16.59 -12.41 -35.26
N GLU A 800 -15.33 -12.82 -35.06
CA GLU A 800 -14.29 -11.83 -34.83
C GLU A 800 -14.14 -10.90 -36.03
N ARG A 801 -14.15 -11.47 -37.25
CA ARG A 801 -14.05 -10.62 -38.43
C ARG A 801 -15.22 -9.65 -38.52
N LEU A 802 -16.44 -10.13 -38.26
CA LEU A 802 -17.61 -9.26 -38.35
C LEU A 802 -17.59 -8.17 -37.28
N ILE A 803 -17.21 -8.52 -36.05
CA ILE A 803 -17.15 -7.52 -34.98
C ILE A 803 -16.11 -6.46 -35.30
N ASN A 804 -14.94 -6.88 -35.80
CA ASN A 804 -13.89 -5.91 -36.12
C ASN A 804 -14.32 -5.01 -37.27
N SER A 805 -14.96 -5.56 -38.29
CA SER A 805 -15.25 -4.78 -39.49
C SER A 805 -16.50 -3.92 -39.34
N ARG A 806 -17.45 -4.35 -38.51
CA ARG A 806 -18.80 -3.80 -38.53
C ARG A 806 -19.18 -3.09 -37.24
N VAL A 807 -18.83 -3.66 -36.09
CA VAL A 807 -19.33 -3.15 -34.82
C VAL A 807 -18.41 -2.09 -34.24
N LEU A 808 -17.14 -2.42 -34.05
CA LEU A 808 -16.21 -1.51 -33.40
C LEU A 808 -15.85 -0.36 -34.34
N PHE A 809 -15.02 0.56 -33.84
CA PHE A 809 -14.72 1.80 -34.54
C PHE A 809 -13.33 2.28 -34.15
N ASN A 810 -12.81 3.20 -34.95
CA ASN A 810 -11.49 3.80 -34.76
C ASN A 810 -10.40 2.75 -34.67
N ASN A 811 -9.79 2.60 -33.49
CA ASN A 811 -8.68 1.69 -33.29
C ASN A 811 -8.94 0.73 -32.14
N PHE A 812 -10.16 0.19 -32.07
CA PHE A 812 -10.51 -0.84 -31.10
C PHE A 812 -10.67 -2.17 -31.82
N LYS A 813 -9.93 -3.17 -31.37
CA LYS A 813 -9.94 -4.48 -32.02
C LYS A 813 -9.99 -5.57 -30.96
N ILE A 814 -10.48 -6.73 -31.37
CA ILE A 814 -10.45 -7.94 -30.55
C ILE A 814 -9.90 -9.07 -31.39
N GLU A 815 -9.32 -10.06 -30.71
CA GLU A 815 -8.77 -11.23 -31.37
C GLU A 815 -9.23 -12.49 -30.66
N PHE A 816 -9.48 -13.54 -31.44
CA PHE A 816 -9.87 -14.83 -30.90
C PHE A 816 -8.71 -15.47 -30.17
N GLU A 817 -8.97 -16.03 -28.98
CA GLU A 817 -7.94 -16.66 -28.18
C GLU A 817 -8.09 -18.17 -28.14
N ALA A 818 -9.21 -18.68 -27.65
CA ALA A 818 -9.33 -20.11 -27.39
C ALA A 818 -10.78 -20.49 -27.19
N VAL A 819 -11.00 -21.80 -27.10
CA VAL A 819 -12.30 -22.37 -26.79
C VAL A 819 -12.16 -23.14 -25.48
N TYR A 820 -13.05 -22.85 -24.53
CA TYR A 820 -13.05 -23.49 -23.22
C TYR A 820 -14.19 -24.49 -23.16
N LYS A 821 -13.87 -25.70 -22.72
CA LYS A 821 -14.83 -26.76 -22.49
C LYS A 821 -14.84 -27.10 -21.00
N ASN A 822 -16.04 -27.30 -20.47
CA ASN A 822 -16.25 -27.63 -19.05
C ASN A 822 -15.59 -26.61 -18.14
N LEU A 823 -16.06 -25.37 -18.24
CA LEU A 823 -15.52 -24.26 -17.48
C LEU A 823 -16.27 -24.10 -16.17
N ILE A 824 -15.55 -24.19 -15.06
CA ILE A 824 -16.07 -23.86 -13.73
C ILE A 824 -15.20 -22.75 -13.20
N MET A 825 -15.82 -21.64 -12.78
CA MET A 825 -15.05 -20.49 -12.34
C MET A 825 -15.78 -19.73 -11.23
N GLN A 826 -14.99 -19.21 -10.29
CA GLN A 826 -15.45 -18.16 -9.39
C GLN A 826 -15.03 -16.79 -9.91
N SER A 827 -13.81 -16.69 -10.44
CA SER A 827 -13.30 -15.49 -11.07
C SER A 827 -12.19 -15.90 -12.03
N LYS A 828 -11.44 -14.93 -12.53
CA LYS A 828 -10.26 -15.26 -13.32
C LYS A 828 -9.12 -15.78 -12.45
N LYS A 829 -9.21 -15.59 -11.13
CA LYS A 829 -8.18 -16.11 -10.25
C LYS A 829 -8.26 -17.62 -10.10
N LYS A 830 -9.48 -18.15 -9.97
CA LYS A 830 -9.70 -19.56 -9.68
C LYS A 830 -10.61 -20.16 -10.74
N TYR A 831 -10.06 -20.99 -11.62
CA TYR A 831 -10.91 -21.74 -12.52
C TYR A 831 -10.17 -22.94 -13.09
N THR A 832 -10.96 -23.90 -13.61
CA THR A 832 -10.51 -25.12 -14.22
C THR A 832 -11.30 -25.36 -15.50
N THR A 833 -10.62 -25.74 -16.57
CA THR A 833 -11.31 -26.09 -17.82
C THR A 833 -10.32 -26.74 -18.79
N MET A 834 -10.85 -27.17 -19.92
CA MET A 834 -10.06 -27.71 -21.03
C MET A 834 -9.98 -26.65 -22.11
N LYS A 835 -8.76 -26.33 -22.52
CA LYS A 835 -8.49 -25.25 -23.45
C LYS A 835 -8.08 -25.81 -24.80
N TYR A 836 -8.76 -25.35 -25.86
CA TYR A 836 -8.38 -25.61 -27.23
C TYR A 836 -7.89 -24.31 -27.84
N SER A 837 -6.69 -24.34 -28.40
CA SER A 837 -6.13 -23.14 -29.02
C SER A 837 -6.88 -22.79 -30.29
N ALA A 838 -6.68 -21.55 -30.75
CA ALA A 838 -7.31 -21.12 -32.00
C ALA A 838 -6.82 -21.96 -33.18
N SER A 839 -5.51 -22.22 -33.23
CA SER A 839 -4.93 -23.07 -34.28
C SER A 839 -4.93 -24.52 -33.80
N SER A 840 -6.10 -25.13 -33.84
CA SER A 840 -6.27 -26.50 -33.39
C SER A 840 -7.45 -27.12 -34.13
N ASN A 841 -7.52 -28.44 -34.07
CA ASN A 841 -8.58 -29.22 -34.67
C ASN A 841 -9.26 -30.03 -33.57
N SER A 842 -10.33 -30.76 -33.93
CA SER A 842 -11.01 -31.61 -32.96
C SER A 842 -10.09 -32.70 -32.44
N LYS A 843 -9.30 -33.30 -33.33
CA LYS A 843 -8.36 -34.36 -32.94
C LYS A 843 -7.04 -33.74 -32.46
N SER A 844 -7.12 -33.03 -31.34
CA SER A 844 -5.98 -32.37 -30.74
C SER A 844 -6.00 -32.57 -29.23
N VAL A 845 -4.82 -32.56 -28.63
CA VAL A 845 -4.72 -32.74 -27.17
C VAL A 845 -5.14 -31.45 -26.48
N PRO A 846 -6.14 -31.49 -25.61
CA PRO A 846 -6.56 -30.29 -24.88
C PRO A 846 -5.51 -29.91 -23.84
N GLU A 847 -5.57 -28.65 -23.40
CA GLU A 847 -4.74 -28.17 -22.31
C GLU A 847 -5.59 -28.14 -21.04
N ARG A 848 -5.18 -28.87 -20.02
CA ARG A 848 -5.90 -28.90 -18.75
C ARG A 848 -5.48 -27.69 -17.93
N ILE A 849 -6.16 -26.56 -18.13
CA ILE A 849 -5.81 -25.35 -17.41
C ILE A 849 -6.56 -25.35 -16.08
N ASN A 850 -5.82 -25.06 -15.01
CA ASN A 850 -6.33 -25.23 -13.65
C ASN A 850 -5.49 -24.35 -12.74
N LYS A 851 -6.07 -23.26 -12.26
CA LYS A 851 -5.33 -22.39 -11.34
C LYS A 851 -6.28 -21.74 -10.35
N GLY A 852 -5.68 -21.04 -9.39
CA GLY A 852 -6.34 -20.63 -8.17
C GLY A 852 -6.08 -21.58 -7.02
N THR A 853 -6.32 -22.87 -7.24
CA THR A 853 -5.99 -23.86 -6.22
C THR A 853 -4.47 -23.99 -6.09
N SER A 854 -4.04 -24.28 -4.86
CA SER A 854 -2.62 -24.31 -4.53
C SER A 854 -1.97 -25.69 -4.72
N GLU A 855 -2.54 -26.72 -4.09
CA GLU A 855 -1.97 -28.07 -4.04
C GLU A 855 -0.61 -28.11 -3.35
N THR A 856 -0.21 -27.00 -2.73
CA THR A 856 1.02 -26.93 -1.94
C THR A 856 0.79 -26.25 -0.61
N ARG A 857 -0.37 -25.64 -0.40
CA ARG A 857 -0.73 -25.04 0.88
C ARG A 857 -0.89 -26.15 1.91
N ARG A 858 0.11 -26.30 2.78
CA ARG A 858 0.39 -27.54 3.48
C ARG A 858 -0.20 -27.61 4.89
N ASP A 859 -1.36 -27.01 5.12
CA ASP A 859 -1.97 -27.18 6.43
C ASP A 859 -3.48 -27.46 6.33
N VAL A 860 -3.89 -28.35 5.42
CA VAL A 860 -5.28 -28.79 5.39
C VAL A 860 -5.39 -30.26 5.75
N SER A 861 -4.90 -31.13 4.87
CA SER A 861 -4.92 -32.57 5.08
C SER A 861 -4.21 -33.31 3.96
N LYS A 862 -4.25 -34.64 4.00
CA LYS A 862 -3.94 -35.47 2.85
C LYS A 862 -5.17 -36.10 2.23
N PHE A 863 -6.16 -36.47 3.04
CA PHE A 863 -7.45 -36.94 2.52
C PHE A 863 -8.16 -35.84 1.76
N HIS A 864 -8.07 -34.60 2.26
CA HIS A 864 -8.79 -33.48 1.68
C HIS A 864 -8.39 -33.25 0.23
N LYS A 865 -7.08 -33.15 -0.03
CA LYS A 865 -6.61 -32.84 -1.38
C LYS A 865 -6.97 -33.94 -2.37
N ASN A 866 -6.74 -35.20 -1.98
CA ASN A 866 -7.05 -36.31 -2.87
C ASN A 866 -8.53 -36.37 -3.19
N MET A 867 -9.39 -36.19 -2.18
CA MET A 867 -10.81 -36.36 -2.46
C MET A 867 -11.35 -35.15 -3.22
N ILE A 868 -10.75 -33.98 -3.01
CA ILE A 868 -11.08 -32.81 -3.84
C ILE A 868 -10.75 -33.09 -5.30
N LYS A 869 -9.58 -33.67 -5.55
CA LYS A 869 -9.22 -34.03 -6.92
C LYS A 869 -10.22 -35.02 -7.51
N THR A 870 -10.62 -36.02 -6.72
CA THR A 870 -11.59 -37.00 -7.19
C THR A 870 -12.93 -36.35 -7.54
N TYR A 871 -13.41 -35.45 -6.67
CA TYR A 871 -14.68 -34.81 -6.91
C TYR A 871 -14.63 -33.86 -8.11
N LYS A 872 -13.52 -33.15 -8.30
CA LYS A 872 -13.39 -32.30 -9.48
C LYS A 872 -13.39 -33.13 -10.75
N THR A 873 -12.71 -34.28 -10.73
CA THR A 873 -12.74 -35.17 -11.89
C THR A 873 -14.15 -35.66 -12.17
N ARG A 874 -14.89 -36.03 -11.11
CA ARG A 874 -16.26 -36.51 -11.29
C ARG A 874 -17.16 -35.42 -11.84
N LEU A 875 -17.02 -34.19 -11.33
CA LEU A 875 -17.80 -33.07 -11.84
C LEU A 875 -17.51 -32.84 -13.31
N SER A 876 -16.22 -32.86 -13.67
CA SER A 876 -15.85 -32.70 -15.08
C SER A 876 -16.43 -33.81 -15.94
N GLU A 877 -16.50 -35.04 -15.41
CA GLU A 877 -16.94 -36.13 -16.26
C GLU A 877 -18.46 -36.11 -16.48
N MET A 878 -19.28 -35.68 -15.50
CA MET A 878 -20.67 -35.59 -15.92
C MET A 878 -21.04 -34.23 -16.50
N LEU A 879 -20.11 -33.27 -16.51
CA LEU A 879 -20.40 -32.01 -17.18
C LEU A 879 -20.54 -32.18 -18.69
N SER A 880 -19.88 -33.17 -19.29
CA SER A 880 -19.80 -33.27 -20.73
C SER A 880 -20.89 -34.13 -21.36
N GLU A 881 -21.82 -34.66 -20.57
CA GLU A 881 -22.86 -35.53 -21.14
C GLU A 881 -23.76 -34.74 -22.08
N GLY A 882 -24.27 -33.60 -21.62
CA GLY A 882 -25.08 -32.74 -22.47
C GLY A 882 -26.49 -32.50 -21.99
N ARG A 883 -27.16 -33.56 -21.52
CA ARG A 883 -28.55 -33.47 -21.07
C ARG A 883 -28.56 -33.25 -19.56
N MET A 884 -28.14 -32.06 -19.16
CA MET A 884 -27.99 -31.71 -17.76
C MET A 884 -29.02 -30.70 -17.24
N ASN A 885 -29.04 -29.48 -17.77
CA ASN A 885 -29.65 -28.29 -17.14
C ASN A 885 -28.85 -27.98 -15.86
N SER A 886 -29.46 -27.44 -14.81
CA SER A 886 -28.71 -26.82 -13.72
C SER A 886 -28.89 -27.49 -12.37
N ASN A 887 -30.13 -27.65 -11.89
CA ASN A 887 -30.37 -28.11 -10.52
C ASN A 887 -30.55 -29.63 -10.43
N GLN A 888 -29.58 -30.37 -10.94
CA GLN A 888 -29.57 -31.83 -10.82
C GLN A 888 -28.21 -32.27 -10.31
N VAL A 889 -27.16 -31.55 -10.74
CA VAL A 889 -25.79 -31.97 -10.44
C VAL A 889 -25.42 -31.52 -9.03
N CYS A 890 -26.04 -30.44 -8.57
CA CYS A 890 -25.98 -30.11 -7.15
C CYS A 890 -26.47 -31.29 -6.33
N ILE A 891 -27.60 -31.88 -6.69
CA ILE A 891 -28.14 -33.02 -5.96
C ILE A 891 -27.18 -34.21 -6.04
N ASP A 892 -26.61 -34.44 -7.22
CA ASP A 892 -25.67 -35.55 -7.39
C ASP A 892 -24.49 -35.39 -6.45
N ILE A 893 -23.89 -34.21 -6.42
CA ILE A 893 -22.74 -33.97 -5.56
C ILE A 893 -23.14 -34.05 -4.09
N LEU A 894 -24.33 -33.55 -3.75
CA LEU A 894 -24.77 -33.58 -2.35
C LEU A 894 -24.91 -35.00 -1.85
N ARG A 895 -25.55 -35.87 -2.64
CA ARG A 895 -25.72 -37.25 -2.16
C ARG A 895 -24.41 -38.03 -2.25
N SER A 896 -23.53 -37.67 -3.18
CA SER A 896 -22.20 -38.28 -3.17
C SER A 896 -21.45 -37.94 -1.89
N LEU A 897 -21.47 -36.66 -1.49
CA LEU A 897 -20.85 -36.26 -0.23
C LEU A 897 -21.49 -36.98 0.95
N GLU A 898 -22.82 -37.08 0.95
CA GLU A 898 -23.51 -37.78 2.04
C GLU A 898 -23.05 -39.22 2.16
N THR A 899 -23.07 -39.96 1.04
CA THR A 899 -22.70 -41.37 1.07
C THR A 899 -21.25 -41.54 1.49
N ASP A 900 -20.35 -40.74 0.92
CA ASP A 900 -18.94 -40.89 1.24
C ASP A 900 -18.66 -40.57 2.70
N LEU A 901 -19.27 -39.49 3.21
CA LEU A 901 -19.07 -39.13 4.61
C LEU A 901 -19.61 -40.20 5.54
N ARG A 902 -20.81 -40.73 5.25
CA ARG A 902 -21.36 -41.80 6.09
C ARG A 902 -20.44 -43.01 6.09
N SER A 903 -19.97 -43.42 4.91
CA SER A 903 -19.12 -44.60 4.83
C SER A 903 -17.81 -44.38 5.56
N GLU A 904 -17.19 -43.21 5.40
CA GLU A 904 -15.92 -42.95 6.04
C GLU A 904 -16.05 -42.87 7.56
N PHE A 905 -17.13 -42.25 8.05
CA PHE A 905 -17.33 -42.18 9.49
C PHE A 905 -17.63 -43.55 10.08
N ASP A 906 -18.40 -44.38 9.36
CA ASP A 906 -18.78 -45.68 9.90
C ASP A 906 -17.59 -46.64 9.88
N SER A 907 -16.85 -46.69 8.78
CA SER A 907 -15.81 -47.70 8.64
C SER A 907 -14.58 -47.39 9.50
N ARG A 908 -14.18 -46.12 9.54
CA ARG A 908 -12.97 -45.69 10.24
C ARG A 908 -11.74 -46.44 9.73
N SER A 909 -11.69 -46.67 8.43
CA SER A 909 -10.63 -47.47 7.83
C SER A 909 -9.44 -46.66 7.33
N SER A 910 -9.54 -45.33 7.33
CA SER A 910 -8.44 -44.53 6.83
C SER A 910 -7.30 -44.48 7.86
N PRO A 911 -6.06 -44.62 7.42
CA PRO A 911 -4.93 -44.52 8.34
C PRO A 911 -4.78 -43.12 8.90
N LEU A 912 -4.07 -43.03 10.02
CA LEU A 912 -3.94 -41.76 10.73
C LEU A 912 -3.19 -40.73 9.90
N GLU A 913 -2.16 -41.15 9.16
CA GLU A 913 -1.30 -40.22 8.43
C GLU A 913 -2.04 -39.47 7.33
N LEU A 914 -3.23 -39.93 6.93
CA LEU A 914 -4.00 -39.18 5.94
C LEU A 914 -4.64 -37.93 6.53
N PHE A 915 -4.65 -37.81 7.85
CA PHE A 915 -5.26 -36.68 8.55
C PHE A 915 -4.20 -35.90 9.31
N MET A 916 -2.95 -36.01 8.86
CA MET A 916 -1.79 -35.57 9.61
C MET A 916 -1.38 -34.18 9.17
N LEU A 917 -1.29 -33.26 10.14
CA LEU A 917 -1.04 -31.85 9.90
C LEU A 917 0.34 -31.45 10.41
N SER A 918 0.80 -30.28 9.95
CA SER A 918 2.13 -29.78 10.28
C SER A 918 2.05 -28.33 10.73
N ARG A 919 3.03 -27.91 11.52
CA ARG A 919 3.19 -26.49 11.82
C ARG A 919 4.61 -26.23 12.30
N MET A 920 5.18 -25.10 11.87
CA MET A 920 6.48 -24.68 12.35
C MET A 920 6.35 -24.02 13.71
N HIS A 921 7.34 -24.26 14.57
CA HIS A 921 7.29 -23.78 15.95
C HIS A 921 8.24 -22.60 16.13
N HIS A 922 7.72 -21.52 16.72
CA HIS A 922 8.53 -20.35 17.02
C HIS A 922 7.92 -19.63 18.21
N SER A 923 8.76 -18.88 18.92
CA SER A 923 8.37 -18.17 20.13
C SER A 923 7.96 -16.73 19.85
N ASN A 924 7.92 -16.32 18.59
CA ASN A 924 7.54 -14.95 18.25
C ASN A 924 6.02 -14.81 18.26
N TYR A 925 5.41 -15.09 19.40
CA TYR A 925 3.96 -15.04 19.54
C TYR A 925 3.57 -13.90 20.47
N LYS A 926 2.64 -13.07 20.00
CA LYS A 926 2.15 -11.94 20.78
C LYS A 926 1.08 -12.42 21.77
N SER A 927 0.35 -11.46 22.35
CA SER A 927 -0.74 -11.73 23.29
C SER A 927 -0.22 -12.41 24.56
N ALA A 928 -1.11 -13.05 25.31
CA ALA A 928 -0.79 -13.54 26.65
C ALA A 928 -0.34 -14.99 26.65
N ASP A 929 -1.16 -15.91 26.15
CA ASP A 929 -0.91 -17.34 26.30
C ASP A 929 -0.62 -18.02 24.98
N ASN A 930 -1.54 -17.94 23.99
CA ASN A 930 -1.42 -18.65 22.72
C ASN A 930 -1.18 -20.14 22.99
N PRO A 931 -2.21 -20.90 23.37
CA PRO A 931 -2.00 -22.21 24.00
C PRO A 931 -1.20 -23.23 23.20
N ASN A 932 -0.83 -22.92 21.96
CA ASN A 932 0.05 -23.82 21.22
C ASN A 932 1.41 -23.94 21.92
N MET A 933 1.95 -22.81 22.39
CA MET A 933 3.18 -22.85 23.16
C MET A 933 3.02 -23.71 24.41
N TYR A 934 1.91 -23.54 25.11
CA TYR A 934 1.65 -24.33 26.31
C TYR A 934 1.60 -25.82 25.98
N LEU A 935 0.93 -26.18 24.89
CA LEU A 935 0.86 -27.58 24.46
C LEU A 935 2.25 -28.13 24.20
N VAL A 936 3.11 -27.35 23.55
CA VAL A 936 4.50 -27.76 23.37
C VAL A 936 5.18 -27.95 24.71
N THR A 937 4.85 -27.09 25.69
CA THR A 937 5.46 -27.23 27.01
C THR A 937 5.08 -28.56 27.67
N GLU A 938 3.80 -28.93 27.67
CA GLU A 938 3.48 -30.19 28.34
C GLU A 938 3.97 -31.38 27.54
N TYR A 939 4.06 -31.24 26.21
CA TYR A 939 4.66 -32.32 25.42
C TYR A 939 6.13 -32.50 25.79
N ASN A 940 6.86 -31.40 25.96
CA ASN A 940 8.27 -31.49 26.32
C ASN A 940 8.45 -32.04 27.73
N LYS A 941 7.60 -31.61 28.67
CA LYS A 941 7.72 -32.06 30.05
C LYS A 941 7.07 -33.41 30.30
N ASN A 942 6.42 -34.00 29.30
CA ASN A 942 5.77 -35.29 29.43
C ASN A 942 6.52 -36.36 28.65
N ASN A 943 7.40 -35.93 27.74
CA ASN A 943 8.08 -36.87 26.87
C ASN A 943 9.58 -36.60 26.88
N PRO A 944 10.43 -37.63 26.93
CA PRO A 944 11.88 -37.38 26.86
C PRO A 944 12.30 -36.66 25.59
N GLU A 945 11.56 -36.83 24.49
CA GLU A 945 11.85 -36.07 23.28
C GLU A 945 11.57 -34.59 23.50
N THR A 946 12.47 -33.74 22.99
CA THR A 946 12.38 -32.31 23.19
C THR A 946 12.38 -31.57 21.85
N ILE A 947 11.44 -30.63 21.72
CA ILE A 947 11.32 -29.79 20.53
C ILE A 947 12.09 -28.51 20.77
N GLU A 948 12.95 -28.15 19.82
CA GLU A 948 13.69 -26.90 19.87
C GLU A 948 12.81 -25.76 19.36
N LEU A 949 13.40 -24.60 19.10
CA LEU A 949 12.67 -23.44 18.62
C LEU A 949 12.79 -23.26 17.11
N GLY A 950 13.05 -24.33 16.37
CA GLY A 950 13.12 -24.26 14.94
C GLY A 950 12.60 -25.51 14.26
N GLU A 951 11.97 -26.39 15.03
CA GLU A 951 11.49 -27.64 14.47
C GLU A 951 10.15 -27.46 13.76
N ARG A 952 9.79 -28.47 12.96
CA ARG A 952 8.51 -28.51 12.25
C ARG A 952 7.72 -29.66 12.86
N TYR A 953 6.80 -29.33 13.77
CA TYR A 953 6.15 -30.37 14.56
C TYR A 953 4.80 -30.73 13.96
N TYR A 954 4.45 -32.01 14.08
CA TYR A 954 3.29 -32.59 13.45
C TYR A 954 2.16 -32.71 14.47
N PHE A 955 0.96 -32.30 14.08
CA PHE A 955 -0.19 -32.32 14.99
C PHE A 955 -1.43 -32.78 14.23
N ALA A 956 -2.45 -33.17 14.98
CA ALA A 956 -3.73 -33.58 14.42
C ALA A 956 -4.82 -33.24 15.43
N TYR A 957 -6.04 -33.67 15.12
CA TYR A 957 -7.21 -33.44 15.97
C TYR A 957 -7.70 -34.81 16.47
N ILE A 958 -7.85 -34.94 17.78
CA ILE A 958 -8.19 -36.21 18.41
C ILE A 958 -9.34 -35.99 19.38
N CYS A 959 -10.22 -36.98 19.51
CA CYS A 959 -11.31 -36.92 20.47
C CYS A 959 -11.68 -38.30 20.96
N PRO A 960 -12.09 -38.44 22.22
CA PRO A 960 -12.44 -39.76 22.74
C PRO A 960 -13.55 -40.43 21.94
N ALA A 961 -13.46 -41.75 21.82
CA ALA A 961 -14.35 -42.48 20.91
C ALA A 961 -15.80 -42.50 21.39
N ASN A 962 -16.03 -42.23 22.68
CA ASN A 962 -17.39 -42.32 23.21
C ASN A 962 -18.31 -41.26 22.64
N VAL A 963 -17.76 -40.15 22.16
CA VAL A 963 -18.62 -39.08 21.63
C VAL A 963 -19.20 -39.53 20.29
N PRO A 964 -20.48 -39.31 20.02
CA PRO A 964 -21.02 -39.56 18.68
C PRO A 964 -20.93 -38.32 17.81
N TRP A 965 -21.49 -38.43 16.60
CA TRP A 965 -21.45 -37.33 15.65
C TRP A 965 -22.09 -36.08 16.24
N THR A 966 -21.38 -34.97 16.18
CA THR A 966 -21.84 -33.70 16.74
C THR A 966 -22.22 -32.74 15.64
N LYS A 967 -23.07 -31.77 16.00
CA LYS A 967 -23.55 -30.78 15.06
C LYS A 967 -22.91 -29.41 15.29
N LYS A 968 -23.02 -28.89 16.51
CA LYS A 968 -22.34 -27.65 16.86
C LYS A 968 -20.87 -27.91 17.10
N LEU A 969 -20.04 -26.92 16.77
CA LEU A 969 -18.60 -27.00 16.99
C LEU A 969 -18.19 -26.08 18.12
N VAL A 970 -17.01 -26.36 18.69
CA VAL A 970 -16.49 -25.59 19.82
C VAL A 970 -15.07 -25.14 19.50
N ASN A 971 -14.42 -24.51 20.47
CA ASN A 971 -13.01 -24.14 20.35
C ASN A 971 -12.18 -25.37 20.00
N ILE A 972 -11.60 -25.39 18.80
CA ILE A 972 -10.97 -26.60 18.30
C ILE A 972 -9.52 -26.72 18.73
N LYS A 973 -8.90 -25.64 19.22
CA LYS A 973 -7.53 -25.72 19.70
C LYS A 973 -7.40 -26.61 20.92
N THR A 974 -8.48 -26.77 21.69
CA THR A 974 -8.46 -27.72 22.80
C THR A 974 -8.39 -29.16 22.33
N TYR A 975 -8.79 -29.44 21.10
CA TYR A 975 -8.79 -30.78 20.54
C TYR A 975 -7.51 -31.11 19.79
N GLU A 976 -6.55 -30.19 19.77
CA GLU A 976 -5.30 -30.39 19.06
C GLU A 976 -4.36 -31.28 19.88
N THR A 977 -3.77 -32.28 19.23
CA THR A 977 -2.79 -33.15 19.85
C THR A 977 -1.54 -33.18 18.98
N ILE A 978 -0.40 -33.46 19.59
CA ILE A 978 0.85 -33.57 18.85
C ILE A 978 1.15 -35.04 18.61
N ILE A 979 1.65 -35.34 17.41
CA ILE A 979 1.87 -36.72 16.99
C ILE A 979 3.36 -36.90 16.74
N ASP A 980 3.95 -37.87 17.43
CA ASP A 980 5.35 -38.23 17.25
C ASP A 980 5.45 -39.40 16.27
N ARG A 981 6.68 -39.88 16.06
CA ARG A 981 6.88 -40.99 15.14
C ARG A 981 6.39 -42.30 15.75
N SER A 982 6.49 -42.45 17.06
CA SER A 982 6.15 -43.69 17.74
C SER A 982 4.75 -43.69 18.34
N PHE A 983 3.97 -42.62 18.14
CA PHE A 983 2.63 -42.57 18.70
C PHE A 983 1.71 -43.53 17.95
N LYS A 984 0.78 -44.14 18.67
CA LYS A 984 -0.21 -45.03 18.10
C LYS A 984 -1.60 -44.65 18.60
N LEU A 985 -2.57 -44.70 17.69
CA LEU A 985 -3.94 -44.38 18.04
C LEU A 985 -4.47 -45.39 19.05
N GLY A 986 -4.79 -44.93 20.25
CA GLY A 986 -5.32 -45.80 21.27
C GLY A 986 -6.75 -46.21 21.00
N SER A 987 -7.19 -47.21 21.76
CA SER A 987 -8.52 -47.79 21.55
C SER A 987 -9.64 -46.93 22.12
N ASN A 988 -9.34 -46.00 23.01
CA ASN A 988 -10.36 -45.13 23.58
C ASN A 988 -10.31 -43.70 23.05
N GLN A 989 -9.85 -43.50 21.81
CA GLN A 989 -9.98 -42.22 21.13
C GLN A 989 -10.01 -42.47 19.63
N ARG A 990 -10.30 -41.42 18.87
CA ARG A 990 -10.45 -41.53 17.42
C ARG A 990 -10.31 -40.15 16.80
N ILE A 991 -10.09 -40.15 15.49
CA ILE A 991 -9.87 -38.93 14.73
C ILE A 991 -11.18 -38.15 14.65
N PHE A 992 -11.13 -36.88 15.04
CA PHE A 992 -12.33 -36.03 15.06
C PHE A 992 -12.62 -35.60 13.62
N TYR A 993 -13.44 -36.41 12.95
CA TYR A 993 -13.72 -36.25 11.53
C TYR A 993 -14.47 -34.98 11.19
N GLU A 994 -15.13 -34.35 12.17
CA GLU A 994 -16.09 -33.29 11.88
C GLU A 994 -15.41 -32.07 11.26
N VAL A 995 -14.26 -31.66 11.78
CA VAL A 995 -13.60 -30.47 11.25
C VAL A 995 -13.12 -30.71 9.82
N TYR A 996 -12.52 -31.88 9.56
CA TYR A 996 -12.06 -32.19 8.21
C TYR A 996 -13.21 -32.22 7.23
N PHE A 997 -14.31 -32.88 7.61
CA PHE A 997 -15.45 -32.98 6.71
C PHE A 997 -16.11 -31.63 6.50
N LYS A 998 -16.14 -30.79 7.54
CA LYS A 998 -16.70 -29.45 7.39
C LYS A 998 -15.89 -28.63 6.41
N ARG A 999 -14.56 -28.68 6.50
CA ARG A 999 -13.73 -27.95 5.55
C ARG A 999 -13.92 -28.49 4.13
N LEU A 1000 -13.98 -29.82 4.00
CA LEU A 1000 -14.18 -30.43 2.69
C LEU A 1000 -15.47 -29.96 2.03
N THR A 1001 -16.59 -30.09 2.76
CA THR A 1001 -17.87 -29.70 2.19
C THR A 1001 -17.97 -28.19 2.01
N SER A 1002 -17.23 -27.41 2.80
CA SER A 1002 -17.19 -25.97 2.59
C SER A 1002 -16.56 -25.63 1.25
N GLU A 1003 -15.43 -26.26 0.94
CA GLU A 1003 -14.79 -25.96 -0.33
C GLU A 1003 -15.64 -26.46 -1.49
N ILE A 1004 -16.31 -27.60 -1.30
CA ILE A 1004 -17.23 -28.11 -2.32
C ILE A 1004 -18.37 -27.14 -2.57
N VAL A 1005 -19.00 -26.63 -1.50
CA VAL A 1005 -20.17 -25.78 -1.69
C VAL A 1005 -19.74 -24.41 -2.21
N ASN A 1006 -18.46 -24.06 -2.06
CA ASN A 1006 -17.95 -22.87 -2.73
C ASN A 1006 -18.10 -22.96 -4.24
N LEU A 1007 -18.13 -24.18 -4.78
CA LEU A 1007 -18.40 -24.40 -6.19
C LEU A 1007 -19.92 -24.40 -6.41
N LEU A 1008 -20.35 -24.87 -7.58
CA LEU A 1008 -21.75 -25.17 -7.89
C LEU A 1008 -22.58 -23.90 -8.05
N ASP A 1009 -23.76 -24.03 -8.65
CA ASP A 1009 -24.60 -22.89 -8.99
C ASP A 1009 -25.79 -22.70 -8.06
N ASN A 1010 -26.42 -23.80 -7.61
CA ASN A 1010 -27.62 -23.68 -6.80
C ASN A 1010 -27.29 -23.03 -5.47
N LYS A 1011 -28.24 -22.27 -4.92
CA LYS A 1011 -28.01 -21.45 -3.75
C LYS A 1011 -28.73 -21.95 -2.50
N VAL A 1012 -30.06 -22.01 -2.51
CA VAL A 1012 -30.80 -22.24 -1.27
C VAL A 1012 -30.62 -23.68 -0.80
N LEU A 1013 -30.60 -24.63 -1.73
CA LEU A 1013 -30.41 -26.03 -1.35
C LEU A 1013 -29.05 -26.24 -0.71
N CYS A 1014 -28.06 -25.40 -1.06
CA CYS A 1014 -26.73 -25.54 -0.47
C CYS A 1014 -26.73 -25.16 1.00
N ILE A 1015 -27.33 -24.02 1.36
CA ILE A 1015 -27.46 -23.67 2.77
C ILE A 1015 -28.33 -24.67 3.49
N SER A 1016 -29.36 -25.20 2.81
CA SER A 1016 -30.19 -26.22 3.44
C SER A 1016 -29.36 -27.46 3.80
N PHE A 1017 -28.53 -27.94 2.88
CA PHE A 1017 -27.73 -29.12 3.15
C PHE A 1017 -26.73 -28.83 4.26
N PHE A 1018 -26.06 -27.68 4.19
CA PHE A 1018 -25.05 -27.36 5.20
C PHE A 1018 -25.68 -27.21 6.59
N GLN A 1019 -26.90 -26.69 6.66
CA GLN A 1019 -27.64 -26.66 7.92
C GLN A 1019 -27.96 -28.06 8.40
N ARG A 1020 -28.40 -28.93 7.49
CA ARG A 1020 -28.80 -30.28 7.90
C ARG A 1020 -27.62 -31.13 8.35
N MET A 1021 -26.45 -30.94 7.77
CA MET A 1021 -25.24 -31.68 8.16
C MET A 1021 -24.50 -31.04 9.34
N PHE A 1022 -24.22 -29.75 9.28
CA PHE A 1022 -23.37 -29.13 10.30
C PHE A 1022 -24.04 -28.02 11.09
N GLY A 1023 -25.19 -27.51 10.67
CA GLY A 1023 -25.86 -26.46 11.41
C GLY A 1023 -25.07 -25.18 11.52
N SER A 1024 -24.47 -24.76 10.40
CA SER A 1024 -23.65 -23.55 10.39
C SER A 1024 -23.87 -22.81 9.09
N ARG A 1025 -23.51 -21.53 9.09
CA ARG A 1025 -23.66 -20.70 7.91
C ARG A 1025 -22.39 -20.76 7.08
N PRO A 1026 -22.43 -21.29 5.85
CA PRO A 1026 -21.22 -21.35 5.03
C PRO A 1026 -20.75 -19.95 4.63
N THR A 1027 -19.43 -19.82 4.48
CA THR A 1027 -18.82 -18.57 4.06
C THR A 1027 -18.56 -18.68 2.56
N PHE A 1028 -19.55 -18.29 1.76
CA PHE A 1028 -19.39 -18.29 0.31
C PHE A 1028 -18.42 -17.20 -0.12
N TYR A 1029 -17.70 -17.49 -1.19
CA TYR A 1029 -16.74 -16.55 -1.79
C TYR A 1029 -15.67 -16.14 -0.78
N MET D 1 18.81 13.51 12.01
CA MET D 1 19.00 14.93 11.77
C MET D 1 18.61 15.76 12.99
N THR D 2 19.20 16.95 13.11
CA THR D 2 18.93 17.85 14.22
C THR D 2 18.71 19.27 13.69
N SER D 3 17.87 19.38 12.67
CA SER D 3 17.53 20.68 12.10
C SER D 3 16.69 21.47 13.10
N SER D 4 17.00 22.75 13.26
CA SER D 4 16.21 23.60 14.14
C SER D 4 14.78 23.76 13.65
N ALA D 5 14.55 23.63 12.35
CA ALA D 5 13.20 23.71 11.82
C ALA D 5 12.32 22.61 12.42
N ASP D 6 12.87 21.42 12.61
CA ASP D 6 12.11 20.32 13.18
C ASP D 6 11.68 20.61 14.61
N LEU D 7 12.58 21.17 15.42
CA LEU D 7 12.23 21.46 16.81
C LEU D 7 11.26 22.64 16.91
N THR D 8 11.43 23.66 16.07
CA THR D 8 10.44 24.74 16.03
C THR D 8 9.07 24.22 15.61
N ASN D 9 9.05 23.33 14.61
CA ASN D 9 7.79 22.72 14.21
C ASN D 9 7.18 21.87 15.32
N LEU D 10 8.03 21.18 16.09
CA LEU D 10 7.52 20.37 17.20
C LEU D 10 6.89 21.25 18.28
N LYS D 11 7.51 22.39 18.57
CA LYS D 11 6.87 23.33 19.50
C LYS D 11 5.57 23.88 18.91
N GLU D 12 5.53 24.12 17.61
CA GLU D 12 4.28 24.55 16.98
C GLU D 12 3.20 23.48 17.13
N LEU D 13 3.57 22.21 16.97
CA LEU D 13 2.62 21.12 17.15
C LEU D 13 2.12 21.05 18.59
N LEU D 14 3.00 21.22 19.58
CA LEU D 14 2.53 21.16 20.96
C LEU D 14 1.62 22.34 21.26
N SER D 15 1.93 23.51 20.72
CA SER D 15 1.06 24.67 20.91
C SER D 15 -0.30 24.43 20.27
N LEU D 16 -0.33 23.84 19.07
CA LEU D 16 -1.60 23.52 18.44
C LEU D 16 -2.38 22.51 19.27
N TYR D 17 -1.70 21.50 19.81
CA TYR D 17 -2.36 20.53 20.68
C TYR D 17 -2.96 21.20 21.90
N LYS D 18 -2.22 22.15 22.51
CA LYS D 18 -2.75 22.91 23.62
C LYS D 18 -3.89 23.85 23.19
N SER D 19 -4.00 24.16 21.90
CA SER D 19 -5.04 25.03 21.38
C SER D 19 -5.90 24.33 20.34
N LEU D 20 -6.25 23.06 20.59
CA LEU D 20 -7.11 22.30 19.70
C LEU D 20 -8.55 22.40 20.15
N ARG D 21 -9.44 22.74 19.22
CA ARG D 21 -10.88 22.68 19.44
C ARG D 21 -11.49 21.78 18.38
N PHE D 22 -12.38 20.88 18.84
CA PHE D 22 -12.99 19.91 17.93
C PHE D 22 -13.89 20.58 16.90
N SER D 23 -14.44 21.76 17.22
CA SER D 23 -15.36 22.42 16.31
C SER D 23 -14.63 22.97 15.08
N ASP D 24 -13.42 23.50 15.27
CA ASP D 24 -12.70 24.12 14.17
C ASP D 24 -12.26 23.09 13.14
N SER D 25 -12.08 23.55 11.91
CA SER D 25 -11.72 22.68 10.79
C SER D 25 -10.35 22.97 10.21
N VAL D 26 -10.00 24.24 9.99
CA VAL D 26 -8.72 24.57 9.37
C VAL D 26 -7.56 24.19 10.28
N ALA D 27 -7.64 24.59 11.56
CA ALA D 27 -6.58 24.24 12.49
C ALA D 27 -6.51 22.74 12.72
N ILE D 28 -7.65 22.08 12.82
CA ILE D 28 -7.67 20.63 13.00
C ILE D 28 -7.04 19.92 11.80
N GLU D 29 -7.40 20.37 10.59
CA GLU D 29 -6.85 19.75 9.39
C GLU D 29 -5.34 19.97 9.29
N LYS D 30 -4.89 21.18 9.59
CA LYS D 30 -3.45 21.46 9.55
C LYS D 30 -2.70 20.63 10.58
N TYR D 31 -3.24 20.55 11.80
CA TYR D 31 -2.59 19.77 12.85
C TYR D 31 -2.52 18.29 12.46
N ASN D 32 -3.62 17.75 11.92
CA ASN D 32 -3.63 16.36 11.50
C ASN D 32 -2.63 16.12 10.38
N SER D 33 -2.56 17.03 9.40
CA SER D 33 -1.61 16.88 8.31
C SER D 33 -0.18 16.89 8.83
N LEU D 34 0.12 17.76 9.79
CA LEU D 34 1.43 17.72 10.44
C LEU D 34 1.64 16.41 11.20
N VAL D 35 0.57 15.82 11.73
CA VAL D 35 0.69 14.52 12.38
C VAL D 35 1.12 13.45 11.39
N GLU D 36 0.49 13.41 10.21
CA GLU D 36 0.95 12.43 9.22
C GLU D 36 2.36 12.75 8.75
N TRP D 37 2.71 14.03 8.63
CA TRP D 37 4.07 14.40 8.24
C TRP D 37 5.08 13.86 9.23
N GLY D 38 4.82 14.07 10.54
CA GLY D 38 5.73 13.58 11.56
C GLY D 38 5.80 12.07 11.61
N THR D 39 4.65 11.40 11.54
CA THR D 39 4.65 9.94 11.61
C THR D 39 5.17 9.31 10.32
N SER D 40 5.32 10.08 9.25
CA SER D 40 6.02 9.59 8.07
C SER D 40 7.52 9.83 8.15
N THR D 41 7.94 10.97 8.71
CA THR D 41 9.37 11.22 8.83
C THR D 41 9.99 10.58 10.06
N TYR D 42 9.21 10.34 11.11
CA TYR D 42 9.72 9.80 12.37
C TYR D 42 9.09 8.47 12.74
N TRP D 43 8.24 7.91 11.89
CA TRP D 43 7.67 6.57 12.03
C TRP D 43 6.64 6.48 13.15
N LYS D 44 6.51 7.54 13.95
CA LYS D 44 5.52 7.60 15.02
C LYS D 44 5.53 9.01 15.62
N ILE D 45 4.37 9.44 16.10
CA ILE D 45 4.23 10.70 16.82
C ILE D 45 3.43 10.42 18.09
N GLY D 46 3.83 11.05 19.19
CA GLY D 46 3.22 10.81 20.49
C GLY D 46 1.73 11.05 20.54
N VAL D 47 1.22 11.95 19.71
CA VAL D 47 -0.22 12.21 19.67
C VAL D 47 -0.89 11.27 18.68
N ILE D 57 -15.06 23.73 26.65
CA ILE D 57 -16.42 24.12 26.97
C ILE D 57 -16.55 24.36 28.47
N SER D 58 -16.80 23.29 29.22
CA SER D 58 -16.95 23.35 30.67
C SER D 58 -15.67 22.90 31.39
N ASP D 59 -14.52 23.09 30.74
CA ASP D 59 -13.26 22.69 31.35
C ASP D 59 -12.94 23.54 32.59
N TYR D 60 -13.23 24.83 32.55
CA TYR D 60 -12.97 25.73 33.67
C TYR D 60 -14.19 25.90 34.56
N TYR D 61 -15.29 25.21 34.27
CA TYR D 61 -16.54 25.34 35.01
C TYR D 61 -16.79 24.09 35.83
N ASP D 62 -17.22 24.29 37.08
CA ASP D 62 -17.54 23.21 37.99
C ASP D 62 -19.04 22.95 37.96
N GLU D 63 -19.50 22.10 38.88
CA GLU D 63 -20.93 21.83 39.00
C GLU D 63 -21.66 23.04 39.56
N VAL D 64 -22.89 23.24 39.09
CA VAL D 64 -23.69 24.39 39.49
C VAL D 64 -24.33 24.12 40.85
N LYS D 65 -24.27 25.11 41.73
CA LYS D 65 -24.77 24.98 43.10
C LYS D 65 -26.19 25.52 43.17
N ASN D 66 -27.08 24.75 43.78
CA ASN D 66 -28.49 25.12 43.87
C ASN D 66 -29.02 25.20 45.30
N LYS D 67 -28.26 24.71 46.29
CA LYS D 67 -28.69 24.77 47.68
C LYS D 67 -27.85 25.78 48.44
N PRO D 68 -28.42 26.46 49.45
CA PRO D 68 -27.64 27.43 50.22
C PRO D 68 -26.47 26.77 50.94
N PHE D 69 -25.34 27.47 50.97
CA PHE D 69 -24.14 26.97 51.61
C PHE D 69 -23.21 28.13 51.91
N ASN D 70 -22.30 27.91 52.86
CA ASN D 70 -21.34 28.93 53.24
C ASN D 70 -20.18 28.99 52.25
N ILE D 71 -19.69 30.19 51.99
CA ILE D 71 -18.57 30.40 51.08
C ILE D 71 -17.43 31.04 51.85
N ASP D 72 -16.22 30.85 51.33
CA ASP D 72 -15.03 31.35 52.00
C ASP D 72 -14.97 32.88 51.90
N PRO D 73 -14.74 33.57 53.02
CA PRO D 73 -14.59 35.03 52.96
C PRO D 73 -13.43 35.44 52.06
N GLY D 74 -13.62 36.56 51.38
CA GLY D 74 -12.60 37.05 50.48
C GLY D 74 -13.12 38.01 49.42
N TYR D 75 -12.49 38.01 48.25
CA TYR D 75 -12.83 38.91 47.16
C TYR D 75 -13.62 38.13 46.11
N TYR D 76 -14.83 38.62 45.80
CA TYR D 76 -15.74 37.96 44.88
C TYR D 76 -16.00 38.88 43.69
N ILE D 77 -15.92 38.32 42.49
CA ILE D 77 -16.33 38.99 41.27
C ILE D 77 -17.60 38.32 40.79
N PHE D 78 -18.71 39.07 40.80
CA PHE D 78 -20.02 38.55 40.44
C PHE D 78 -20.40 39.03 39.05
N LEU D 79 -20.79 38.10 38.19
CA LEU D 79 -21.25 38.40 36.84
C LEU D 79 -22.49 37.57 36.53
N PRO D 80 -23.56 38.21 36.05
CA PRO D 80 -24.80 37.47 35.79
C PRO D 80 -24.70 36.68 34.49
N VAL D 81 -25.01 35.38 34.57
CA VAL D 81 -25.04 34.52 33.40
C VAL D 81 -26.47 34.52 32.86
N TYR D 82 -26.61 34.84 31.57
CA TYR D 82 -27.85 35.24 30.93
C TYR D 82 -28.56 34.02 30.34
N PHE D 83 -29.80 34.25 29.88
CA PHE D 83 -30.57 33.28 29.12
C PHE D 83 -30.24 33.44 27.64
N GLY D 84 -29.94 32.32 26.98
CA GLY D 84 -29.63 32.36 25.57
C GLY D 84 -28.74 31.21 25.18
N SER D 85 -28.33 31.23 23.91
CA SER D 85 -27.45 30.16 23.41
C SER D 85 -26.00 30.62 23.45
N VAL D 86 -25.12 29.75 23.95
CA VAL D 86 -23.72 30.10 24.15
C VAL D 86 -22.94 29.77 22.89
N PHE D 87 -22.21 30.77 22.38
CA PHE D 87 -21.35 30.62 21.21
C PHE D 87 -19.95 31.08 21.60
N ILE D 88 -18.93 30.57 20.89
CA ILE D 88 -17.53 30.75 21.28
C ILE D 88 -16.76 31.36 20.13
N TYR D 89 -15.71 32.13 20.45
CA TYR D 89 -14.75 32.59 19.47
C TYR D 89 -13.36 32.60 20.12
N SER D 90 -12.36 32.16 19.36
CA SER D 90 -11.01 32.02 19.87
C SER D 90 -10.02 32.52 18.82
N LYS D 91 -8.76 32.60 19.22
CA LYS D 91 -7.71 33.07 18.32
C LYS D 91 -7.36 31.99 17.31
N GLY D 92 -6.91 32.42 16.13
CA GLY D 92 -6.46 31.50 15.10
C GLY D 92 -7.50 30.55 14.57
N LYS D 93 -8.78 30.86 14.79
CA LYS D 93 -9.87 29.99 14.38
C LYS D 93 -10.98 30.86 13.79
N ASN D 94 -12.15 30.28 13.61
CA ASN D 94 -13.32 31.01 13.13
C ASN D 94 -14.38 30.96 14.24
N MET D 95 -15.59 31.39 13.90
CA MET D 95 -16.67 31.41 14.88
C MET D 95 -17.03 29.98 15.28
N VAL D 96 -17.25 29.78 16.58
CA VAL D 96 -17.42 28.45 17.15
C VAL D 96 -18.73 28.40 17.93
N GLU D 97 -19.50 27.33 17.71
CA GLU D 97 -20.73 27.16 18.47
C GLU D 97 -20.88 25.70 18.91
N LEU D 98 -22.03 25.40 19.49
CA LEU D 98 -22.27 24.13 20.17
C LEU D 98 -22.94 23.13 19.24
N GLY D 99 -22.19 22.11 18.83
CA GLY D 99 -22.74 20.98 18.12
C GLY D 99 -22.76 21.04 16.61
N SER D 100 -23.59 21.90 16.04
CA SER D 100 -23.83 21.87 14.60
C SER D 100 -22.61 22.34 13.81
N GLY D 101 -21.96 23.40 14.29
CA GLY D 101 -20.84 23.98 13.57
C GLY D 101 -21.21 24.92 12.44
N ASN D 102 -22.41 25.51 12.48
CA ASN D 102 -22.86 26.40 11.42
C ASN D 102 -22.20 27.77 11.57
N SER D 103 -22.56 28.70 10.69
CA SER D 103 -21.96 30.03 10.66
C SER D 103 -23.04 31.08 10.45
N PHE D 104 -22.63 32.34 10.47
CA PHE D 104 -23.54 33.48 10.36
C PHE D 104 -22.71 34.73 10.04
N GLN D 105 -23.41 35.81 9.71
CA GLN D 105 -22.78 37.02 9.16
C GLN D 105 -22.74 38.12 10.21
N ILE D 106 -21.57 38.73 10.37
CA ILE D 106 -21.34 39.87 11.25
C ILE D 106 -20.37 40.83 10.55
N PRO D 107 -20.60 42.13 10.60
CA PRO D 107 -19.68 43.07 9.95
C PRO D 107 -18.27 43.00 10.56
N ASP D 108 -17.28 43.30 9.70
CA ASP D 108 -15.89 43.04 10.00
C ASP D 108 -15.31 43.94 11.08
N GLU D 109 -16.02 44.99 11.51
CA GLU D 109 -15.47 45.83 12.57
C GLU D 109 -15.44 45.08 13.90
N ILE D 110 -16.38 44.16 14.11
CA ILE D 110 -16.30 43.27 15.26
C ILE D 110 -15.08 42.35 15.15
N ARG D 111 -14.76 41.91 13.93
CA ARG D 111 -13.54 41.13 13.73
C ARG D 111 -12.30 41.95 14.06
N SER D 112 -12.29 43.22 13.66
CA SER D 112 -11.16 44.09 14.00
C SER D 112 -11.04 44.28 15.51
N ALA D 113 -12.18 44.46 16.19
CA ALA D 113 -12.17 44.58 17.64
C ALA D 113 -11.63 43.31 18.30
N CYS D 114 -12.05 42.15 17.80
CA CYS D 114 -11.55 40.88 18.33
C CYS D 114 -10.06 40.72 18.08
N ASN D 115 -9.58 41.16 16.91
CA ASN D 115 -8.14 41.14 16.64
C ASN D 115 -7.39 42.02 17.61
N LYS D 116 -7.93 43.20 17.91
CA LYS D 116 -7.33 44.07 18.93
C LYS D 116 -7.32 43.40 20.29
N VAL D 117 -8.42 42.72 20.64
CA VAL D 117 -8.49 42.01 21.92
C VAL D 117 -7.41 40.95 22.00
N LEU D 118 -7.25 40.16 20.93
CA LEU D 118 -6.32 39.04 21.00
C LEU D 118 -4.87 39.49 20.96
N ASP D 119 -4.53 40.45 20.09
CA ASP D 119 -3.13 40.85 19.99
C ASP D 119 -2.71 41.76 21.13
N SER D 120 -3.63 42.58 21.66
CA SER D 120 -3.30 43.41 22.81
C SER D 120 -3.05 42.55 24.05
N ASP D 121 -3.85 41.51 24.24
CA ASP D 121 -3.69 40.60 25.37
C ASP D 121 -3.85 39.17 24.86
N ASN D 122 -2.77 38.39 24.92
CA ASN D 122 -2.82 36.99 24.52
C ASN D 122 -3.25 36.07 25.64
N GLY D 123 -3.39 36.58 26.87
CA GLY D 123 -3.76 35.75 27.99
C GLY D 123 -5.24 35.40 28.04
N ILE D 124 -6.08 36.14 27.31
CA ILE D 124 -7.50 35.85 27.31
C ILE D 124 -7.76 34.53 26.58
N ASP D 125 -8.49 33.63 27.23
CA ASP D 125 -8.69 32.29 26.67
C ASP D 125 -9.57 32.33 25.43
N PHE D 126 -10.73 33.00 25.51
CA PHE D 126 -11.69 33.05 24.43
C PHE D 126 -12.74 34.10 24.77
N LEU D 127 -13.60 34.39 23.81
CA LEU D 127 -14.73 35.29 23.99
C LEU D 127 -16.01 34.51 23.69
N ARG D 128 -16.88 34.38 24.69
CA ARG D 128 -18.12 33.66 24.54
C ARG D 128 -19.29 34.64 24.63
N PHE D 129 -20.30 34.42 23.79
CA PHE D 129 -21.48 35.26 23.72
C PHE D 129 -22.71 34.45 24.08
N VAL D 130 -23.67 35.12 24.72
CA VAL D 130 -24.98 34.56 24.99
C VAL D 130 -25.96 35.20 24.02
N LEU D 131 -26.66 34.39 23.25
CA LEU D 131 -27.39 34.85 22.08
C LEU D 131 -28.88 34.80 22.38
N LEU D 132 -29.59 35.87 22.00
CA LEU D 132 -31.03 35.94 22.19
C LEU D 132 -31.62 37.02 21.29
N ASN D 133 -32.73 36.67 20.64
CA ASN D 133 -33.55 37.56 19.80
C ASN D 133 -32.77 38.52 18.93
N ASN D 134 -31.67 38.06 18.33
CA ASN D 134 -30.86 38.84 17.39
C ASN D 134 -30.31 40.12 18.04
N ARG D 135 -30.20 40.09 19.36
CA ARG D 135 -29.48 41.11 20.11
C ARG D 135 -28.37 40.39 20.85
N TRP D 136 -27.12 40.80 20.59
CA TRP D 136 -26.00 39.88 20.71
C TRP D 136 -24.89 40.60 21.46
N ILE D 137 -24.69 40.26 22.73
CA ILE D 137 -23.84 41.02 23.63
C ILE D 137 -22.90 40.07 24.38
N MET D 138 -21.68 40.54 24.65
CA MET D 138 -20.73 39.78 25.45
C MET D 138 -21.21 39.67 26.89
N GLU D 139 -20.91 38.53 27.52
CA GLU D 139 -21.26 38.31 28.91
C GLU D 139 -20.06 38.10 29.82
N ASP D 140 -19.19 37.15 29.49
CA ASP D 140 -18.07 36.82 30.37
C ASP D 140 -16.98 36.13 29.57
N ALA D 141 -15.77 36.13 30.14
CA ALA D 141 -14.63 35.44 29.53
C ALA D 141 -13.59 35.20 30.62
N ILE D 142 -12.64 34.31 30.31
CA ILE D 142 -11.62 33.89 31.26
C ILE D 142 -10.25 34.28 30.73
N SER D 143 -9.50 35.02 31.53
CA SER D 143 -8.13 35.41 31.21
C SER D 143 -7.19 34.83 32.24
N LYS D 144 -6.21 34.07 31.78
CA LYS D 144 -5.29 33.40 32.71
C LYS D 144 -4.29 34.39 33.32
N TYR D 145 -3.73 35.28 32.50
CA TYR D 145 -2.62 36.11 32.96
C TYR D 145 -3.07 37.13 33.99
N GLN D 146 -4.23 37.75 33.78
CA GLN D 146 -4.64 38.88 34.62
C GLN D 146 -6.11 38.73 34.98
N SER D 147 -6.59 39.66 35.80
CA SER D 147 -7.99 39.68 36.20
C SER D 147 -8.88 39.99 34.99
N PRO D 148 -10.13 39.52 35.01
CA PRO D 148 -11.01 39.73 33.83
C PRO D 148 -11.50 41.16 33.66
N VAL D 149 -10.99 42.13 34.42
CA VAL D 149 -11.46 43.51 34.29
C VAL D 149 -11.08 44.09 32.94
N ASN D 150 -9.86 43.80 32.49
CA ASN D 150 -9.29 44.47 31.32
C ASN D 150 -10.12 44.22 30.06
N ILE D 151 -10.58 42.99 29.87
CA ILE D 151 -11.26 42.64 28.63
C ILE D 151 -12.54 43.45 28.45
N PHE D 152 -13.40 43.51 29.47
CA PHE D 152 -14.66 44.22 29.26
C PHE D 152 -14.48 45.72 29.43
N LYS D 153 -13.45 46.17 30.15
CA LYS D 153 -13.24 47.62 30.21
C LYS D 153 -12.77 48.14 28.85
N LEU D 154 -11.94 47.36 28.14
CA LEU D 154 -11.58 47.77 26.79
C LEU D 154 -12.70 47.52 25.80
N ALA D 155 -13.58 46.56 26.09
CA ALA D 155 -14.77 46.38 25.25
C ALA D 155 -15.70 47.59 25.34
N SER D 156 -16.00 48.04 26.56
CA SER D 156 -16.79 49.25 26.73
C SER D 156 -16.04 50.47 26.25
N GLU D 157 -14.70 50.42 26.26
CA GLU D 157 -13.92 51.49 25.65
C GLU D 157 -14.19 51.58 24.15
N TYR D 158 -14.30 50.43 23.48
CA TYR D 158 -14.62 50.40 22.06
C TYR D 158 -16.01 50.94 21.74
N GLY D 159 -17.01 50.65 22.57
CA GLY D 159 -18.36 51.13 22.38
C GLY D 159 -19.45 50.13 22.74
N LEU D 160 -19.16 48.84 22.68
CA LEU D 160 -20.17 47.83 23.01
C LEU D 160 -20.45 47.81 24.51
N ASN D 161 -21.67 47.43 24.85
CA ASN D 161 -22.12 47.39 26.24
C ASN D 161 -21.48 46.22 26.97
N ILE D 162 -21.36 46.36 28.29
CA ILE D 162 -20.73 45.35 29.13
C ILE D 162 -21.64 45.03 30.31
N PRO D 163 -21.58 43.83 30.88
CA PRO D 163 -22.42 43.51 32.03
C PRO D 163 -22.04 44.29 33.26
N ASN D 164 -23.02 44.45 34.16
CA ASN D 164 -22.82 45.16 35.43
C ASN D 164 -22.12 44.23 36.42
N TYR D 165 -20.79 44.21 36.32
CA TYR D 165 -19.98 43.40 37.21
C TYR D 165 -20.05 43.92 38.64
N LEU D 166 -19.87 43.02 39.60
CA LEU D 166 -19.90 43.35 41.01
C LEU D 166 -18.60 42.89 41.66
N GLU D 167 -18.05 43.72 42.55
CA GLU D 167 -16.84 43.39 43.30
C GLU D 167 -17.15 43.51 44.77
N ILE D 168 -17.19 42.37 45.47
CA ILE D 168 -17.58 42.34 46.88
C ILE D 168 -16.42 41.77 47.69
N GLU D 169 -15.94 42.52 48.67
CA GLU D 169 -14.88 42.08 49.56
C GLU D 169 -15.48 41.86 50.95
N ILE D 170 -15.46 40.61 51.41
CA ILE D 170 -16.04 40.24 52.69
C ILE D 170 -14.94 39.61 53.55
N GLU D 171 -14.97 39.92 54.85
CA GLU D 171 -13.97 39.40 55.78
C GLU D 171 -14.53 38.30 56.69
N GLU D 172 -15.80 37.94 56.53
CA GLU D 172 -16.42 36.89 57.33
C GLU D 172 -17.20 35.95 56.42
N ASP D 173 -17.73 34.90 57.03
CA ASP D 173 -18.48 33.88 56.27
C ASP D 173 -19.73 34.50 55.66
N THR D 174 -19.97 34.18 54.39
CA THR D 174 -21.10 34.70 53.64
C THR D 174 -22.04 33.54 53.32
N LEU D 175 -23.31 33.70 53.68
CA LEU D 175 -24.33 32.68 53.45
C LEU D 175 -25.05 33.00 52.14
N PHE D 176 -25.07 32.05 51.22
CA PHE D 176 -25.60 32.27 49.88
C PHE D 176 -26.95 31.59 49.76
N ASP D 177 -28.00 32.28 50.21
CA ASP D 177 -29.35 31.74 50.13
C ASP D 177 -30.13 32.36 48.98
N ASP D 178 -31.37 31.90 48.82
CA ASP D 178 -32.22 32.36 47.73
C ASP D 178 -32.57 33.84 47.90
N GLU D 179 -32.80 34.27 49.13
CA GLU D 179 -33.18 35.66 49.39
C GLU D 179 -32.06 36.62 49.01
N LEU D 180 -30.82 36.33 49.41
CA LEU D 180 -29.71 37.22 49.06
C LEU D 180 -29.44 37.18 47.56
N TYR D 181 -29.66 36.03 46.92
CA TYR D 181 -29.58 35.96 45.46
C TYR D 181 -30.62 36.86 44.81
N SER D 182 -31.85 36.86 45.34
CA SER D 182 -32.87 37.75 44.81
C SER D 182 -32.51 39.21 45.04
N ILE D 183 -31.88 39.51 46.17
CA ILE D 183 -31.41 40.88 46.43
C ILE D 183 -30.39 41.29 45.38
N MET D 184 -29.42 40.42 45.10
CA MET D 184 -28.44 40.76 44.07
C MET D 184 -29.08 40.90 42.70
N GLU D 185 -30.04 40.04 42.37
CA GLU D 185 -30.70 40.12 41.08
C GLU D 185 -31.49 41.42 40.93
N ARG D 186 -32.15 41.87 41.99
CA ARG D 186 -32.80 43.18 41.97
C ARG D 186 -31.76 44.30 41.92
N SER D 187 -30.59 44.08 42.50
CA SER D 187 -29.51 45.06 42.40
C SER D 187 -29.04 45.22 40.97
N PHE D 188 -29.00 44.12 40.21
CA PHE D 188 -28.72 44.22 38.79
C PHE D 188 -29.76 45.06 38.07
N ASP D 189 -31.04 44.84 38.38
CA ASP D 189 -32.15 45.64 37.87
C ASP D 189 -32.16 45.66 36.34
N ASP D 190 -31.86 44.51 35.74
CA ASP D 190 -31.79 44.37 34.30
C ASP D 190 -32.96 43.52 33.83
N THR D 191 -33.73 44.06 32.87
CA THR D 191 -34.97 43.42 32.44
C THR D 191 -34.72 42.16 31.62
N PHE D 192 -33.50 41.91 31.17
CA PHE D 192 -33.24 40.75 30.34
C PHE D 192 -33.34 39.48 31.20
N PRO D 193 -33.69 38.35 30.60
CA PRO D 193 -33.81 37.11 31.38
C PRO D 193 -32.47 36.67 31.95
N LYS D 194 -32.54 36.05 33.13
CA LYS D 194 -31.35 35.62 33.86
C LYS D 194 -31.41 34.10 33.99
N ILE D 195 -30.24 33.46 34.10
CA ILE D 195 -30.25 32.06 34.54
C ILE D 195 -29.37 31.80 35.74
N SER D 196 -28.28 32.53 35.97
CA SER D 196 -27.42 32.16 37.10
C SER D 196 -26.46 33.31 37.41
N ILE D 197 -25.58 33.08 38.39
CA ILE D 197 -24.56 34.03 38.78
C ILE D 197 -23.22 33.32 38.80
N SER D 198 -22.20 33.94 38.22
CA SER D 198 -20.84 33.40 38.22
C SER D 198 -20.00 34.19 39.20
N TYR D 199 -19.35 33.51 40.13
CA TYR D 199 -18.51 34.18 41.12
C TYR D 199 -17.07 33.71 40.99
N ILE D 200 -16.18 34.70 40.95
CA ILE D 200 -14.77 34.51 40.63
C ILE D 200 -13.95 34.92 41.85
N LYS D 201 -12.98 34.08 42.22
CA LYS D 201 -12.11 34.36 43.35
C LYS D 201 -11.06 35.39 42.95
N LEU D 202 -10.09 35.62 43.83
CA LEU D 202 -8.99 36.55 43.58
C LEU D 202 -7.70 35.75 43.48
N GLY D 203 -7.27 35.48 42.25
CA GLY D 203 -6.06 34.74 42.00
C GLY D 203 -6.23 33.27 41.66
N GLU D 204 -7.46 32.80 41.50
CA GLU D 204 -7.75 31.42 41.15
C GLU D 204 -8.38 31.37 39.76
N LEU D 205 -7.87 30.48 38.92
CA LEU D 205 -8.38 30.33 37.56
C LEU D 205 -9.65 29.50 37.48
N LYS D 206 -10.00 28.78 38.54
CA LYS D 206 -11.21 27.98 38.53
C LYS D 206 -12.44 28.88 38.54
N ARG D 207 -13.39 28.59 37.65
CA ARG D 207 -14.60 29.39 37.51
C ARG D 207 -15.78 28.59 38.04
N GLN D 208 -16.63 29.24 38.84
CA GLN D 208 -17.74 28.57 39.49
C GLN D 208 -19.01 29.43 39.40
N VAL D 209 -20.14 28.74 39.30
CA VAL D 209 -21.44 29.36 39.04
C VAL D 209 -22.46 28.79 40.01
N VAL D 210 -23.55 29.53 40.23
CA VAL D 210 -24.63 29.14 41.12
C VAL D 210 -25.95 29.52 40.46
N ASP D 211 -26.89 28.58 40.45
CA ASP D 211 -28.26 28.83 40.02
C ASP D 211 -29.21 28.22 41.04
N PHE D 212 -30.10 29.05 41.59
CA PHE D 212 -31.10 28.60 42.54
C PHE D 212 -32.43 28.43 41.83
N PHE D 213 -33.05 27.26 41.98
CA PHE D 213 -34.23 26.93 41.21
C PHE D 213 -35.05 25.86 41.94
N LYS D 214 -36.30 25.74 41.52
CA LYS D 214 -37.21 24.71 42.02
C LYS D 214 -38.22 24.42 40.93
N PHE D 215 -38.89 23.27 41.04
CA PHE D 215 -39.82 22.81 40.02
C PHE D 215 -41.24 22.75 40.57
N SER D 216 -42.20 23.00 39.68
CA SER D 216 -43.61 22.91 40.00
C SER D 216 -44.34 22.49 38.73
N PHE D 217 -45.67 22.57 38.74
CA PHE D 217 -46.49 22.20 37.60
C PHE D 217 -47.29 23.41 37.14
N MET D 218 -47.51 23.49 35.83
CA MET D 218 -48.20 24.64 35.25
C MET D 218 -49.10 24.15 34.12
N TYR D 219 -50.01 25.02 33.69
CA TYR D 219 -50.95 24.73 32.62
C TYR D 219 -50.77 25.71 31.47
N ILE D 220 -50.75 25.17 30.25
CA ILE D 220 -50.56 25.96 29.04
C ILE D 220 -51.91 26.17 28.36
N GLU D 221 -51.95 27.16 27.48
CA GLU D 221 -53.12 27.45 26.68
C GLU D 221 -52.91 27.09 25.22
N SER D 222 -51.82 27.57 24.62
CA SER D 222 -51.46 27.25 23.25
C SER D 222 -50.03 27.71 23.02
N ILE D 223 -49.57 27.56 21.78
CA ILE D 223 -48.26 28.01 21.35
C ILE D 223 -48.47 28.85 20.11
N LYS D 224 -48.00 30.10 20.14
CA LYS D 224 -48.08 30.97 18.98
C LYS D 224 -46.67 31.30 18.51
N VAL D 225 -46.55 32.19 17.53
CA VAL D 225 -45.26 32.62 17.01
C VAL D 225 -45.24 34.14 16.92
N ASP D 226 -44.10 34.75 17.22
CA ASP D 226 -43.97 36.19 17.19
C ASP D 226 -42.71 36.61 16.44
N ARG D 227 -42.72 37.86 15.98
CA ARG D 227 -41.70 38.40 15.10
C ARG D 227 -40.50 38.87 15.90
N ILE D 228 -39.31 38.66 15.34
CA ILE D 228 -38.08 39.18 15.95
C ILE D 228 -37.43 40.17 15.00
N GLY D 229 -37.27 39.78 13.74
CA GLY D 229 -36.62 40.62 12.76
C GLY D 229 -37.08 40.28 11.37
N ASP D 230 -36.25 40.57 10.36
CA ASP D 230 -36.61 40.32 8.97
C ASP D 230 -36.75 38.82 8.77
N ASN D 231 -38.00 38.36 8.64
CA ASN D 231 -38.41 36.98 8.38
C ASN D 231 -38.21 36.12 9.63
N ILE D 232 -37.49 36.62 10.64
CA ILE D 232 -37.19 35.86 11.84
C ILE D 232 -38.45 35.74 12.69
N PHE D 233 -38.86 34.52 12.98
CA PHE D 233 -40.05 34.23 13.76
C PHE D 233 -39.71 33.17 14.81
N ILE D 234 -40.21 33.36 16.02
CA ILE D 234 -39.92 32.41 17.10
C ILE D 234 -41.21 32.02 17.80
N PRO D 235 -41.45 30.74 18.05
CA PRO D 235 -42.64 30.34 18.81
C PRO D 235 -42.47 30.56 20.31
N SER D 236 -43.61 30.67 20.97
CA SER D 236 -43.68 30.90 22.40
C SER D 236 -44.99 30.31 22.92
N VAL D 237 -44.93 29.65 24.07
CA VAL D 237 -46.09 29.03 24.69
C VAL D 237 -46.63 29.96 25.77
N ILE D 238 -47.96 30.10 25.80
CA ILE D 238 -48.62 30.98 26.76
C ILE D 238 -49.20 30.13 27.89
N THR D 239 -49.16 30.69 29.10
CA THR D 239 -49.53 29.98 30.31
C THR D 239 -50.88 30.46 30.83
N LYS D 240 -51.28 29.90 31.98
CA LYS D 240 -52.49 30.34 32.66
C LYS D 240 -52.35 31.79 33.12
N SER D 241 -51.20 32.15 33.68
CA SER D 241 -51.00 33.51 34.18
C SER D 241 -50.74 34.52 33.06
N GLY D 242 -50.57 34.06 31.83
CA GLY D 242 -50.32 34.94 30.71
C GLY D 242 -48.88 35.41 30.57
N LYS D 243 -47.97 34.92 31.41
CA LYS D 243 -46.57 35.32 31.32
C LYS D 243 -45.95 34.74 30.05
N LYS D 244 -45.08 35.53 29.42
CA LYS D 244 -44.42 35.10 28.19
C LYS D 244 -43.31 34.12 28.54
N ILE D 245 -43.46 32.87 28.09
CA ILE D 245 -42.47 31.84 28.37
C ILE D 245 -41.35 31.92 27.34
N LEU D 246 -40.12 31.96 27.82
CA LEU D 246 -38.95 32.27 26.99
C LEU D 246 -38.41 31.00 26.36
N VAL D 247 -38.79 30.76 25.10
CA VAL D 247 -38.29 29.60 24.36
C VAL D 247 -36.93 29.93 23.76
N LYS D 248 -35.96 29.05 23.97
CA LYS D 248 -34.62 29.28 23.42
C LYS D 248 -34.65 29.30 21.90
N ASP D 249 -35.21 28.26 21.29
CA ASP D 249 -35.33 28.16 19.84
C ASP D 249 -36.34 27.08 19.53
N VAL D 250 -36.52 26.81 18.23
CA VAL D 250 -37.40 25.72 17.83
C VAL D 250 -36.84 24.38 18.28
N ASP D 251 -35.52 24.27 18.39
CA ASP D 251 -34.91 23.04 18.89
C ASP D 251 -35.35 22.78 20.34
N HIS D 252 -35.41 23.84 21.15
CA HIS D 252 -35.82 23.68 22.54
C HIS D 252 -37.24 23.14 22.64
N LEU D 253 -38.17 23.67 21.86
CA LEU D 253 -39.54 23.15 21.89
C LEU D 253 -39.65 21.77 21.26
N ILE D 254 -38.86 21.50 20.23
CA ILE D 254 -38.98 20.22 19.53
C ILE D 254 -38.41 19.09 20.38
N ARG D 255 -37.44 19.38 21.26
CA ARG D 255 -37.02 18.36 22.22
C ARG D 255 -37.78 18.46 23.54
N SER D 256 -38.52 19.54 23.77
CA SER D 256 -39.39 19.61 24.94
C SER D 256 -40.57 18.67 24.81
N LYS D 257 -41.09 18.49 23.59
CA LYS D 257 -42.16 17.53 23.31
C LYS D 257 -43.40 17.82 24.15
N VAL D 258 -43.80 19.09 24.20
CA VAL D 258 -44.93 19.50 25.03
C VAL D 258 -46.24 18.99 24.44
N ARG D 259 -47.17 18.65 25.32
CA ARG D 259 -48.49 18.17 24.93
C ARG D 259 -49.53 19.24 25.26
N GLU D 260 -50.38 19.55 24.28
CA GLU D 260 -51.35 20.63 24.44
C GLU D 260 -52.45 20.23 25.42
N HIS D 261 -53.02 21.24 26.08
CA HIS D 261 -54.19 21.07 26.96
C HIS D 261 -53.83 20.19 28.16
N THR D 262 -52.55 20.20 28.55
CA THR D 262 -52.09 19.39 29.65
C THR D 262 -51.12 20.18 30.51
N PHE D 263 -51.03 19.79 31.78
CA PHE D 263 -50.06 20.37 32.69
C PHE D 263 -48.67 19.82 32.41
N VAL D 264 -47.65 20.66 32.57
CA VAL D 264 -46.27 20.24 32.42
C VAL D 264 -45.44 20.84 33.55
N LYS D 265 -44.36 20.15 33.90
CA LYS D 265 -43.41 20.65 34.88
C LYS D 265 -42.69 21.89 34.36
N VAL D 266 -42.33 22.77 35.30
CA VAL D 266 -41.71 24.04 34.98
C VAL D 266 -40.73 24.37 36.10
N LYS D 267 -39.58 24.94 35.73
CA LYS D 267 -38.59 25.40 36.69
C LYS D 267 -38.89 26.86 36.98
N LYS D 268 -39.46 27.14 38.14
CA LYS D 268 -39.92 28.48 38.47
C LYS D 268 -38.83 29.28 39.18
N LYS D 269 -38.68 30.53 38.77
CA LYS D 269 -37.71 31.45 39.34
C LYS D 269 -38.43 32.37 40.32
N ASN D 270 -37.67 33.31 40.89
CA ASN D 270 -38.29 34.31 41.77
C ASN D 270 -39.27 35.18 41.01
N THR D 271 -38.92 35.58 39.79
CA THR D 271 -39.80 36.38 38.94
C THR D 271 -40.21 35.68 37.66
N PHE D 272 -39.52 34.61 37.28
CA PHE D 272 -39.74 33.91 36.02
C PHE D 272 -40.22 32.49 36.30
N SER D 273 -40.64 31.80 35.23
CA SER D 273 -40.97 30.38 35.28
C SER D 273 -40.63 29.80 33.91
N ILE D 274 -39.44 29.21 33.81
CA ILE D 274 -38.89 28.75 32.53
C ILE D 274 -39.21 27.28 32.35
N LEU D 275 -39.67 26.93 31.15
CA LEU D 275 -39.86 25.52 30.81
C LEU D 275 -38.50 24.87 30.57
N TYR D 276 -38.25 23.79 31.30
CA TYR D 276 -36.96 23.11 31.27
C TYR D 276 -37.01 21.94 30.30
N ASP D 277 -35.87 21.28 30.12
CA ASP D 277 -35.79 20.16 29.20
C ASP D 277 -36.66 18.99 29.67
N TYR D 278 -37.23 18.28 28.71
CA TYR D 278 -38.12 17.17 29.03
C TYR D 278 -37.35 16.08 29.77
N ASP D 279 -37.94 15.58 30.86
CA ASP D 279 -37.33 14.54 31.68
C ASP D 279 -38.17 13.27 31.70
N GLY D 280 -39.14 13.16 30.81
CA GLY D 280 -40.02 12.00 30.77
C GLY D 280 -39.41 10.83 30.04
N ASN D 281 -40.23 9.81 29.83
CA ASN D 281 -39.83 8.58 29.15
C ASN D 281 -40.77 8.29 27.99
N GLY D 282 -41.05 9.33 27.20
CA GLY D 282 -41.96 9.17 26.07
C GLY D 282 -41.38 8.31 24.98
N THR D 283 -42.27 7.64 24.25
CA THR D 283 -41.88 6.77 23.15
C THR D 283 -42.44 7.22 21.81
N GLU D 284 -43.15 8.34 21.75
CA GLU D 284 -43.67 8.85 20.49
C GLU D 284 -42.53 9.31 19.60
N THR D 285 -42.53 8.86 18.34
CA THR D 285 -41.45 9.23 17.43
C THR D 285 -41.69 10.62 16.85
N ARG D 286 -40.73 11.07 16.05
CA ARG D 286 -40.66 12.48 15.68
C ARG D 286 -41.72 12.82 14.62
N GLY D 287 -42.13 11.81 13.84
CA GLY D 287 -42.88 12.10 12.63
C GLY D 287 -44.27 12.66 12.89
N GLU D 288 -45.16 11.84 13.47
CA GLU D 288 -46.53 12.29 13.67
C GLU D 288 -46.60 13.51 14.58
N VAL D 289 -45.64 13.68 15.50
CA VAL D 289 -45.67 14.86 16.36
C VAL D 289 -45.26 16.11 15.58
N ILE D 290 -44.32 16.01 14.65
CA ILE D 290 -44.01 17.20 13.85
C ILE D 290 -45.15 17.53 12.90
N LYS D 291 -45.80 16.52 12.32
CA LYS D 291 -47.01 16.84 11.55
C LYS D 291 -48.08 17.49 12.43
N ARG D 292 -48.26 17.01 13.67
CA ARG D 292 -49.24 17.60 14.57
C ARG D 292 -48.92 19.07 14.86
N ILE D 293 -47.67 19.37 15.21
CA ILE D 293 -47.33 20.74 15.54
C ILE D 293 -47.42 21.63 14.29
N ILE D 294 -47.08 21.10 13.13
CA ILE D 294 -47.13 21.92 11.91
C ILE D 294 -48.57 22.22 11.53
N ASP D 295 -49.47 21.22 11.60
CA ASP D 295 -50.86 21.49 11.24
C ASP D 295 -51.54 22.35 12.31
N THR D 296 -51.09 22.27 13.56
CA THR D 296 -51.56 23.20 14.57
C THR D 296 -51.10 24.63 14.27
N ILE D 297 -49.86 24.79 13.81
CA ILE D 297 -49.32 26.12 13.56
C ILE D 297 -49.57 26.61 12.14
N GLY D 298 -49.95 25.72 11.22
CA GLY D 298 -50.36 26.11 9.88
C GLY D 298 -49.39 25.61 8.81
N ARG D 299 -49.88 25.65 7.58
CA ARG D 299 -49.12 25.24 6.41
C ARG D 299 -48.04 26.24 6.01
N ASP D 300 -48.08 27.46 6.54
CA ASP D 300 -47.18 28.52 6.11
C ASP D 300 -45.84 28.49 6.84
N TYR D 301 -45.63 27.53 7.73
CA TYR D 301 -44.47 27.52 8.59
C TYR D 301 -43.64 26.25 8.37
N TYR D 302 -42.33 26.44 8.31
CA TYR D 302 -41.39 25.33 8.23
C TYR D 302 -40.21 25.63 9.13
N VAL D 303 -39.67 24.59 9.76
CA VAL D 303 -38.55 24.75 10.69
C VAL D 303 -37.25 24.80 9.87
N ASN D 304 -36.71 26.00 9.72
CA ASN D 304 -35.38 26.18 9.11
C ASN D 304 -34.33 26.33 10.21
N GLY D 305 -34.27 25.34 11.08
CA GLY D 305 -33.29 25.32 12.16
C GLY D 305 -33.81 25.87 13.46
N LYS D 306 -33.40 27.08 13.81
CA LYS D 306 -33.72 27.69 15.10
C LYS D 306 -34.91 28.63 15.05
N TYR D 307 -35.51 28.84 13.88
CA TYR D 307 -36.61 29.78 13.73
C TYR D 307 -37.61 29.21 12.73
N PHE D 308 -38.53 30.07 12.27
CA PHE D 308 -39.46 29.71 11.22
C PHE D 308 -39.40 30.78 10.12
N SER D 309 -40.18 30.58 9.07
CA SER D 309 -40.14 31.48 7.93
C SER D 309 -41.50 31.49 7.23
N LYS D 310 -41.67 32.48 6.36
CA LYS D 310 -42.90 32.68 5.61
C LYS D 310 -42.95 31.78 4.38
N VAL D 311 -44.09 31.81 3.69
CA VAL D 311 -44.27 31.08 2.45
C VAL D 311 -44.89 32.06 1.44
N GLY D 312 -44.97 33.32 1.83
CA GLY D 312 -45.68 34.31 1.03
C GLY D 312 -45.03 34.51 -0.33
N ILE D 313 -45.82 35.01 -1.27
CA ILE D 313 -45.37 35.13 -2.66
C ILE D 313 -44.40 36.30 -2.81
N ALA D 314 -44.88 37.53 -2.58
CA ALA D 314 -44.10 38.76 -2.72
C ALA D 314 -43.24 38.78 -3.98
N GLY D 315 -42.15 38.00 -3.97
CA GLY D 315 -41.31 37.84 -5.13
C GLY D 315 -40.25 38.90 -5.33
N LEU D 316 -40.65 40.08 -5.78
CA LEU D 316 -39.67 41.13 -6.04
C LEU D 316 -39.19 41.83 -4.78
N LYS D 317 -39.91 41.71 -3.67
CA LYS D 317 -39.58 42.49 -2.49
C LYS D 317 -38.66 41.73 -1.54
N GLN D 318 -37.59 41.15 -2.06
CA GLN D 318 -36.53 40.57 -1.24
C GLN D 318 -35.13 40.96 -1.71
N LEU D 319 -34.95 41.20 -3.01
CA LEU D 319 -33.62 41.55 -3.50
C LEU D 319 -33.14 42.86 -2.92
N THR D 320 -34.01 43.88 -2.90
CA THR D 320 -33.63 45.18 -2.37
C THR D 320 -33.23 45.08 -0.90
N ASN D 321 -33.89 44.19 -0.16
CA ASN D 321 -33.51 43.97 1.24
C ASN D 321 -32.12 43.36 1.34
N LYS D 322 -31.82 42.39 0.47
CA LYS D 322 -30.53 41.70 0.52
C LYS D 322 -29.44 42.42 -0.25
N LEU D 323 -29.79 43.33 -1.16
CA LEU D 323 -28.81 44.18 -1.83
C LEU D 323 -28.58 45.48 -1.08
N ASP D 324 -29.20 45.65 0.09
CA ASP D 324 -28.94 46.77 0.99
C ASP D 324 -29.17 48.11 0.30
N ILE D 325 -30.24 48.20 -0.48
CA ILE D 325 -30.57 49.42 -1.19
C ILE D 325 -32.06 49.69 -1.05
N ASN D 326 -32.47 50.89 -1.46
CA ASN D 326 -33.84 51.34 -1.29
C ASN D 326 -34.79 50.57 -2.21
N GLU D 327 -36.07 50.93 -2.14
CA GLU D 327 -37.10 50.26 -2.92
C GLU D 327 -36.89 50.49 -4.41
N CYS D 328 -37.14 49.45 -5.20
CA CYS D 328 -37.06 49.52 -6.64
C CYS D 328 -38.36 49.01 -7.25
N ALA D 329 -38.66 49.50 -8.46
CA ALA D 329 -39.95 49.25 -9.09
C ALA D 329 -39.82 48.49 -10.41
N THR D 330 -38.75 48.70 -11.16
CA THR D 330 -38.61 48.12 -12.49
C THR D 330 -37.22 47.50 -12.63
N VAL D 331 -37.16 46.41 -13.39
CA VAL D 331 -35.90 45.70 -13.59
C VAL D 331 -34.87 46.60 -14.28
N ASP D 332 -35.33 47.45 -15.20
CA ASP D 332 -34.40 48.33 -15.90
C ASP D 332 -33.74 49.32 -14.93
N GLU D 333 -34.55 50.02 -14.14
CA GLU D 333 -33.98 50.92 -13.14
C GLU D 333 -33.26 50.15 -12.05
N LEU D 334 -33.65 48.90 -11.80
CA LEU D 334 -32.90 48.06 -10.88
C LEU D 334 -31.47 47.84 -11.35
N VAL D 335 -31.30 47.41 -12.61
CA VAL D 335 -29.96 47.16 -13.11
C VAL D 335 -29.20 48.47 -13.27
N ASP D 336 -29.89 49.56 -13.58
CA ASP D 336 -29.22 50.86 -13.65
C ASP D 336 -28.67 51.27 -12.29
N GLU D 337 -29.47 51.09 -11.23
CA GLU D 337 -28.99 51.39 -9.89
C GLU D 337 -27.84 50.48 -9.48
N ILE D 338 -27.93 49.20 -9.80
CA ILE D 338 -26.82 48.29 -9.50
C ILE D 338 -25.56 48.72 -10.22
N ASN D 339 -25.68 49.14 -11.48
CA ASN D 339 -24.52 49.59 -12.24
C ASN D 339 -23.90 50.84 -11.62
N LYS D 340 -24.73 51.82 -11.23
CA LYS D 340 -24.18 53.07 -10.73
C LYS D 340 -23.58 52.93 -9.33
N SER D 341 -24.14 52.07 -8.49
CA SER D 341 -23.63 51.83 -7.15
C SER D 341 -22.44 50.88 -7.24
N GLY D 342 -21.24 51.40 -7.00
CA GLY D 342 -20.03 50.66 -7.29
C GLY D 342 -19.61 49.66 -6.23
N THR D 343 -20.11 49.80 -5.00
CA THR D 343 -19.66 48.96 -3.91
C THR D 343 -20.33 47.58 -3.93
N VAL D 344 -21.28 47.37 -4.84
CA VAL D 344 -22.11 46.17 -4.78
C VAL D 344 -21.60 45.02 -5.65
N LYS D 345 -21.06 45.31 -6.84
CA LYS D 345 -20.80 44.25 -7.81
C LYS D 345 -19.79 43.22 -7.30
N ARG D 346 -19.01 43.56 -6.28
CA ARG D 346 -18.10 42.57 -5.71
C ARG D 346 -18.88 41.41 -5.12
N LYS D 347 -19.95 41.69 -4.38
CA LYS D 347 -20.76 40.64 -3.79
C LYS D 347 -21.46 39.80 -4.84
N ILE D 348 -22.05 40.45 -5.86
CA ILE D 348 -22.79 39.72 -6.87
C ILE D 348 -21.85 38.93 -7.78
N LYS D 349 -20.58 39.34 -7.86
CA LYS D 349 -19.66 38.68 -8.78
C LYS D 349 -18.95 37.53 -8.11
N ASN D 350 -18.44 37.75 -6.90
CA ASN D 350 -17.70 36.70 -6.19
C ASN D 350 -18.57 35.53 -5.78
N GLN D 351 -19.88 35.70 -5.78
CA GLN D 351 -20.81 34.73 -5.23
C GLN D 351 -21.72 34.19 -6.33
N SER D 352 -22.11 32.93 -6.20
CA SER D 352 -22.81 32.22 -7.26
C SER D 352 -24.28 32.66 -7.34
N VAL D 353 -25.04 31.95 -8.15
CA VAL D 353 -26.42 32.32 -8.46
C VAL D 353 -27.42 31.54 -7.61
N PHE D 354 -27.31 30.21 -7.60
CA PHE D 354 -28.31 29.37 -6.94
C PHE D 354 -28.38 29.66 -5.45
N ASP D 355 -27.23 29.73 -4.78
CA ASP D 355 -27.22 30.00 -3.36
C ASP D 355 -27.68 31.43 -3.06
N LEU D 356 -27.48 32.36 -3.99
CA LEU D 356 -28.05 33.69 -3.81
C LEU D 356 -29.57 33.62 -3.75
N SER D 357 -30.17 32.86 -4.66
CA SER D 357 -31.62 32.67 -4.60
C SER D 357 -32.01 31.84 -3.38
N ARG D 358 -31.05 31.14 -2.78
CA ARG D 358 -31.35 30.41 -1.55
C ARG D 358 -31.43 31.35 -0.35
N GLU D 359 -30.36 32.10 -0.08
CA GLU D 359 -30.42 33.05 1.04
C GLU D 359 -31.41 34.18 0.80
N CYS D 360 -31.79 34.44 -0.45
CA CYS D 360 -32.78 35.48 -0.71
C CYS D 360 -34.14 35.08 -0.17
N LEU D 361 -34.43 33.78 -0.11
CA LEU D 361 -35.71 33.28 0.36
C LEU D 361 -35.63 32.64 1.74
N GLY D 362 -34.45 32.65 2.37
CA GLY D 362 -34.31 32.13 3.73
C GLY D 362 -34.58 30.65 3.90
N TYR D 363 -33.98 29.84 3.03
CA TYR D 363 -34.17 28.40 2.98
C TYR D 363 -33.01 27.68 3.67
N PRO D 364 -33.27 26.56 4.35
CA PRO D 364 -32.17 25.82 4.98
C PRO D 364 -31.40 25.00 3.95
N GLU D 365 -30.10 24.87 4.19
CA GLU D 365 -29.22 24.28 3.18
C GLU D 365 -29.51 22.80 2.95
N ALA D 366 -29.58 22.02 4.03
CA ALA D 366 -29.66 20.57 3.89
C ALA D 366 -31.00 20.15 3.30
N ASP D 367 -32.10 20.67 3.84
CA ASP D 367 -33.43 20.29 3.35
C ASP D 367 -33.60 20.71 1.90
N PHE D 368 -33.20 21.94 1.56
CA PHE D 368 -33.35 22.40 0.20
C PHE D 368 -32.48 21.62 -0.78
N ILE D 369 -31.24 21.27 -0.38
CA ILE D 369 -30.38 20.55 -1.31
C ILE D 369 -30.88 19.12 -1.52
N THR D 370 -31.31 18.45 -0.44
CA THR D 370 -31.85 17.10 -0.60
C THR D 370 -33.21 17.11 -1.28
N LEU D 371 -33.88 18.26 -1.32
CA LEU D 371 -35.10 18.38 -2.10
C LEU D 371 -34.78 18.57 -3.58
N VAL D 372 -33.92 19.54 -3.90
CA VAL D 372 -33.55 19.81 -5.29
C VAL D 372 -32.88 18.60 -5.95
N ASN D 373 -32.20 17.76 -5.17
CA ASN D 373 -31.58 16.57 -5.73
C ASN D 373 -32.59 15.44 -6.00
N ASN D 374 -33.89 15.74 -6.02
CA ASN D 374 -34.91 14.72 -6.17
C ASN D 374 -35.90 14.95 -7.31
N MET D 375 -35.81 16.07 -8.03
CA MET D 375 -36.72 16.35 -9.13
C MET D 375 -36.00 16.26 -10.47
N ARG D 376 -36.77 16.54 -11.52
CA ARG D 376 -36.24 16.79 -12.85
C ARG D 376 -36.68 18.17 -13.30
N PHE D 377 -35.77 18.88 -13.95
CA PHE D 377 -35.99 20.27 -14.34
C PHE D 377 -35.85 20.41 -15.85
N LYS D 378 -36.86 20.97 -16.48
CA LYS D 378 -36.81 21.31 -17.90
C LYS D 378 -36.53 22.79 -18.02
N ILE D 379 -35.43 23.11 -18.71
CA ILE D 379 -34.89 24.46 -18.79
C ILE D 379 -34.67 24.83 -20.24
N GLU D 380 -34.42 26.11 -20.47
CA GLU D 380 -34.16 26.63 -21.82
C GLU D 380 -33.53 28.01 -21.71
N ASN D 381 -32.37 28.18 -22.35
CA ASN D 381 -31.69 29.47 -22.43
C ASN D 381 -31.40 30.04 -21.04
N CYS D 382 -30.79 29.21 -20.20
CA CYS D 382 -30.39 29.58 -18.83
C CYS D 382 -31.59 29.96 -17.98
N LYS D 383 -32.77 29.48 -18.38
CA LYS D 383 -34.01 29.79 -17.69
C LYS D 383 -34.75 28.50 -17.39
N VAL D 384 -35.12 28.31 -16.13
CA VAL D 384 -35.94 27.16 -15.76
C VAL D 384 -37.39 27.46 -16.08
N VAL D 385 -38.07 26.54 -16.75
CA VAL D 385 -39.45 26.72 -17.16
C VAL D 385 -40.37 25.67 -16.53
N ASN D 386 -39.92 24.43 -16.38
CA ASN D 386 -40.77 23.40 -15.83
C ASN D 386 -40.00 22.53 -14.85
N PHE D 387 -40.73 21.91 -13.92
CA PHE D 387 -40.13 20.97 -12.99
C PHE D 387 -41.16 19.91 -12.62
N ASN D 388 -40.67 18.72 -12.29
CA ASN D 388 -41.56 17.65 -11.86
C ASN D 388 -40.85 16.80 -10.81
N ILE D 389 -41.63 16.32 -9.85
CA ILE D 389 -41.11 15.55 -8.73
C ILE D 389 -41.09 14.08 -9.10
N GLU D 390 -40.16 13.33 -8.48
CA GLU D 390 -40.02 11.91 -8.74
C GLU D 390 -40.29 11.06 -7.52
N ASN D 391 -39.67 11.36 -6.39
CA ASN D 391 -39.77 10.54 -5.18
C ASN D 391 -40.74 11.19 -4.22
N THR D 392 -41.53 10.35 -3.53
CA THR D 392 -42.52 10.84 -2.58
C THR D 392 -42.03 10.76 -1.14
N ASN D 393 -41.08 9.85 -0.84
CA ASN D 393 -40.63 9.67 0.53
C ASN D 393 -39.97 10.92 1.09
N CYS D 394 -39.26 11.68 0.24
CA CYS D 394 -38.67 12.94 0.69
C CYS D 394 -39.73 13.91 1.21
N LEU D 395 -40.96 13.81 0.70
CA LEU D 395 -42.07 14.65 1.16
C LEU D 395 -42.60 14.25 2.52
N ASN D 396 -42.05 13.21 3.16
CA ASN D 396 -42.54 12.82 4.48
C ASN D 396 -42.38 13.94 5.49
N ASN D 397 -41.36 14.78 5.31
CA ASN D 397 -41.24 15.98 6.12
C ASN D 397 -42.16 17.07 5.57
N PRO D 398 -43.09 17.60 6.36
CA PRO D 398 -43.97 18.66 5.84
C PRO D 398 -43.22 19.91 5.41
N SER D 399 -42.04 20.17 5.99
CA SER D 399 -41.24 21.30 5.54
C SER D 399 -40.82 21.11 4.09
N ILE D 400 -40.50 19.87 3.71
CA ILE D 400 -40.22 19.56 2.31
C ILE D 400 -41.44 19.89 1.44
N GLU D 401 -42.64 19.55 1.92
CA GLU D 401 -43.85 19.87 1.17
C GLU D 401 -44.02 21.38 1.02
N THR D 402 -43.76 22.14 2.08
CA THR D 402 -43.90 23.59 1.99
C THR D 402 -42.89 24.19 1.02
N ILE D 403 -41.65 23.70 1.05
CA ILE D 403 -40.65 24.19 0.10
C ILE D 403 -41.04 23.83 -1.33
N TYR D 404 -41.57 22.63 -1.53
CA TYR D 404 -42.03 22.26 -2.87
C TYR D 404 -43.19 23.15 -3.31
N GLY D 405 -44.05 23.54 -2.37
CA GLY D 405 -45.13 24.45 -2.71
C GLY D 405 -44.66 25.83 -3.08
N ASN D 406 -43.65 26.33 -2.36
CA ASN D 406 -43.11 27.67 -2.62
C ASN D 406 -42.08 27.66 -3.75
N PHE D 407 -41.77 26.48 -4.29
CA PHE D 407 -40.89 26.41 -5.45
C PHE D 407 -41.42 27.19 -6.64
N ASN D 408 -42.73 27.43 -6.72
CA ASN D 408 -43.27 28.26 -7.79
C ASN D 408 -42.73 29.69 -7.70
N GLN D 409 -42.64 30.24 -6.49
CA GLN D 409 -42.01 31.55 -6.32
C GLN D 409 -40.50 31.44 -6.51
N PHE D 410 -39.91 30.34 -6.04
CA PHE D 410 -38.46 30.17 -6.18
C PHE D 410 -38.03 30.18 -7.64
N VAL D 411 -38.84 29.58 -8.52
CA VAL D 411 -38.52 29.55 -9.94
C VAL D 411 -38.47 30.96 -10.51
N SER D 412 -39.44 31.80 -10.17
CA SER D 412 -39.45 33.18 -10.64
C SER D 412 -38.26 33.95 -10.07
N ILE D 413 -37.91 33.69 -8.81
CA ILE D 413 -36.76 34.37 -8.22
C ILE D 413 -35.48 33.99 -8.95
N PHE D 414 -35.32 32.70 -9.24
CA PHE D 414 -34.15 32.25 -10.00
C PHE D 414 -34.12 32.88 -11.38
N ASN D 415 -35.27 32.93 -12.05
CA ASN D 415 -35.32 33.50 -13.39
C ASN D 415 -34.94 34.97 -13.38
N THR D 416 -35.44 35.73 -12.39
CA THR D 416 -35.16 37.17 -12.38
C THR D 416 -33.72 37.45 -11.97
N VAL D 417 -33.14 36.63 -11.08
CA VAL D 417 -31.75 36.86 -10.73
C VAL D 417 -30.84 36.48 -11.90
N THR D 418 -31.21 35.46 -12.68
CA THR D 418 -30.46 35.19 -13.90
C THR D 418 -30.61 36.33 -14.89
N ASP D 419 -31.82 36.90 -14.99
CA ASP D 419 -32.03 38.07 -15.85
C ASP D 419 -31.10 39.20 -15.47
N VAL D 420 -31.04 39.56 -14.18
CA VAL D 420 -30.22 40.69 -13.77
C VAL D 420 -28.74 40.36 -13.93
N LYS D 421 -28.33 39.12 -13.67
CA LYS D 421 -26.94 38.73 -13.85
C LYS D 421 -26.52 38.86 -15.32
N LYS D 422 -27.36 38.37 -16.24
CA LYS D 422 -27.04 38.49 -17.66
C LYS D 422 -27.07 39.95 -18.10
N ARG D 423 -28.02 40.74 -17.61
CA ARG D 423 -28.15 42.13 -18.03
C ARG D 423 -26.96 42.97 -17.57
N LEU D 424 -26.49 42.74 -16.35
CA LEU D 424 -25.42 43.59 -15.81
C LEU D 424 -24.13 43.39 -16.60
N PHE D 425 -23.71 42.13 -16.79
CA PHE D 425 -22.56 41.83 -17.64
C PHE D 425 -22.99 40.93 -18.79
N MET E 1 15.75 -11.20 40.52
CA MET E 1 16.87 -11.57 41.38
C MET E 1 17.21 -13.05 41.23
N ASN E 2 16.56 -13.70 40.27
CA ASN E 2 16.80 -15.12 40.01
C ASN E 2 18.05 -15.28 39.14
N SER E 3 18.35 -16.52 38.77
CA SER E 3 19.54 -16.81 37.98
C SER E 3 19.29 -18.03 37.10
N VAL E 4 20.06 -18.10 36.01
CA VAL E 4 20.00 -19.20 35.05
C VAL E 4 21.42 -19.71 34.81
N THR E 5 21.53 -21.02 34.63
CA THR E 5 22.81 -21.68 34.39
C THR E 5 23.04 -21.85 32.90
N ILE E 6 24.29 -21.71 32.46
CA ILE E 6 24.66 -21.82 31.06
C ILE E 6 25.75 -22.87 30.90
N SER E 7 25.75 -23.50 29.72
CA SER E 7 26.76 -24.52 29.44
C SER E 7 28.16 -23.91 29.36
N HIS E 8 28.30 -22.75 28.72
CA HIS E 8 29.59 -22.11 28.54
C HIS E 8 29.68 -20.87 29.44
N ALA E 9 30.80 -20.17 29.34
CA ALA E 9 31.07 -19.03 30.20
C ALA E 9 30.05 -17.92 29.95
N PRO E 10 29.67 -17.17 31.00
CA PRO E 10 30.17 -17.24 32.38
C PRO E 10 29.46 -18.26 33.27
N TYR E 11 28.77 -19.22 32.65
CA TYR E 11 28.14 -20.36 33.32
C TYR E 11 26.92 -19.97 34.14
N THR E 12 26.65 -18.68 34.27
CA THR E 12 25.58 -18.20 35.15
C THR E 12 25.21 -16.76 34.83
N ILE E 13 23.92 -16.50 34.63
CA ILE E 13 23.41 -15.16 34.41
C ILE E 13 22.43 -14.84 35.53
N THR E 14 22.71 -13.76 36.26
CA THR E 14 21.79 -13.19 37.23
C THR E 14 21.12 -11.98 36.59
N TYR E 15 19.87 -11.73 36.96
CA TYR E 15 19.06 -10.81 36.16
C TYR E 15 17.96 -10.21 37.03
N HIS E 16 17.17 -9.33 36.41
CA HIS E 16 15.99 -8.73 37.02
C HIS E 16 14.75 -9.29 36.34
N ASP E 17 13.62 -9.22 37.06
CA ASP E 17 12.39 -9.86 36.58
C ASP E 17 11.86 -9.25 35.29
N ASP E 18 12.23 -8.00 34.98
CA ASP E 18 11.65 -7.31 33.83
C ASP E 18 12.04 -7.95 32.50
N TRP E 19 13.13 -8.70 32.46
CA TRP E 19 13.53 -9.43 31.25
C TRP E 19 12.98 -10.84 31.21
N GLU E 20 12.18 -11.23 32.21
CA GLU E 20 11.76 -12.63 32.37
C GLU E 20 11.06 -13.21 31.14
N PRO E 21 10.03 -12.60 30.56
CA PRO E 21 9.19 -13.33 29.60
C PRO E 21 9.87 -13.77 28.32
N VAL E 22 11.04 -13.23 27.97
CA VAL E 22 11.65 -13.60 26.69
C VAL E 22 13.06 -14.13 26.90
N MET E 23 13.72 -13.71 27.99
CA MET E 23 15.13 -14.05 28.18
C MET E 23 15.34 -15.55 28.23
N SER E 24 14.30 -16.31 28.61
CA SER E 24 14.40 -17.76 28.62
C SER E 24 14.88 -18.28 27.28
N GLN E 25 14.23 -17.86 26.19
CA GLN E 25 14.61 -18.38 24.88
C GLN E 25 16.06 -18.01 24.57
N LEU E 26 16.54 -16.92 25.18
CA LEU E 26 17.91 -16.46 25.05
C LEU E 26 18.92 -17.60 25.19
N VAL E 27 18.67 -18.57 26.09
CA VAL E 27 19.71 -19.58 26.33
C VAL E 27 19.94 -20.40 25.07
N GLU E 28 18.87 -20.78 24.36
CA GLU E 28 19.08 -21.55 23.14
C GLU E 28 19.38 -20.67 21.94
N PHE E 29 19.64 -19.38 22.16
CA PHE E 29 20.39 -18.57 21.21
C PHE E 29 21.79 -18.21 21.69
N TYR E 30 22.17 -18.59 22.92
CA TYR E 30 23.52 -18.31 23.38
C TYR E 30 24.43 -19.52 23.32
N ASN E 31 23.90 -20.73 23.54
CA ASN E 31 24.74 -21.91 23.52
C ASN E 31 25.25 -22.24 22.12
N GLU E 32 24.57 -21.75 21.07
CA GLU E 32 24.99 -22.00 19.71
C GLU E 32 26.11 -21.08 19.25
N VAL E 33 26.46 -20.06 20.04
CA VAL E 33 27.53 -19.13 19.66
C VAL E 33 28.66 -19.07 20.66
N ALA E 34 28.44 -19.40 21.94
CA ALA E 34 29.44 -19.12 22.97
C ALA E 34 30.71 -19.92 22.76
N SER E 35 30.64 -21.01 22.00
CA SER E 35 31.84 -21.78 21.70
C SER E 35 32.84 -20.97 20.89
N TRP E 36 32.36 -20.17 19.93
CA TRP E 36 33.24 -19.40 19.07
C TRP E 36 33.58 -18.03 19.64
N LEU E 37 32.74 -17.48 20.52
CA LEU E 37 33.07 -16.21 21.18
C LEU E 37 34.32 -16.35 22.04
N LEU E 38 34.42 -17.43 22.78
CA LEU E 38 35.51 -17.60 23.75
C LEU E 38 36.84 -17.97 23.10
N ARG E 39 36.85 -18.22 21.78
CA ARG E 39 38.10 -18.54 21.10
C ARG E 39 39.07 -17.37 21.17
N ASP E 40 38.58 -16.15 20.97
CA ASP E 40 39.40 -14.95 21.02
C ASP E 40 39.07 -14.13 22.27
N GLU E 41 40.07 -13.42 22.77
CA GLU E 41 39.87 -12.56 23.92
C GLU E 41 38.92 -11.42 23.57
N THR E 42 38.05 -11.08 24.51
CA THR E 42 36.99 -10.11 24.28
C THR E 42 37.02 -9.01 25.33
N SER E 43 36.45 -7.87 24.99
CA SER E 43 36.28 -6.76 25.91
C SER E 43 34.80 -6.50 26.09
N PRO E 44 34.23 -6.64 27.30
CA PRO E 44 34.93 -6.95 28.54
C PRO E 44 35.18 -8.43 28.78
N ILE E 45 35.43 -8.78 30.04
CA ILE E 45 35.73 -10.14 30.45
C ILE E 45 34.45 -10.97 30.36
N PRO E 46 34.54 -12.31 30.35
CA PRO E 46 33.31 -13.12 30.25
C PRO E 46 32.34 -12.91 31.40
N ASP E 47 32.77 -12.34 32.52
CA ASP E 47 31.88 -12.21 33.67
C ASP E 47 31.03 -10.94 33.64
N LYS E 48 31.17 -10.10 32.61
CA LYS E 48 30.48 -8.82 32.58
C LYS E 48 29.76 -8.52 31.26
N PHE E 49 29.40 -9.54 30.48
CA PHE E 49 28.60 -9.25 29.30
C PHE E 49 27.17 -8.89 29.67
N PHE E 50 26.62 -9.52 30.71
CA PHE E 50 25.20 -9.41 31.03
C PHE E 50 24.98 -8.69 32.35
N ILE E 51 25.82 -7.70 32.67
CA ILE E 51 25.60 -6.92 33.87
C ILE E 51 24.57 -5.83 33.62
N GLN E 52 24.34 -5.48 32.36
CA GLN E 52 23.31 -4.50 32.03
C GLN E 52 21.90 -5.03 32.28
N LEU E 53 21.74 -6.35 32.41
CA LEU E 53 20.44 -6.94 32.67
C LEU E 53 19.90 -6.62 34.06
N LYS E 54 20.73 -6.06 34.95
CA LYS E 54 20.29 -5.70 36.29
C LYS E 54 19.21 -4.63 36.25
N GLN E 55 19.37 -3.64 35.39
CA GLN E 55 18.48 -2.47 35.41
C GLN E 55 17.06 -2.86 35.04
N PRO E 56 16.06 -2.46 35.81
CA PRO E 56 14.68 -2.81 35.49
C PRO E 56 14.17 -2.04 34.27
N LEU E 57 12.96 -2.40 33.84
CA LEU E 57 12.36 -1.81 32.65
C LEU E 57 10.97 -1.22 32.91
N ARG E 58 10.52 -1.16 34.15
CA ARG E 58 9.20 -0.62 34.45
C ARG E 58 9.20 0.89 34.68
N ASN E 59 10.38 1.52 34.70
CA ASN E 59 10.48 2.96 34.92
C ASN E 59 11.45 3.63 33.96
N LYS E 60 11.40 3.25 32.69
CA LYS E 60 12.27 3.82 31.67
C LYS E 60 11.42 4.32 30.50
N ARG E 61 11.80 5.46 29.94
CA ARG E 61 10.94 6.15 28.98
C ARG E 61 11.58 6.30 27.61
N VAL E 62 12.85 6.73 27.57
CA VAL E 62 13.56 6.93 26.32
C VAL E 62 14.86 6.14 26.36
N CYS E 63 15.25 5.58 25.22
CA CYS E 63 16.42 4.71 25.12
C CYS E 63 17.51 5.37 24.27
N VAL E 64 18.74 5.24 24.74
CA VAL E 64 19.91 5.61 23.95
C VAL E 64 20.69 4.32 23.66
N CYS E 65 21.03 4.11 22.41
CA CYS E 65 21.62 2.85 21.96
C CYS E 65 22.89 3.14 21.15
N GLY E 66 23.93 2.37 21.41
CA GLY E 66 25.15 2.46 20.62
C GLY E 66 25.27 1.32 19.64
N ILE E 67 26.40 1.31 18.93
CA ILE E 67 26.67 0.27 17.94
C ILE E 67 27.68 -0.76 18.44
N ASP E 68 28.65 -0.37 19.26
CA ASP E 68 29.69 -1.29 19.67
C ASP E 68 30.38 -0.72 20.90
N PRO E 69 30.77 -1.55 21.86
CA PRO E 69 31.47 -1.03 23.05
C PRO E 69 32.86 -0.49 22.70
N TYR E 70 33.52 0.14 23.66
CA TYR E 70 34.88 0.59 23.45
C TYR E 70 35.79 -0.62 23.25
N PRO E 71 36.71 -0.57 22.29
CA PRO E 71 37.63 -1.71 22.11
C PRO E 71 38.49 -1.99 23.33
N LYS E 72 38.80 -0.97 24.12
CA LYS E 72 39.65 -1.14 25.29
C LYS E 72 38.92 -0.66 26.54
N ASP E 73 39.13 -1.39 27.63
CA ASP E 73 38.70 -1.02 28.98
C ASP E 73 37.19 -0.88 29.10
N GLY E 74 36.41 -1.65 28.35
CA GLY E 74 34.97 -1.65 28.54
C GLY E 74 34.60 -2.37 29.83
N THR E 75 33.61 -1.82 30.53
CA THR E 75 33.15 -2.36 31.80
C THR E 75 31.68 -2.75 31.75
N GLY E 76 31.26 -3.35 30.65
CA GLY E 76 29.90 -3.82 30.53
C GLY E 76 28.88 -2.72 30.28
N VAL E 77 28.69 -1.86 31.27
CA VAL E 77 27.75 -0.74 31.12
C VAL E 77 28.27 0.21 30.04
N PRO E 78 27.42 0.63 29.10
CA PRO E 78 27.91 1.40 27.96
C PRO E 78 28.00 2.90 28.24
N PHE E 79 28.70 3.59 27.35
CA PHE E 79 28.77 5.05 27.34
C PHE E 79 29.27 5.61 28.67
N GLU E 80 30.28 4.95 29.23
CA GLU E 80 30.83 5.39 30.51
C GLU E 80 32.34 5.21 30.49
N SER E 81 33.00 5.91 31.41
CA SER E 81 34.44 5.80 31.59
C SER E 81 34.81 6.14 33.03
N PRO E 82 35.32 5.18 33.80
CA PRO E 82 35.76 5.50 35.17
C PRO E 82 36.86 6.54 35.22
N ASN E 83 37.76 6.54 34.25
CA ASN E 83 38.82 7.53 34.17
C ASN E 83 38.49 8.72 33.28
N PHE E 84 37.36 8.66 32.56
CA PHE E 84 36.90 9.75 31.70
C PHE E 84 37.98 10.14 30.69
N THR E 85 38.28 9.19 29.80
CA THR E 85 39.33 9.37 28.81
C THR E 85 38.76 9.32 27.39
N LYS E 86 37.69 8.56 27.21
CA LYS E 86 37.15 8.33 25.88
C LYS E 86 36.61 9.61 25.25
N LYS E 87 36.64 9.66 23.92
CA LYS E 87 36.25 10.86 23.20
C LYS E 87 34.73 11.04 23.19
N SER E 88 33.99 9.95 22.99
CA SER E 88 32.54 10.04 22.86
C SER E 88 31.88 10.53 24.14
N ILE E 89 32.35 10.03 25.29
CA ILE E 89 31.78 10.47 26.55
C ILE E 89 32.10 11.94 26.80
N LYS E 90 33.30 12.38 26.40
CA LYS E 90 33.64 13.79 26.49
C LYS E 90 32.73 14.64 25.62
N GLU E 91 32.45 14.18 24.40
CA GLU E 91 31.60 14.94 23.49
C GLU E 91 30.18 15.05 24.02
N ILE E 92 29.62 13.94 24.52
CA ILE E 92 28.25 14.01 25.04
C ILE E 92 28.20 14.83 26.32
N ALA E 93 29.24 14.75 27.16
CA ALA E 93 29.27 15.58 28.37
C ALA E 93 29.34 17.06 28.01
N SER E 94 30.14 17.41 27.01
CA SER E 94 30.22 18.81 26.57
C SER E 94 28.89 19.27 26.01
N SER E 95 28.22 18.43 25.23
CA SER E 95 26.92 18.80 24.67
C SER E 95 25.89 19.01 25.78
N ILE E 96 25.88 18.14 26.79
CA ILE E 96 24.93 18.29 27.89
C ILE E 96 25.25 19.53 28.71
N SER E 97 26.54 19.82 28.90
CA SER E 97 26.94 21.02 29.62
C SER E 97 26.50 22.28 28.87
N ARG E 98 26.64 22.29 27.54
CA ARG E 98 26.23 23.45 26.76
C ARG E 98 24.71 23.59 26.79
N LEU E 99 23.98 22.48 26.73
CA LEU E 99 22.52 22.57 26.73
C LEU E 99 21.97 23.03 28.07
N THR E 100 22.44 22.41 29.16
CA THR E 100 21.92 22.76 30.49
C THR E 100 22.50 24.08 31.00
N GLY E 101 23.74 24.40 30.61
CA GLY E 101 24.39 25.61 31.05
C GLY E 101 25.42 25.41 32.15
N VAL E 102 25.44 24.24 32.78
CA VAL E 102 26.45 23.96 33.81
C VAL E 102 27.82 23.84 33.15
N ILE E 103 28.80 24.55 33.70
CA ILE E 103 30.11 24.67 33.06
C ILE E 103 31.15 23.72 33.64
N ASP E 104 30.94 23.17 34.82
CA ASP E 104 31.91 22.28 35.46
C ASP E 104 31.39 20.85 35.46
N TYR E 105 32.27 19.91 35.12
CA TYR E 105 31.94 18.49 35.12
C TYR E 105 33.22 17.68 35.03
N LYS E 106 33.26 16.56 35.76
CA LYS E 106 34.36 15.63 35.68
C LYS E 106 33.93 14.19 35.44
N GLY E 107 32.66 13.86 35.66
CA GLY E 107 32.15 12.54 35.34
C GLY E 107 30.71 12.66 34.87
N TYR E 108 30.32 11.75 33.98
CA TYR E 108 28.98 11.80 33.40
C TYR E 108 28.59 10.39 33.01
N ASN E 109 27.72 9.77 33.80
CA ASN E 109 27.25 8.41 33.56
C ASN E 109 25.79 8.47 33.12
N LEU E 110 25.51 7.86 31.97
CA LEU E 110 24.13 7.82 31.48
C LEU E 110 23.26 6.89 32.30
N ASN E 111 23.86 6.06 33.17
CA ASN E 111 23.09 5.15 34.00
C ASN E 111 22.43 5.84 35.18
N ILE E 112 22.94 7.01 35.58
CA ILE E 112 22.40 7.69 36.76
C ILE E 112 21.01 8.25 36.47
N ILE E 113 20.82 8.83 35.28
CA ILE E 113 19.56 9.49 34.96
C ILE E 113 18.44 8.47 34.90
N ASP E 114 17.30 8.80 35.50
CA ASP E 114 16.15 7.93 35.45
C ASP E 114 15.40 8.11 34.13
N GLY E 115 14.75 7.04 33.70
CA GLY E 115 14.01 7.05 32.45
C GLY E 115 14.83 6.78 31.21
N VAL E 116 16.15 6.59 31.34
CA VAL E 116 17.01 6.33 30.20
C VAL E 116 17.76 5.02 30.44
N ILE E 117 18.15 4.39 29.34
CA ILE E 117 18.91 3.14 29.39
C ILE E 117 20.10 3.24 28.44
N PRO E 118 21.32 3.17 28.95
CA PRO E 118 22.48 3.14 28.04
C PRO E 118 22.63 1.75 27.44
N TRP E 119 22.55 1.65 26.13
CA TRP E 119 22.48 0.36 25.45
C TRP E 119 23.46 0.33 24.29
N ASN E 120 23.88 -0.89 23.95
CA ASN E 120 24.69 -1.16 22.78
C ASN E 120 24.05 -2.30 21.98
N TYR E 121 24.15 -2.23 20.66
CA TYR E 121 23.52 -3.24 19.83
C TYR E 121 24.30 -4.56 19.87
N TYR E 122 25.62 -4.48 19.73
CA TYR E 122 26.47 -5.65 19.87
C TYR E 122 27.10 -5.64 21.25
N LEU E 123 26.99 -6.77 21.95
CA LEU E 123 27.40 -6.85 23.34
C LEU E 123 28.87 -7.24 23.51
N SER E 124 29.62 -7.38 22.42
CA SER E 124 31.01 -7.80 22.52
C SER E 124 31.79 -7.20 21.36
N CYS E 125 33.11 -7.13 21.54
CA CYS E 125 34.03 -6.74 20.49
C CYS E 125 35.45 -7.04 20.94
N LYS E 126 36.24 -7.63 20.05
CA LYS E 126 37.64 -7.85 20.32
C LYS E 126 38.40 -6.53 20.25
N LEU E 127 39.39 -6.37 21.13
CA LEU E 127 40.16 -5.14 21.16
C LEU E 127 40.95 -4.97 19.86
N GLY E 128 41.11 -3.72 19.44
CA GLY E 128 41.77 -3.41 18.19
C GLY E 128 40.88 -3.41 16.97
N GLU E 129 39.60 -3.75 17.12
CA GLU E 129 38.66 -3.79 16.02
C GLU E 129 37.34 -3.15 16.46
N THR E 130 36.42 -3.01 15.51
CA THR E 130 35.10 -2.46 15.76
C THR E 130 34.07 -3.29 15.01
N LYS E 131 32.92 -3.51 15.65
CA LYS E 131 31.79 -4.30 15.13
C LYS E 131 32.26 -5.56 14.41
N SER E 132 33.15 -6.29 15.08
CA SER E 132 33.70 -7.53 14.54
C SER E 132 32.95 -8.77 15.04
N HIS E 133 31.85 -8.58 15.78
CA HIS E 133 31.10 -9.69 16.35
C HIS E 133 29.63 -9.61 15.96
N ALA E 134 29.34 -9.08 14.78
CA ALA E 134 27.95 -8.89 14.36
C ALA E 134 27.24 -10.22 14.17
N ILE E 135 27.89 -11.16 13.49
CA ILE E 135 27.26 -12.45 13.22
C ILE E 135 27.05 -13.25 14.49
N TYR E 136 27.89 -13.05 15.51
CA TYR E 136 27.75 -13.78 16.76
C TYR E 136 26.59 -13.26 17.59
N TRP E 137 26.24 -11.98 17.42
CA TRP E 137 25.26 -11.33 18.29
C TRP E 137 24.02 -10.86 17.56
N ASP E 138 23.82 -11.23 16.29
CA ASP E 138 22.71 -10.71 15.51
C ASP E 138 21.35 -11.04 16.12
N LYS E 139 21.10 -12.33 16.40
CA LYS E 139 19.80 -12.72 16.91
C LYS E 139 19.60 -12.25 18.35
N ILE E 140 20.67 -12.19 19.14
CA ILE E 140 20.57 -11.67 20.49
C ILE E 140 20.17 -10.21 20.45
N SER E 141 20.76 -9.44 19.52
CA SER E 141 20.39 -8.04 19.35
C SER E 141 18.94 -7.91 18.92
N LYS E 142 18.51 -8.73 17.96
CA LYS E 142 17.09 -8.84 17.63
C LYS E 142 16.23 -8.92 18.90
N LEU E 143 16.45 -9.97 19.69
CA LEU E 143 15.59 -10.25 20.83
C LEU E 143 15.63 -9.11 21.84
N LEU E 144 16.83 -8.63 22.18
CA LEU E 144 16.96 -7.64 23.24
C LEU E 144 16.38 -6.30 22.81
N LEU E 145 16.64 -5.86 21.57
CA LEU E 145 16.09 -4.60 21.12
C LEU E 145 14.57 -4.66 21.02
N GLN E 146 14.03 -5.78 20.54
CA GLN E 146 12.57 -5.90 20.47
C GLN E 146 11.95 -5.92 21.85
N HIS E 147 12.62 -6.57 22.83
CA HIS E 147 12.08 -6.59 24.18
C HIS E 147 12.15 -5.21 24.82
N ILE E 148 13.21 -4.46 24.55
CA ILE E 148 13.32 -3.08 25.05
C ILE E 148 12.21 -2.23 24.46
N THR E 149 11.94 -2.39 23.16
CA THR E 149 10.93 -1.61 22.47
C THR E 149 9.55 -1.76 23.10
N LYS E 150 9.26 -2.90 23.73
CA LYS E 150 7.96 -3.14 24.32
C LYS E 150 7.61 -2.16 25.44
N HIS E 151 8.61 -1.51 26.03
CA HIS E 151 8.37 -0.55 27.11
C HIS E 151 8.79 0.87 26.77
N VAL E 152 9.93 1.05 26.12
CA VAL E 152 10.46 2.38 25.84
C VAL E 152 9.55 3.09 24.85
N SER E 153 9.47 4.41 24.97
CA SER E 153 8.62 5.21 24.11
C SER E 153 9.38 5.79 22.92
N VAL E 154 10.57 6.37 23.14
CA VAL E 154 11.35 7.01 22.11
C VAL E 154 12.70 6.33 22.01
N LEU E 155 13.18 6.13 20.78
CA LEU E 155 14.45 5.48 20.52
C LEU E 155 15.41 6.46 19.87
N TYR E 156 16.63 6.54 20.40
CA TYR E 156 17.67 7.41 19.87
C TYR E 156 18.85 6.55 19.45
N CYS E 157 19.22 6.63 18.18
CA CYS E 157 20.29 5.82 17.61
C CYS E 157 21.47 6.71 17.25
N LEU E 158 22.67 6.30 17.68
CA LEU E 158 23.89 7.06 17.42
C LEU E 158 24.65 6.42 16.26
N GLY E 159 24.84 7.17 15.18
CA GLY E 159 25.54 6.66 14.03
C GLY E 159 24.77 6.84 12.74
N LYS E 160 25.48 7.04 11.63
CA LYS E 160 24.83 7.25 10.33
C LYS E 160 24.70 5.95 9.55
N THR E 161 25.83 5.32 9.23
CA THR E 161 25.80 4.10 8.42
C THR E 161 25.38 2.89 9.23
N ASP E 162 25.75 2.85 10.52
CA ASP E 162 25.44 1.69 11.35
C ASP E 162 23.93 1.52 11.54
N PHE E 163 23.22 2.62 11.70
CA PHE E 163 21.79 2.60 11.97
C PHE E 163 20.97 3.11 10.80
N SER E 164 21.36 2.78 9.57
CA SER E 164 20.67 3.30 8.39
C SER E 164 19.48 2.45 7.98
N ASN E 165 19.29 1.28 8.59
CA ASN E 165 18.21 0.37 8.23
C ASN E 165 17.44 -0.08 9.47
N ILE E 166 17.25 0.84 10.43
CA ILE E 166 16.51 0.50 11.64
C ILE E 166 15.01 0.40 11.37
N ARG E 167 14.54 0.92 10.23
CA ARG E 167 13.12 0.87 9.91
C ARG E 167 12.63 -0.57 9.82
N ALA E 168 13.41 -1.44 9.17
CA ALA E 168 13.07 -2.86 9.12
C ALA E 168 13.64 -3.65 10.30
N LYS E 169 14.42 -2.99 11.16
CA LYS E 169 15.06 -3.68 12.28
C LYS E 169 14.06 -4.22 13.28
N LEU E 170 13.01 -3.47 13.58
CA LEU E 170 12.00 -3.85 14.55
C LEU E 170 10.69 -4.21 13.83
N GLU E 171 9.73 -4.66 14.62
CA GLU E 171 8.41 -5.01 14.11
C GLU E 171 7.31 -4.09 14.59
N SER E 172 7.46 -3.51 15.79
CA SER E 172 6.47 -2.58 16.31
C SER E 172 6.88 -1.15 15.98
N PRO E 173 6.08 -0.41 15.20
CA PRO E 173 6.48 0.95 14.82
C PRO E 173 6.50 1.88 16.04
N VAL E 174 7.69 2.29 16.44
CA VAL E 174 7.88 3.25 17.52
C VAL E 174 8.76 4.38 17.00
N THR E 175 8.65 5.55 17.62
CA THR E 175 9.41 6.71 17.16
C THR E 175 10.90 6.49 17.38
N THR E 176 11.68 6.80 16.35
CA THR E 176 13.11 6.55 16.37
C THR E 176 13.82 7.64 15.59
N ILE E 177 14.76 8.31 16.25
CA ILE E 177 15.56 9.35 15.62
C ILE E 177 17.03 8.91 15.64
N VAL E 178 17.71 9.11 14.52
CA VAL E 178 19.10 8.70 14.36
C VAL E 178 19.99 9.91 14.59
N GLY E 179 21.06 9.71 15.35
CA GLY E 179 22.04 10.75 15.58
C GLY E 179 23.10 10.77 14.50
N TYR E 180 24.12 11.59 14.73
CA TYR E 180 25.23 11.73 13.81
C TYR E 180 26.43 10.93 14.31
N HIS E 181 27.37 10.70 13.39
CA HIS E 181 28.56 9.92 13.69
C HIS E 181 29.39 10.61 14.77
N PRO E 182 29.90 9.88 15.76
CA PRO E 182 30.71 10.53 16.81
C PRO E 182 32.01 11.12 16.31
N ALA E 183 32.50 10.69 15.15
CA ALA E 183 33.72 11.21 14.54
C ALA E 183 33.44 11.74 13.14
N ALA E 184 32.29 12.37 12.96
CA ALA E 184 31.90 12.90 11.66
C ALA E 184 32.78 14.08 11.28
N ARG E 185 33.08 14.18 9.98
CA ARG E 185 33.90 15.27 9.48
C ARG E 185 33.17 16.60 9.61
N ASP E 186 33.92 17.66 9.87
CA ASP E 186 33.42 19.01 10.05
C ASP E 186 32.79 19.25 11.42
N HIS E 187 32.96 18.31 12.36
CA HIS E 187 32.40 18.43 13.72
C HIS E 187 30.89 18.65 13.69
N GLN E 188 30.20 17.77 12.94
CA GLN E 188 28.75 17.86 12.87
C GLN E 188 28.10 17.52 14.21
N PHE E 189 28.81 16.77 15.06
CA PHE E 189 28.27 16.44 16.39
C PHE E 189 28.22 17.67 17.28
N GLU E 190 29.09 18.65 17.06
CA GLU E 190 29.06 19.87 17.86
C GLU E 190 27.77 20.64 17.66
N LYS E 191 27.30 20.72 16.41
CA LYS E 191 26.04 21.40 16.12
C LYS E 191 24.83 20.59 16.55
N ASP E 192 25.01 19.33 16.94
CA ASP E 192 23.89 18.49 17.33
C ASP E 192 23.33 18.93 18.68
N ARG E 193 22.01 19.10 18.73
CA ARG E 193 21.29 19.41 19.96
C ARG E 193 20.02 18.59 20.04
N SER E 194 20.12 17.29 19.74
CA SER E 194 18.94 16.44 19.59
C SER E 194 18.22 16.18 20.91
N PHE E 195 18.81 16.55 22.04
CA PHE E 195 18.21 16.20 23.34
C PHE E 195 16.89 16.93 23.56
N GLU E 196 16.80 18.22 23.21
CA GLU E 196 15.51 18.88 23.36
C GLU E 196 14.50 18.40 22.33
N ILE E 197 14.95 17.92 21.17
CA ILE E 197 14.02 17.25 20.26
C ILE E 197 13.46 15.99 20.91
N ILE E 198 14.32 15.22 21.58
CA ILE E 198 13.86 14.05 22.33
C ILE E 198 12.84 14.48 23.37
N ASN E 199 13.13 15.55 24.11
CA ASN E 199 12.24 16.00 25.17
C ASN E 199 10.88 16.42 24.61
N VAL E 200 10.89 17.18 23.51
CA VAL E 200 9.63 17.66 22.95
C VAL E 200 8.83 16.52 22.33
N LEU E 201 9.52 15.51 21.77
CA LEU E 201 8.81 14.32 21.34
C LEU E 201 8.17 13.61 22.52
N LEU E 202 8.88 13.56 23.66
CA LEU E 202 8.32 12.94 24.86
C LEU E 202 7.19 13.79 25.44
N GLU E 203 7.11 15.06 25.05
CA GLU E 203 5.98 15.89 25.46
C GLU E 203 4.68 15.40 24.84
N LEU E 204 4.71 15.01 23.56
CA LEU E 204 3.48 14.78 22.80
C LEU E 204 2.74 13.52 23.23
N ASP E 205 3.42 12.53 23.82
CA ASP E 205 2.73 11.34 24.33
C ASP E 205 2.41 11.45 25.81
N ASN E 206 2.49 12.65 26.39
CA ASN E 206 2.03 12.92 27.75
C ASN E 206 2.78 12.08 28.78
N LYS E 207 4.09 12.28 28.87
CA LYS E 207 4.93 11.58 29.83
C LYS E 207 5.88 12.57 30.49
N THR E 208 6.38 12.17 31.65
CA THR E 208 7.26 13.03 32.42
C THR E 208 8.63 13.15 31.74
N PRO E 209 9.11 14.38 31.53
CA PRO E 209 10.41 14.56 30.87
C PRO E 209 11.59 14.10 31.72
N ILE E 210 12.80 14.26 31.19
CA ILE E 210 14.02 13.82 31.86
C ILE E 210 14.94 15.03 32.01
N ASN E 211 15.62 15.12 33.14
CA ASN E 211 16.61 16.17 33.38
C ASN E 211 18.00 15.54 33.33
N TRP E 212 18.90 16.18 32.59
CA TRP E 212 20.22 15.60 32.38
C TRP E 212 21.23 16.06 33.42
N ALA E 213 20.97 17.17 34.10
CA ALA E 213 21.94 17.73 35.04
C ALA E 213 22.26 16.78 36.20
N GLN E 214 21.33 15.90 36.55
CA GLN E 214 21.59 14.95 37.63
C GLN E 214 22.62 13.91 37.22
N GLY E 215 22.83 13.72 35.91
CA GLY E 215 23.80 12.75 35.45
C GLY E 215 25.24 13.20 35.56
N PHE E 216 25.46 14.50 35.76
CA PHE E 216 26.81 15.02 35.92
C PHE E 216 27.40 14.60 37.26
N ILE E 217 28.70 14.37 37.27
CA ILE E 217 29.44 14.05 38.49
C ILE E 217 30.49 15.14 38.70
N TYR E 218 30.48 15.75 39.87
CA TYR E 218 31.40 16.85 40.16
C TYR E 218 32.52 16.38 41.07
#